data_3EJ8
#
_entry.id   3EJ8
#
_cell.length_a   89.883
_cell.length_b   150.710
_cell.length_c   191.047
_cell.angle_alpha   90.000
_cell.angle_beta   90.000
_cell.angle_gamma   90.000
#
_symmetry.space_group_name_H-M   'P 21 21 21'
#
loop_
_entity.id
_entity.type
_entity.pdbx_description
1 polymer 'Nitric oxide synthase, inducible'
2 non-polymer 'HEME C'
3 non-polymer 5,6,7,8-TETRAHYDROBIOPTERIN
4 non-polymer 'ZINC ION'
5 non-polymer IMIDAZOLE
6 water water
#
_entity_poly.entity_id   1
_entity_poly.type   'polypeptide(L)'
_entity_poly.pdbx_seq_one_letter_code
;PRHVRIKNWGSGMTFQDTLHHKAKGILTCRSKSCLGSIMTPKSLTRGPRDKPTPPDELLPQAIEFVNQYYGSFKEAKIEE
HLARVEAVTKEIETTGTYQLTGDELIFATKQAWRNAPRCIGRIQWSNLQVFDARSCSTAREMFEHICRHVRYSTNNGNIR
SAITVFPQRSDGKHDFRVWNAQLIRYAGYQMPDGSIRGDPANVEITQLCIDLGWKPKYGRFDVLPLVLQANGRDPELFEI
PPDLVLEVAMEHPKYEWFRELELKWYALPAVANMLLEVGGLEFPGCPFNGWYMGTEIGVRDFCDVQRYNILEEVGRRMGL
ETHKLASLWKDQAVVEINIAVLHSFQKQNVTIMDHHSAAESFMKYMQNEYRSRGGCPADWIWLVPPMSGSITPVFHQEML
NYVLSPFYYYQVEAWKTHVWQDEK
;
_entity_poly.pdbx_strand_id   A,B,C,D
#
loop_
_chem_comp.id
_chem_comp.type
_chem_comp.name
_chem_comp.formula
H4B non-polymer 5,6,7,8-TETRAHYDROBIOPTERIN 'C9 H15 N5 O3'
HEC non-polymer 'HEME C' 'C34 H34 Fe N4 O4'
IMD non-polymer IMIDAZOLE 'C3 H5 N2 1'
ZN non-polymer 'ZINC ION' 'Zn 2'
#
# COMPACT_ATOMS: atom_id res chain seq x y z
N ARG A 2 -31.11 50.87 11.31
CA ARG A 2 -32.13 50.29 12.25
C ARG A 2 -31.96 48.78 12.40
N HIS A 3 -32.60 48.01 11.52
CA HIS A 3 -32.52 46.55 11.56
C HIS A 3 -32.97 45.95 10.22
N VAL A 4 -32.40 44.81 9.85
CA VAL A 4 -32.79 44.17 8.60
C VAL A 4 -33.66 42.95 8.90
N ARG A 5 -34.74 42.82 8.15
CA ARG A 5 -35.68 41.74 8.32
C ARG A 5 -35.30 40.58 7.40
N ILE A 6 -35.48 39.36 7.88
CA ILE A 6 -35.19 38.18 7.09
C ILE A 6 -36.33 37.21 7.24
N LYS A 7 -36.69 36.55 6.13
CA LYS A 7 -37.81 35.64 6.11
C LYS A 7 -37.46 34.18 5.88
N ASN A 8 -38.43 33.32 6.14
CA ASN A 8 -38.32 31.88 5.93
C ASN A 8 -39.46 31.55 5.00
N TRP A 9 -39.11 31.24 3.75
CA TRP A 9 -40.12 30.95 2.74
C TRP A 9 -40.80 29.61 2.87
N GLY A 10 -40.32 28.79 3.80
CA GLY A 10 -40.92 27.50 4.00
C GLY A 10 -41.91 27.58 5.14
N SER A 11 -41.53 28.25 6.21
CA SER A 11 -42.39 28.40 7.39
C SER A 11 -43.16 29.71 7.42
N GLY A 12 -42.60 30.74 6.78
CA GLY A 12 -43.24 32.05 6.77
C GLY A 12 -42.83 32.87 7.97
N MET A 13 -41.97 32.30 8.82
CA MET A 13 -41.53 33.00 10.01
C MET A 13 -40.58 34.13 9.63
N THR A 14 -40.54 35.16 10.47
CA THR A 14 -39.70 36.30 10.20
C THR A 14 -38.93 36.74 11.44
N PHE A 15 -37.77 37.35 11.22
CA PHE A 15 -36.90 37.83 12.29
C PHE A 15 -36.39 39.23 11.95
N GLN A 16 -36.12 40.00 12.99
CA GLN A 16 -35.55 41.34 12.83
C GLN A 16 -34.18 41.32 13.50
N ASP A 17 -33.13 41.35 12.68
CA ASP A 17 -31.75 41.29 13.17
C ASP A 17 -31.12 42.65 13.46
N THR A 18 -30.83 42.91 14.73
CA THR A 18 -30.19 44.16 15.13
C THR A 18 -28.77 43.92 15.64
N LEU A 19 -28.53 42.70 16.12
CA LEU A 19 -27.24 42.30 16.64
C LEU A 19 -26.10 42.59 15.68
N HIS A 20 -26.38 42.53 14.38
CA HIS A 20 -25.35 42.76 13.37
C HIS A 20 -24.64 44.11 13.45
N HIS A 21 -25.25 45.06 14.14
CA HIS A 21 -24.63 46.37 14.26
C HIS A 21 -23.40 46.38 15.14
N LYS A 22 -23.23 45.31 15.92
CA LYS A 22 -22.08 45.19 16.80
C LYS A 22 -20.98 44.39 16.12
N ALA A 23 -21.15 44.12 14.83
CA ALA A 23 -20.17 43.36 14.08
C ALA A 23 -18.85 44.10 13.90
N LYS A 24 -17.86 43.39 13.38
CA LYS A 24 -16.53 43.95 13.13
C LYS A 24 -16.39 44.18 11.62
N GLY A 25 -16.09 45.42 11.24
CA GLY A 25 -15.93 45.76 9.84
C GLY A 25 -14.73 45.12 9.15
N ILE A 26 -14.77 43.80 9.03
CA ILE A 26 -13.68 43.04 8.43
C ILE A 26 -14.02 42.29 7.16
N LEU A 27 -15.31 42.12 6.87
CA LEU A 27 -15.74 41.41 5.67
C LEU A 27 -15.28 42.15 4.42
N THR A 28 -15.30 41.47 3.27
CA THR A 28 -14.87 42.08 2.02
C THR A 28 -15.96 42.48 1.02
N CYS A 29 -17.20 42.15 1.32
CA CYS A 29 -18.30 42.50 0.43
C CYS A 29 -18.48 44.00 0.45
N ARG A 30 -18.85 44.55 -0.71
CA ARG A 30 -19.09 45.99 -0.89
C ARG A 30 -20.32 46.13 -1.77
N SER A 31 -20.92 47.30 -1.77
CA SER A 31 -22.13 47.51 -2.57
C SER A 31 -21.85 47.20 -4.03
N LYS A 32 -20.59 46.97 -4.38
CA LYS A 32 -20.25 46.67 -5.77
C LYS A 32 -20.25 45.17 -6.05
N SER A 33 -19.90 44.36 -5.04
CA SER A 33 -19.86 42.92 -5.23
C SER A 33 -19.82 42.12 -3.93
N CYS A 34 -20.57 41.02 -3.89
CA CYS A 34 -20.60 40.16 -2.70
C CYS A 34 -19.62 38.99 -2.84
N LEU A 35 -18.71 38.85 -1.88
CA LEU A 35 -17.71 37.78 -1.90
C LEU A 35 -17.95 36.71 -0.85
N GLY A 36 -19.23 36.46 -0.55
CA GLY A 36 -19.61 35.47 0.43
C GLY A 36 -19.26 34.03 0.14
N SER A 37 -18.88 33.70 -1.09
CA SER A 37 -18.53 32.32 -1.42
C SER A 37 -17.03 32.00 -1.46
N ILE A 38 -16.20 32.82 -0.82
CA ILE A 38 -14.76 32.56 -0.77
C ILE A 38 -14.61 31.65 0.44
N MET A 39 -14.02 30.48 0.26
CA MET A 39 -13.90 29.56 1.37
C MET A 39 -13.01 30.00 2.54
N THR A 40 -11.74 30.25 2.29
CA THR A 40 -10.87 30.67 3.38
C THR A 40 -10.39 32.09 3.18
N PRO A 41 -11.21 33.08 3.54
CA PRO A 41 -10.89 34.49 3.39
C PRO A 41 -9.97 35.03 4.49
N LYS A 42 -9.08 35.96 4.10
CA LYS A 42 -8.18 36.57 5.07
C LYS A 42 -9.06 37.28 6.09
N SER A 43 -10.25 37.67 5.66
CA SER A 43 -11.20 38.36 6.51
C SER A 43 -11.57 37.52 7.73
N LEU A 44 -11.55 36.19 7.59
CA LEU A 44 -11.88 35.30 8.70
C LEU A 44 -10.64 34.65 9.29
N THR A 45 -9.48 35.11 8.87
CA THR A 45 -8.21 34.58 9.36
C THR A 45 -7.49 35.55 10.29
N ARG A 46 -6.90 35.05 11.37
CA ARG A 46 -6.14 35.91 12.28
C ARG A 46 -4.68 35.45 12.21
N GLY A 47 -3.87 36.23 11.48
CA GLY A 47 -2.46 35.93 11.27
C GLY A 47 -1.54 36.02 12.45
N PRO A 48 -0.24 35.70 12.25
CA PRO A 48 0.73 35.76 13.34
C PRO A 48 1.30 37.15 13.60
N ARG A 49 1.81 37.35 14.81
CA ARG A 49 2.41 38.62 15.20
C ARG A 49 3.82 38.28 15.70
N ASP A 50 4.74 39.23 15.62
CA ASP A 50 6.08 38.97 16.13
C ASP A 50 6.37 40.10 17.11
N LYS A 51 5.28 40.63 17.64
CA LYS A 51 5.33 41.74 18.58
C LYS A 51 3.99 41.75 19.30
N PRO A 52 4.00 41.85 20.64
CA PRO A 52 2.78 41.88 21.46
C PRO A 52 1.68 42.78 20.90
N THR A 53 0.47 42.63 21.44
CA THR A 53 -0.63 43.48 21.00
C THR A 53 -0.50 44.73 21.86
N PRO A 54 -0.31 45.89 21.24
CA PRO A 54 -0.18 47.15 21.97
C PRO A 54 -1.22 47.25 23.10
N PRO A 55 -0.75 47.46 24.33
CA PRO A 55 -1.64 47.60 25.49
C PRO A 55 -2.82 48.54 25.25
N ASP A 56 -2.52 49.70 24.66
CA ASP A 56 -3.54 50.69 24.37
C ASP A 56 -4.70 50.14 23.57
N GLU A 57 -4.38 49.48 22.46
CA GLU A 57 -5.40 48.90 21.61
C GLU A 57 -6.17 47.81 22.35
N LEU A 58 -5.46 47.06 23.19
CA LEU A 58 -6.06 45.98 23.94
C LEU A 58 -7.12 46.43 24.94
N LEU A 59 -6.87 47.58 25.59
CA LEU A 59 -7.78 48.09 26.61
C LEU A 59 -9.26 48.25 26.21
N PRO A 60 -9.53 48.87 25.04
CA PRO A 60 -10.92 49.06 24.60
C PRO A 60 -11.64 47.71 24.50
N GLN A 61 -10.95 46.76 23.88
CA GLN A 61 -11.44 45.42 23.69
C GLN A 61 -11.64 44.68 25.00
N ALA A 62 -10.67 44.81 25.91
CA ALA A 62 -10.75 44.17 27.21
C ALA A 62 -12.03 44.65 27.91
N ILE A 63 -12.25 45.96 27.93
CA ILE A 63 -13.43 46.53 28.56
C ILE A 63 -14.71 45.98 27.89
N GLU A 64 -14.68 45.91 26.56
CA GLU A 64 -15.83 45.44 25.80
C GLU A 64 -16.25 44.04 26.24
N PHE A 65 -15.28 43.15 26.39
CA PHE A 65 -15.58 41.78 26.80
C PHE A 65 -16.16 41.73 28.21
N VAL A 66 -15.47 42.36 29.16
CA VAL A 66 -15.92 42.39 30.54
C VAL A 66 -17.38 42.81 30.55
N ASN A 67 -17.65 43.93 29.89
CA ASN A 67 -19.01 44.44 29.79
C ASN A 67 -19.91 43.31 29.33
N GLN A 68 -19.57 42.69 28.21
CA GLN A 68 -20.37 41.59 27.69
C GLN A 68 -20.52 40.49 28.72
N TYR A 69 -19.42 40.14 29.38
CA TYR A 69 -19.47 39.09 30.39
C TYR A 69 -20.53 39.39 31.42
N TYR A 70 -20.41 40.56 32.06
CA TYR A 70 -21.36 40.96 33.08
C TYR A 70 -22.72 41.35 32.53
N GLY A 71 -22.74 41.71 31.25
CA GLY A 71 -24.00 42.07 30.63
C GLY A 71 -24.81 40.83 30.41
N SER A 72 -24.18 39.66 30.57
CA SER A 72 -24.82 38.37 30.33
C SER A 72 -25.65 37.82 31.47
N PHE A 73 -25.37 38.26 32.69
CA PHE A 73 -26.09 37.76 33.84
C PHE A 73 -27.56 38.15 33.90
N LYS A 74 -28.36 37.18 34.36
CA LYS A 74 -29.79 37.35 34.53
C LYS A 74 -30.02 38.56 35.44
N GLU A 75 -29.41 38.51 36.62
CA GLU A 75 -29.51 39.58 37.60
C GLU A 75 -28.17 40.30 37.73
N ALA A 76 -28.12 41.54 37.25
CA ALA A 76 -26.91 42.35 37.28
C ALA A 76 -26.08 42.26 38.56
N LYS A 77 -24.79 42.55 38.42
CA LYS A 77 -23.86 42.54 39.54
C LYS A 77 -22.88 43.69 39.35
N ILE A 78 -23.44 44.88 39.46
CA ILE A 78 -22.76 46.16 39.32
C ILE A 78 -21.39 46.29 39.98
N GLU A 79 -21.33 46.02 41.28
CA GLU A 79 -20.08 46.12 42.01
C GLU A 79 -18.97 45.30 41.34
N GLU A 80 -19.23 44.01 41.13
CA GLU A 80 -18.27 43.11 40.50
C GLU A 80 -17.90 43.64 39.12
N HIS A 81 -18.95 43.94 38.35
CA HIS A 81 -18.82 44.46 36.99
C HIS A 81 -17.89 45.68 37.02
N LEU A 82 -18.23 46.64 37.87
CA LEU A 82 -17.44 47.85 38.01
C LEU A 82 -16.01 47.48 38.41
N ALA A 83 -15.90 46.80 39.54
CA ALA A 83 -14.62 46.37 40.09
C ALA A 83 -13.73 45.71 39.03
N ARG A 84 -14.34 44.88 38.19
CA ARG A 84 -13.62 44.16 37.15
C ARG A 84 -13.11 45.10 36.05
N VAL A 85 -13.95 46.05 35.64
CA VAL A 85 -13.55 47.01 34.62
C VAL A 85 -12.34 47.73 35.17
N GLU A 86 -12.46 48.18 36.41
CA GLU A 86 -11.38 48.89 37.08
C GLU A 86 -10.18 47.97 37.29
N ALA A 87 -10.43 46.77 37.80
CA ALA A 87 -9.38 45.80 38.09
C ALA A 87 -8.59 45.41 36.84
N VAL A 88 -9.28 45.30 35.70
CA VAL A 88 -8.62 44.91 34.46
C VAL A 88 -7.91 46.07 33.79
N THR A 89 -8.40 47.29 34.01
CA THR A 89 -7.75 48.46 33.43
C THR A 89 -6.35 48.57 34.06
N LYS A 90 -6.30 48.35 35.37
CA LYS A 90 -5.07 48.42 36.15
C LYS A 90 -4.06 47.33 35.78
N GLU A 91 -4.55 46.13 35.47
CA GLU A 91 -3.66 45.03 35.11
C GLU A 91 -2.98 45.26 33.76
N ILE A 92 -3.73 45.76 32.78
CA ILE A 92 -3.17 46.00 31.46
C ILE A 92 -2.18 47.16 31.49
N GLU A 93 -2.42 48.11 32.38
CA GLU A 93 -1.54 49.28 32.54
C GLU A 93 -0.14 48.86 32.97
N THR A 94 -0.05 48.13 34.08
CA THR A 94 1.23 47.69 34.61
C THR A 94 1.80 46.47 33.90
N THR A 95 0.92 45.53 33.56
CA THR A 95 1.29 44.28 32.91
C THR A 95 1.41 44.27 31.39
N GLY A 96 0.51 44.99 30.72
CA GLY A 96 0.54 45.04 29.27
C GLY A 96 -0.29 43.94 28.65
N THR A 97 -1.22 43.41 29.44
CA THR A 97 -2.13 42.34 29.04
C THR A 97 -2.85 41.89 30.29
N TYR A 98 -3.85 41.05 30.14
CA TYR A 98 -4.58 40.56 31.30
C TYR A 98 -4.85 39.07 31.21
N GLN A 99 -5.48 38.55 32.24
CA GLN A 99 -5.81 37.12 32.30
C GLN A 99 -7.32 37.01 32.48
N LEU A 100 -7.91 35.98 31.90
CA LEU A 100 -9.35 35.76 32.04
C LEU A 100 -9.58 34.89 33.28
N THR A 101 -10.67 35.15 33.98
CA THR A 101 -10.98 34.34 35.16
C THR A 101 -11.45 33.02 34.58
N GLY A 102 -11.63 32.01 35.43
CA GLY A 102 -12.10 30.73 34.92
C GLY A 102 -13.46 30.86 34.27
N ASP A 103 -14.40 31.45 35.01
CA ASP A 103 -15.77 31.66 34.54
C ASP A 103 -15.78 32.47 33.26
N GLU A 104 -14.84 33.41 33.16
CA GLU A 104 -14.74 34.25 31.98
C GLU A 104 -14.29 33.43 30.79
N LEU A 105 -13.28 32.60 30.98
CA LEU A 105 -12.79 31.75 29.88
C LEU A 105 -13.90 30.79 29.47
N ILE A 106 -14.62 30.26 30.45
CA ILE A 106 -15.71 29.34 30.15
C ILE A 106 -16.78 30.09 29.36
N PHE A 107 -17.07 31.33 29.76
CA PHE A 107 -18.06 32.14 29.07
C PHE A 107 -17.58 32.46 27.65
N ALA A 108 -16.33 32.90 27.52
CA ALA A 108 -15.76 33.25 26.22
C ALA A 108 -15.77 32.11 25.20
N THR A 109 -15.36 30.91 25.61
CA THR A 109 -15.35 29.77 24.69
C THR A 109 -16.73 29.41 24.18
N LYS A 110 -17.75 29.53 25.03
CA LYS A 110 -19.11 29.22 24.62
C LYS A 110 -19.73 30.29 23.70
N GLN A 111 -19.49 31.56 24.03
CA GLN A 111 -20.01 32.65 23.21
C GLN A 111 -19.33 32.65 21.85
N ALA A 112 -18.04 32.33 21.84
CA ALA A 112 -17.29 32.27 20.60
C ALA A 112 -17.91 31.20 19.71
N TRP A 113 -18.30 30.09 20.32
CA TRP A 113 -18.93 28.98 19.60
C TRP A 113 -20.28 29.44 19.10
N ARG A 114 -21.05 30.00 20.01
CA ARG A 114 -22.37 30.52 19.70
C ARG A 114 -22.26 31.56 18.56
N ASN A 115 -21.11 32.22 18.46
CA ASN A 115 -20.85 33.23 17.42
C ASN A 115 -20.19 32.64 16.16
N ALA A 116 -20.25 31.33 16.01
CA ALA A 116 -19.64 30.65 14.86
C ALA A 116 -20.66 30.56 13.74
N PRO A 117 -20.57 31.45 12.74
CA PRO A 117 -21.49 31.50 11.60
C PRO A 117 -21.61 30.22 10.77
N ARG A 118 -20.52 29.49 10.63
CA ARG A 118 -20.55 28.30 9.80
C ARG A 118 -20.88 27.00 10.52
N CYS A 119 -21.29 27.08 11.78
CA CYS A 119 -21.63 25.88 12.55
C CYS A 119 -23.12 25.64 12.69
N ILE A 120 -23.56 24.43 12.33
CA ILE A 120 -24.98 24.11 12.43
C ILE A 120 -25.35 23.42 13.74
N GLY A 121 -24.36 22.96 14.51
CA GLY A 121 -24.66 22.29 15.75
C GLY A 121 -24.80 23.21 16.95
N ARG A 122 -24.75 24.51 16.71
CA ARG A 122 -24.83 25.51 17.78
C ARG A 122 -25.92 25.37 18.84
N ILE A 123 -26.87 24.46 18.65
CA ILE A 123 -27.92 24.27 19.65
C ILE A 123 -27.34 23.86 21.01
N GLN A 124 -26.15 23.25 20.96
CA GLN A 124 -25.41 22.77 22.15
C GLN A 124 -24.50 23.83 22.75
N TRP A 125 -24.35 24.96 22.08
CA TRP A 125 -23.47 26.04 22.50
C TRP A 125 -23.30 26.32 24.00
N SER A 126 -24.24 25.86 24.83
CA SER A 126 -24.12 26.08 26.26
C SER A 126 -23.61 24.86 27.03
N ASN A 127 -23.40 23.74 26.33
CA ASN A 127 -22.88 22.52 26.95
C ASN A 127 -21.50 22.28 26.37
N LEU A 128 -20.47 22.81 27.02
CA LEU A 128 -19.10 22.65 26.55
C LEU A 128 -18.15 22.41 27.72
N GLN A 129 -17.30 21.40 27.60
CA GLN A 129 -16.30 21.06 28.62
C GLN A 129 -15.05 21.88 28.31
N VAL A 130 -14.65 22.72 29.25
CA VAL A 130 -13.50 23.58 29.06
C VAL A 130 -12.31 23.12 29.90
N PHE A 131 -11.27 22.65 29.24
CA PHE A 131 -10.05 22.22 29.92
C PHE A 131 -9.09 23.40 29.92
N ASP A 132 -8.77 23.91 31.10
CA ASP A 132 -7.87 25.04 31.24
C ASP A 132 -6.40 24.62 31.24
N ALA A 133 -5.76 24.73 30.08
CA ALA A 133 -4.35 24.35 29.96
C ALA A 133 -3.51 25.60 29.65
N ARG A 134 -3.92 26.73 30.20
CA ARG A 134 -3.23 28.01 29.98
C ARG A 134 -1.92 28.14 30.74
N SER A 135 -1.66 27.18 31.62
CA SER A 135 -0.45 27.17 32.42
C SER A 135 0.55 26.16 31.88
N CYS A 136 0.16 25.51 30.78
CA CYS A 136 0.98 24.51 30.11
C CYS A 136 2.31 25.17 29.73
N SER A 137 3.37 24.37 29.57
CA SER A 137 4.68 24.95 29.22
C SER A 137 5.59 24.13 28.32
N THR A 138 5.19 22.90 27.97
CA THR A 138 6.02 22.05 27.11
C THR A 138 5.20 21.25 26.12
N ALA A 139 5.86 20.74 25.09
CA ALA A 139 5.20 19.93 24.07
C ALA A 139 4.57 18.69 24.71
N ARG A 140 5.35 17.96 25.51
CA ARG A 140 4.86 16.77 26.17
C ARG A 140 3.56 17.05 26.95
N GLU A 141 3.53 18.16 27.66
CA GLU A 141 2.32 18.51 28.38
C GLU A 141 1.18 18.62 27.39
N MET A 142 1.36 19.45 26.36
CA MET A 142 0.35 19.63 25.33
C MET A 142 -0.22 18.27 24.94
N PHE A 143 0.66 17.32 24.67
CA PHE A 143 0.25 15.98 24.29
C PHE A 143 -0.66 15.35 25.35
N GLU A 144 -0.19 15.32 26.59
CA GLU A 144 -0.97 14.74 27.66
C GLU A 144 -2.32 15.41 27.84
N HIS A 145 -2.41 16.70 27.55
CA HIS A 145 -3.68 17.43 27.66
C HIS A 145 -4.62 16.98 26.54
N ILE A 146 -4.03 16.81 25.37
CA ILE A 146 -4.80 16.39 24.21
C ILE A 146 -5.34 14.99 24.46
N CYS A 147 -4.52 14.12 25.03
CA CYS A 147 -4.95 12.77 25.32
C CYS A 147 -6.09 12.79 26.33
N ARG A 148 -6.00 13.68 27.31
CA ARG A 148 -7.04 13.79 28.33
C ARG A 148 -8.34 14.21 27.64
N HIS A 149 -8.22 15.20 26.76
CA HIS A 149 -9.36 15.74 26.03
C HIS A 149 -9.98 14.64 25.16
N VAL A 150 -9.13 13.94 24.41
CA VAL A 150 -9.55 12.86 23.52
C VAL A 150 -10.31 11.77 24.26
N ARG A 151 -9.82 11.41 25.45
CA ARG A 151 -10.47 10.38 26.24
C ARG A 151 -11.85 10.82 26.74
N TYR A 152 -11.95 12.06 27.21
CA TYR A 152 -13.21 12.59 27.72
C TYR A 152 -14.29 12.70 26.64
N SER A 153 -13.87 13.21 25.48
CA SER A 153 -14.79 13.40 24.39
C SER A 153 -15.25 12.11 23.75
N THR A 154 -14.34 11.16 23.52
CA THR A 154 -14.76 9.90 22.92
C THR A 154 -15.76 9.20 23.83
N ASN A 155 -15.58 9.38 25.13
CA ASN A 155 -16.47 8.81 26.13
C ASN A 155 -17.00 7.40 25.83
N ASN A 156 -16.18 6.60 25.17
CA ASN A 156 -16.56 5.22 24.82
C ASN A 156 -17.61 5.15 23.70
N GLY A 157 -17.73 6.21 22.92
CA GLY A 157 -18.69 6.23 21.84
C GLY A 157 -19.78 7.28 22.06
N ASN A 158 -20.09 7.54 23.31
CA ASN A 158 -21.11 8.52 23.65
C ASN A 158 -20.41 9.87 23.75
N ILE A 159 -20.04 10.38 22.57
CA ILE A 159 -19.29 11.62 22.42
C ILE A 159 -19.81 12.91 23.05
N ARG A 160 -18.85 13.70 23.56
CA ARG A 160 -19.14 14.96 24.23
C ARG A 160 -18.30 16.12 23.71
N SER A 161 -18.88 17.31 23.67
CA SER A 161 -18.18 18.48 23.18
C SER A 161 -17.23 19.05 24.21
N ALA A 162 -15.95 19.17 23.85
CA ALA A 162 -14.96 19.72 24.77
C ALA A 162 -13.94 20.58 24.04
N ILE A 163 -13.29 21.47 24.79
CA ILE A 163 -12.26 22.36 24.27
C ILE A 163 -11.17 22.56 25.33
N THR A 164 -9.91 22.51 24.90
CA THR A 164 -8.80 22.74 25.80
C THR A 164 -8.10 24.01 25.31
N VAL A 165 -8.04 25.02 26.17
CA VAL A 165 -7.42 26.29 25.82
C VAL A 165 -5.97 26.35 26.27
N PHE A 166 -5.05 26.54 25.32
CA PHE A 166 -3.63 26.62 25.67
C PHE A 166 -3.23 28.05 26.04
N PRO A 167 -1.97 28.27 26.40
CA PRO A 167 -1.53 29.62 26.78
C PRO A 167 -1.89 30.64 25.70
N GLN A 168 -2.25 31.85 26.11
CA GLN A 168 -2.61 32.87 25.14
C GLN A 168 -1.35 33.43 24.52
N ARG A 169 -1.50 34.01 23.34
CA ARG A 169 -0.38 34.61 22.63
C ARG A 169 0.17 35.77 23.45
N SER A 170 1.50 35.88 23.48
CA SER A 170 2.15 36.96 24.22
C SER A 170 2.80 37.90 23.21
N ASP A 171 4.04 37.62 22.84
CA ASP A 171 4.77 38.44 21.88
C ASP A 171 4.69 37.83 20.49
N GLY A 172 3.84 36.80 20.34
CA GLY A 172 3.66 36.16 19.05
C GLY A 172 4.81 35.29 18.60
N LYS A 173 5.89 35.27 19.36
CA LYS A 173 7.06 34.45 19.03
C LYS A 173 7.11 33.20 19.92
N HIS A 174 6.19 33.13 20.88
CA HIS A 174 6.13 32.01 21.79
C HIS A 174 4.77 31.30 21.70
N ASP A 175 4.29 31.16 20.47
CA ASP A 175 3.00 30.52 20.20
C ASP A 175 2.94 29.03 20.48
N PHE A 176 1.86 28.59 21.13
CA PHE A 176 1.62 27.18 21.39
C PHE A 176 0.58 26.77 20.33
N ARG A 177 0.96 25.97 19.35
CA ARG A 177 0.02 25.59 18.30
C ARG A 177 0.08 24.13 17.90
N VAL A 178 -1.06 23.58 17.50
CA VAL A 178 -1.13 22.20 17.01
C VAL A 178 -1.08 22.43 15.51
N TRP A 179 -0.28 21.68 14.77
CA TRP A 179 -0.20 21.91 13.33
C TRP A 179 -1.24 21.20 12.48
N ASN A 180 -1.72 20.04 12.93
CA ASN A 180 -2.74 19.30 12.16
C ASN A 180 -4.05 20.06 12.14
N ALA A 181 -4.85 19.87 11.10
CA ALA A 181 -6.14 20.55 11.00
C ALA A 181 -7.12 19.98 12.02
N GLN A 182 -6.94 18.69 12.30
CA GLN A 182 -7.77 17.98 13.27
C GLN A 182 -6.85 17.10 14.12
N LEU A 183 -7.25 16.83 15.36
CA LEU A 183 -6.46 15.99 16.25
C LEU A 183 -6.36 14.58 15.67
N ILE A 184 -7.45 14.11 15.07
CA ILE A 184 -7.45 12.78 14.46
C ILE A 184 -7.77 12.94 12.99
N ARG A 185 -6.87 12.46 12.14
CA ARG A 185 -7.04 12.60 10.70
C ARG A 185 -6.11 11.57 10.03
N TYR A 186 -6.42 11.16 8.81
CA TYR A 186 -5.59 10.17 8.10
C TYR A 186 -4.48 10.73 7.22
N ALA A 187 -3.40 9.96 7.08
CA ALA A 187 -2.26 10.35 6.27
C ALA A 187 -2.61 10.33 4.79
N GLY A 188 -1.77 10.99 4.00
CA GLY A 188 -1.97 11.04 2.56
C GLY A 188 -0.59 10.85 1.97
N TYR A 189 -0.39 9.77 1.23
CA TYR A 189 0.93 9.49 0.68
C TYR A 189 1.12 9.75 -0.80
N GLN A 190 2.26 10.32 -1.14
CA GLN A 190 2.62 10.62 -2.51
C GLN A 190 3.37 9.39 -3.02
N MET A 191 2.76 8.62 -3.90
CA MET A 191 3.41 7.42 -4.43
C MET A 191 4.42 7.80 -5.50
N PRO A 192 5.33 6.87 -5.85
CA PRO A 192 6.36 7.08 -6.87
C PRO A 192 5.84 7.35 -8.27
N ASP A 193 4.59 6.95 -8.52
CA ASP A 193 3.98 7.15 -9.83
C ASP A 193 3.08 8.39 -9.84
N GLY A 194 3.09 9.14 -8.74
CA GLY A 194 2.28 10.35 -8.67
C GLY A 194 0.99 10.21 -7.88
N SER A 195 0.29 9.10 -8.10
CA SER A 195 -0.97 8.84 -7.41
C SER A 195 -0.88 9.01 -5.89
N ILE A 196 -1.98 9.41 -5.28
CA ILE A 196 -2.04 9.61 -3.83
C ILE A 196 -2.64 8.38 -3.13
N ARG A 197 -2.16 8.10 -1.93
CA ARG A 197 -2.64 6.98 -1.14
C ARG A 197 -3.27 7.53 0.13
N GLY A 198 -4.50 7.11 0.43
CA GLY A 198 -5.17 7.59 1.62
C GLY A 198 -5.99 8.86 1.40
N ASP A 199 -5.87 9.80 2.34
CA ASP A 199 -6.61 11.07 2.24
C ASP A 199 -5.75 12.13 1.51
N PRO A 200 -6.03 12.36 0.22
CA PRO A 200 -5.27 13.35 -0.57
C PRO A 200 -5.23 14.77 0.01
N ALA A 201 -6.12 15.04 0.95
CA ALA A 201 -6.18 16.34 1.58
C ALA A 201 -5.07 16.58 2.60
N ASN A 202 -4.39 15.50 3.01
CA ASN A 202 -3.32 15.64 4.01
C ASN A 202 -1.92 15.31 3.53
N VAL A 203 -1.66 15.48 2.23
CA VAL A 203 -0.35 15.17 1.69
C VAL A 203 0.76 16.04 2.27
N GLU A 204 0.59 17.36 2.21
CA GLU A 204 1.57 18.31 2.73
C GLU A 204 1.93 18.02 4.17
N ILE A 205 0.91 17.84 4.99
CA ILE A 205 1.10 17.58 6.41
C ILE A 205 1.72 16.21 6.66
N THR A 206 1.31 15.21 5.88
CA THR A 206 1.87 13.88 6.05
C THR A 206 3.37 13.88 5.72
N GLN A 207 3.74 14.64 4.69
CA GLN A 207 5.16 14.69 4.32
C GLN A 207 5.96 15.33 5.43
N LEU A 208 5.44 16.42 6.00
CA LEU A 208 6.14 17.09 7.08
C LEU A 208 6.44 16.10 8.22
N CYS A 209 5.50 15.21 8.50
CA CYS A 209 5.71 14.23 9.57
C CYS A 209 6.83 13.28 9.15
N ILE A 210 6.83 12.89 7.89
CA ILE A 210 7.85 11.99 7.39
C ILE A 210 9.23 12.64 7.46
N ASP A 211 9.32 13.91 7.08
CA ASP A 211 10.58 14.65 7.10
C ASP A 211 11.04 14.85 8.54
N LEU A 212 10.08 14.89 9.46
CA LEU A 212 10.40 15.07 10.87
C LEU A 212 10.68 13.76 11.58
N GLY A 213 10.76 12.68 10.82
CA GLY A 213 11.07 11.39 11.39
C GLY A 213 9.95 10.38 11.59
N TRP A 214 8.76 10.71 11.14
CA TRP A 214 7.66 9.76 11.30
C TRP A 214 7.79 8.66 10.26
N LYS A 215 7.58 7.41 10.67
CA LYS A 215 7.68 6.30 9.73
C LYS A 215 6.40 6.07 8.95
N PRO A 216 6.46 6.19 7.61
CA PRO A 216 5.29 5.99 6.75
C PRO A 216 4.92 4.51 6.65
N LYS A 217 3.63 4.23 6.67
CA LYS A 217 3.14 2.85 6.58
C LYS A 217 2.38 2.63 5.28
N TYR A 218 2.17 3.71 4.54
CA TYR A 218 1.49 3.62 3.25
C TYR A 218 0.14 2.92 3.31
N GLY A 219 -0.62 3.27 4.34
CA GLY A 219 -1.94 2.69 4.51
C GLY A 219 -2.99 3.66 4.01
N ARG A 220 -4.19 3.14 3.77
CA ARG A 220 -5.31 3.94 3.29
C ARG A 220 -5.89 4.77 4.44
N PHE A 221 -5.82 4.21 5.65
CA PHE A 221 -6.34 4.87 6.83
C PHE A 221 -5.32 4.88 7.98
N ASP A 222 -4.20 5.58 7.76
CA ASP A 222 -3.14 5.70 8.77
C ASP A 222 -3.32 6.99 9.56
N VAL A 223 -3.42 6.87 10.89
CA VAL A 223 -3.60 8.03 11.76
C VAL A 223 -2.32 8.86 11.93
N LEU A 224 -2.33 10.07 11.37
CA LEU A 224 -1.20 10.98 11.45
C LEU A 224 -0.90 11.35 12.90
N PRO A 225 0.39 11.56 13.21
CA PRO A 225 0.80 11.93 14.56
C PRO A 225 0.54 13.40 14.77
N LEU A 226 0.53 13.83 16.02
CA LEU A 226 0.31 15.23 16.32
C LEU A 226 1.61 16.00 16.13
N VAL A 227 1.55 17.12 15.44
CA VAL A 227 2.73 17.94 15.23
C VAL A 227 2.53 19.14 16.14
N LEU A 228 3.04 19.04 17.37
CA LEU A 228 2.87 20.09 18.37
C LEU A 228 3.97 21.15 18.43
N GLN A 229 3.59 22.36 18.84
CA GLN A 229 4.51 23.47 18.93
C GLN A 229 4.31 24.21 20.25
N ALA A 230 5.25 24.06 21.15
CA ALA A 230 5.18 24.72 22.45
C ALA A 230 6.15 25.90 22.52
N ASN A 231 5.66 27.03 23.03
CA ASN A 231 6.50 28.22 23.17
C ASN A 231 7.20 28.63 21.88
N GLY A 232 6.55 28.45 20.74
CA GLY A 232 7.15 28.82 19.48
C GLY A 232 8.28 27.93 19.03
N ARG A 233 8.62 26.92 19.83
CA ARG A 233 9.72 26.02 19.47
C ARG A 233 9.38 25.20 18.24
N ASP A 234 10.37 24.51 17.67
CA ASP A 234 10.10 23.69 16.50
C ASP A 234 9.11 22.64 16.95
N PRO A 235 8.28 22.14 16.03
CA PRO A 235 7.30 21.12 16.42
C PRO A 235 7.93 19.75 16.64
N GLU A 236 7.36 19.00 17.59
CA GLU A 236 7.83 17.66 17.90
C GLU A 236 6.68 16.70 17.65
N LEU A 237 6.99 15.47 17.26
CA LEU A 237 5.95 14.47 16.97
C LEU A 237 5.53 13.61 18.17
N PHE A 238 4.24 13.39 18.30
CA PHE A 238 3.70 12.54 19.36
C PHE A 238 2.62 11.73 18.69
N GLU A 239 2.59 10.43 18.98
CA GLU A 239 1.55 9.62 18.38
C GLU A 239 0.47 9.31 19.41
N ILE A 240 -0.75 9.68 19.07
CA ILE A 240 -1.88 9.42 19.95
C ILE A 240 -1.96 7.90 20.14
N PRO A 241 -2.18 7.44 21.37
CA PRO A 241 -2.27 6.00 21.64
C PRO A 241 -3.49 5.41 20.89
N PRO A 242 -3.26 4.35 20.09
CA PRO A 242 -4.26 3.64 19.29
C PRO A 242 -5.59 3.32 19.98
N ASP A 243 -5.52 2.93 21.24
CA ASP A 243 -6.73 2.61 21.99
C ASP A 243 -7.58 3.85 22.29
N LEU A 244 -6.97 5.02 22.18
CA LEU A 244 -7.66 6.29 22.42
C LEU A 244 -8.39 6.75 21.16
N VAL A 245 -7.94 6.25 20.02
CA VAL A 245 -8.54 6.62 18.73
C VAL A 245 -9.62 5.63 18.29
N LEU A 246 -10.87 5.93 18.62
CA LEU A 246 -12.00 5.09 18.27
C LEU A 246 -12.42 5.29 16.81
N GLU A 247 -12.60 4.19 16.08
CA GLU A 247 -13.00 4.22 14.68
C GLU A 247 -14.26 3.40 14.45
N VAL A 248 -14.88 3.59 13.28
CA VAL A 248 -16.09 2.85 12.93
C VAL A 248 -15.96 2.25 11.55
N ALA A 249 -16.32 0.97 11.44
CA ALA A 249 -16.24 0.25 10.17
C ALA A 249 -17.55 0.41 9.44
N MET A 250 -17.46 0.81 8.17
CA MET A 250 -18.64 1.04 7.33
C MET A 250 -19.32 -0.22 6.81
N GLU A 251 -20.64 -0.28 6.97
CA GLU A 251 -21.44 -1.42 6.54
C GLU A 251 -22.84 -0.96 6.17
N HIS A 252 -23.37 -1.50 5.07
CA HIS A 252 -24.72 -1.16 4.62
C HIS A 252 -25.71 -2.22 5.13
N PRO A 253 -26.84 -1.78 5.72
CA PRO A 253 -27.86 -2.71 6.24
C PRO A 253 -28.53 -3.61 5.19
N LYS A 254 -28.27 -3.33 3.91
CA LYS A 254 -28.86 -4.11 2.82
C LYS A 254 -27.83 -4.74 1.90
N TYR A 255 -26.85 -3.94 1.49
CA TYR A 255 -25.83 -4.40 0.57
C TYR A 255 -24.67 -5.12 1.23
N GLU A 256 -24.77 -6.44 1.19
CA GLU A 256 -23.78 -7.34 1.76
C GLU A 256 -22.35 -7.04 1.32
N TRP A 257 -22.21 -6.43 0.15
CA TRP A 257 -20.90 -6.11 -0.41
C TRP A 257 -20.24 -4.84 0.10
N PHE A 258 -20.99 -3.96 0.74
CA PHE A 258 -20.40 -2.71 1.20
C PHE A 258 -19.15 -2.89 2.05
N ARG A 259 -19.16 -3.87 2.95
CA ARG A 259 -18.01 -4.08 3.80
C ARG A 259 -16.75 -4.49 3.05
N GLU A 260 -16.91 -4.98 1.82
CA GLU A 260 -15.74 -5.37 1.04
C GLU A 260 -14.96 -4.14 0.58
N LEU A 261 -15.63 -2.99 0.55
CA LEU A 261 -14.99 -1.73 0.17
C LEU A 261 -13.97 -1.42 1.24
N GLU A 262 -14.23 -1.95 2.44
CA GLU A 262 -13.37 -1.78 3.60
C GLU A 262 -13.09 -0.33 3.94
N LEU A 263 -14.15 0.39 4.30
CA LEU A 263 -13.99 1.78 4.67
C LEU A 263 -14.22 1.88 6.16
N LYS A 264 -13.77 2.99 6.73
CA LYS A 264 -13.97 3.27 8.13
C LYS A 264 -13.71 4.75 8.35
N TRP A 265 -13.81 5.19 9.60
CA TRP A 265 -13.57 6.59 9.89
C TRP A 265 -13.53 6.79 11.39
N TYR A 266 -12.79 7.79 11.85
CA TYR A 266 -12.71 8.03 13.27
C TYR A 266 -14.03 8.62 13.74
N ALA A 267 -14.34 8.44 15.03
CA ALA A 267 -15.60 8.91 15.60
C ALA A 267 -15.52 10.32 16.14
N LEU A 268 -14.32 10.77 16.46
CA LEU A 268 -14.15 12.09 17.03
C LEU A 268 -13.66 13.17 16.05
N PRO A 269 -14.51 14.17 15.75
CA PRO A 269 -14.13 15.26 14.84
C PRO A 269 -13.63 16.46 15.66
N ALA A 270 -12.31 16.69 15.68
CA ALA A 270 -11.76 17.79 16.45
C ALA A 270 -10.94 18.80 15.63
N VAL A 271 -11.42 20.04 15.57
CA VAL A 271 -10.72 21.12 14.87
C VAL A 271 -9.56 21.50 15.77
N ALA A 272 -8.34 21.38 15.26
CA ALA A 272 -7.16 21.68 16.07
C ALA A 272 -6.34 22.92 15.72
N ASN A 273 -6.63 23.59 14.62
CA ASN A 273 -5.80 24.70 14.24
C ASN A 273 -6.42 26.08 14.20
N MET A 274 -7.55 26.26 14.87
CA MET A 274 -8.22 27.56 14.85
C MET A 274 -7.66 28.47 15.95
N LEU A 275 -7.94 29.77 15.86
CA LEU A 275 -7.46 30.72 16.87
C LEU A 275 -8.64 31.33 17.61
N LEU A 276 -8.65 31.22 18.94
CA LEU A 276 -9.74 31.83 19.69
C LEU A 276 -9.38 33.27 20.02
N GLU A 277 -10.29 34.18 19.69
CA GLU A 277 -10.08 35.58 19.98
C GLU A 277 -11.13 35.96 21.01
N VAL A 278 -10.70 36.65 22.06
CA VAL A 278 -11.63 37.08 23.10
C VAL A 278 -11.08 38.31 23.80
N GLY A 279 -11.86 39.37 23.79
CA GLY A 279 -11.44 40.61 24.43
C GLY A 279 -10.04 41.05 24.10
N GLY A 280 -9.66 40.99 22.82
CA GLY A 280 -8.33 41.40 22.41
C GLY A 280 -7.24 40.37 22.60
N LEU A 281 -7.56 39.26 23.30
CA LEU A 281 -6.58 38.20 23.53
C LEU A 281 -6.63 37.21 22.39
N GLU A 282 -5.55 36.48 22.17
CA GLU A 282 -5.53 35.52 21.08
C GLU A 282 -4.97 34.19 21.58
N PHE A 283 -5.75 33.13 21.41
CA PHE A 283 -5.30 31.81 21.83
C PHE A 283 -5.11 30.98 20.58
N PRO A 284 -3.89 30.97 20.02
CA PRO A 284 -3.66 30.18 18.81
C PRO A 284 -3.69 28.68 19.12
N GLY A 285 -3.84 28.35 20.39
CA GLY A 285 -3.90 26.95 20.79
C GLY A 285 -5.21 26.60 21.46
N CYS A 286 -6.18 26.11 20.70
CA CYS A 286 -7.47 25.77 21.30
C CYS A 286 -8.28 24.72 20.54
N PRO A 287 -7.84 23.46 20.58
CA PRO A 287 -8.57 22.42 19.86
C PRO A 287 -9.92 22.07 20.52
N PHE A 288 -10.96 21.95 19.70
CA PHE A 288 -12.28 21.64 20.21
C PHE A 288 -12.97 20.56 19.37
N ASN A 289 -14.11 20.06 19.86
CA ASN A 289 -14.83 19.01 19.16
C ASN A 289 -16.29 18.91 19.58
N GLY A 290 -17.05 18.20 18.75
CA GLY A 290 -18.46 17.93 19.01
C GLY A 290 -18.61 16.51 18.52
N TRP A 291 -19.69 16.20 17.82
CA TRP A 291 -19.85 14.86 17.28
C TRP A 291 -20.14 15.04 15.79
N TYR A 292 -20.05 13.95 15.04
CA TYR A 292 -20.28 13.99 13.60
C TYR A 292 -21.70 14.12 13.07
N MET A 293 -21.78 14.58 11.83
CA MET A 293 -23.03 14.72 11.11
C MET A 293 -22.74 13.89 9.85
N GLY A 294 -23.53 12.83 9.64
CA GLY A 294 -23.35 11.94 8.51
C GLY A 294 -22.74 12.53 7.25
N THR A 295 -23.37 13.58 6.74
CA THR A 295 -22.93 14.25 5.52
C THR A 295 -21.43 14.55 5.45
N GLU A 296 -20.85 14.97 6.56
CA GLU A 296 -19.43 15.29 6.60
C GLU A 296 -18.57 14.12 6.10
N ILE A 297 -18.97 12.91 6.47
CA ILE A 297 -18.24 11.70 6.10
C ILE A 297 -18.68 11.06 4.78
N GLY A 298 -19.96 10.72 4.72
CA GLY A 298 -20.54 10.07 3.55
C GLY A 298 -20.62 10.86 2.25
N VAL A 299 -20.58 12.18 2.34
CA VAL A 299 -20.66 13.01 1.15
C VAL A 299 -19.34 13.71 0.88
N ARG A 300 -18.83 14.40 1.90
CA ARG A 300 -17.60 15.13 1.74
C ARG A 300 -16.35 14.26 1.81
N ASP A 301 -16.05 13.68 2.97
CA ASP A 301 -14.86 12.82 3.10
C ASP A 301 -14.76 11.72 2.04
N PHE A 302 -15.79 10.89 1.92
CA PHE A 302 -15.76 9.79 0.95
C PHE A 302 -16.06 10.11 -0.53
N CYS A 303 -17.02 10.99 -0.80
CA CYS A 303 -17.38 11.28 -2.19
C CYS A 303 -16.81 12.50 -2.91
N ASP A 304 -16.11 13.40 -2.21
CA ASP A 304 -15.50 14.57 -2.87
C ASP A 304 -14.46 14.04 -3.83
N VAL A 305 -14.40 14.57 -5.05
CA VAL A 305 -13.42 14.09 -6.01
C VAL A 305 -11.99 14.27 -5.52
N GLN A 306 -11.76 15.36 -4.79
CA GLN A 306 -10.45 15.68 -4.25
C GLN A 306 -10.16 14.90 -2.96
N ARG A 307 -10.93 13.86 -2.67
CA ARG A 307 -10.72 13.09 -1.46
C ARG A 307 -10.73 11.59 -1.71
N TYR A 308 -11.54 10.81 -1.00
CA TYR A 308 -11.51 9.37 -1.25
C TYR A 308 -12.21 9.00 -2.54
N ASN A 309 -12.96 9.96 -3.08
CA ASN A 309 -13.64 9.79 -4.36
C ASN A 309 -14.05 8.36 -4.69
N ILE A 310 -15.06 7.86 -3.99
CA ILE A 310 -15.52 6.48 -4.18
C ILE A 310 -16.85 6.30 -4.92
N LEU A 311 -17.49 7.38 -5.34
CA LEU A 311 -18.77 7.28 -6.03
C LEU A 311 -18.71 6.25 -7.15
N GLU A 312 -17.68 6.38 -8.00
CA GLU A 312 -17.47 5.48 -9.12
C GLU A 312 -17.73 4.03 -8.71
N GLU A 313 -16.86 3.50 -7.85
CA GLU A 313 -16.96 2.12 -7.39
C GLU A 313 -18.31 1.76 -6.77
N VAL A 314 -18.84 2.64 -5.94
CA VAL A 314 -20.11 2.37 -5.31
C VAL A 314 -21.22 2.32 -6.34
N GLY A 315 -20.98 2.96 -7.48
CA GLY A 315 -21.98 2.96 -8.54
C GLY A 315 -21.89 1.62 -9.24
N ARG A 316 -20.67 1.14 -9.40
CA ARG A 316 -20.41 -0.15 -10.04
C ARG A 316 -21.08 -1.25 -9.23
N ARG A 317 -20.78 -1.27 -7.93
CA ARG A 317 -21.33 -2.27 -7.02
C ARG A 317 -22.85 -2.33 -7.06
N MET A 318 -23.50 -1.17 -7.05
CA MET A 318 -24.96 -1.10 -7.10
C MET A 318 -25.46 -1.45 -8.51
N GLY A 319 -24.53 -1.51 -9.46
CA GLY A 319 -24.87 -1.84 -10.83
C GLY A 319 -25.74 -0.81 -11.53
N LEU A 320 -25.63 0.45 -11.10
CA LEU A 320 -26.39 1.54 -11.69
C LEU A 320 -25.78 1.92 -13.05
N GLU A 321 -26.57 2.59 -13.88
CA GLU A 321 -26.10 3.01 -15.20
C GLU A 321 -25.14 4.20 -15.08
N THR A 322 -23.93 3.93 -14.58
CA THR A 322 -22.95 4.99 -14.39
C THR A 322 -22.43 5.62 -15.67
N HIS A 323 -23.01 5.26 -16.81
CA HIS A 323 -22.57 5.81 -18.10
C HIS A 323 -23.21 7.14 -18.43
N LYS A 324 -24.46 7.34 -17.99
CA LYS A 324 -25.18 8.59 -18.24
C LYS A 324 -25.68 9.23 -16.94
N LEU A 325 -25.36 10.50 -16.74
CA LEU A 325 -25.77 11.23 -15.55
C LEU A 325 -27.29 11.27 -15.43
N ALA A 326 -27.94 11.50 -16.56
CA ALA A 326 -29.40 11.60 -16.61
C ALA A 326 -30.14 10.57 -15.75
N SER A 327 -29.51 9.45 -15.45
CA SER A 327 -30.13 8.39 -14.65
C SER A 327 -30.06 8.65 -13.15
N LEU A 328 -29.29 9.66 -12.77
CA LEU A 328 -29.09 10.04 -11.38
C LEU A 328 -28.47 8.92 -10.54
N TRP A 329 -27.45 8.25 -11.08
CA TRP A 329 -26.77 7.18 -10.35
C TRP A 329 -25.97 7.78 -9.20
N LYS A 330 -25.40 8.96 -9.43
CA LYS A 330 -24.63 9.62 -8.41
C LYS A 330 -25.52 9.92 -7.20
N ASP A 331 -26.69 10.50 -7.45
CA ASP A 331 -27.58 10.82 -6.34
C ASP A 331 -28.00 9.58 -5.56
N GLN A 332 -28.29 8.49 -6.27
CA GLN A 332 -28.69 7.25 -5.61
C GLN A 332 -27.55 6.67 -4.79
N ALA A 333 -26.35 6.70 -5.37
CA ALA A 333 -25.19 6.17 -4.68
C ALA A 333 -24.89 6.95 -3.39
N VAL A 334 -24.77 8.28 -3.51
CA VAL A 334 -24.49 9.11 -2.36
C VAL A 334 -25.41 8.76 -1.21
N VAL A 335 -26.69 8.57 -1.51
CA VAL A 335 -27.67 8.22 -0.48
C VAL A 335 -27.31 6.91 0.22
N GLU A 336 -27.10 5.85 -0.54
CA GLU A 336 -26.75 4.56 0.06
C GLU A 336 -25.47 4.68 0.90
N ILE A 337 -24.54 5.52 0.44
CA ILE A 337 -23.28 5.76 1.14
C ILE A 337 -23.49 6.54 2.43
N ASN A 338 -24.46 7.43 2.44
CA ASN A 338 -24.70 8.19 3.64
C ASN A 338 -25.59 7.42 4.61
N ILE A 339 -26.23 6.37 4.11
CA ILE A 339 -27.07 5.53 4.95
C ILE A 339 -26.15 4.54 5.65
N ALA A 340 -25.09 4.17 4.97
CA ALA A 340 -24.12 3.25 5.54
C ALA A 340 -23.48 3.89 6.78
N VAL A 341 -22.93 5.09 6.59
CA VAL A 341 -22.30 5.82 7.69
C VAL A 341 -23.24 5.94 8.89
N LEU A 342 -24.46 6.45 8.65
CA LEU A 342 -25.44 6.62 9.72
C LEU A 342 -25.84 5.32 10.41
N HIS A 343 -25.84 4.23 9.64
CA HIS A 343 -26.17 2.94 10.20
C HIS A 343 -24.97 2.38 10.96
N SER A 344 -23.83 2.32 10.29
CA SER A 344 -22.61 1.81 10.90
C SER A 344 -22.35 2.43 12.26
N PHE A 345 -22.38 3.77 12.33
CA PHE A 345 -22.16 4.47 13.59
C PHE A 345 -23.11 4.05 14.69
N GLN A 346 -24.39 3.88 14.35
CA GLN A 346 -25.37 3.47 15.36
C GLN A 346 -25.11 2.03 15.75
N LYS A 347 -24.73 1.21 14.76
CA LYS A 347 -24.47 -0.19 15.05
C LYS A 347 -23.32 -0.37 16.04
N GLN A 348 -22.32 0.52 15.98
CA GLN A 348 -21.18 0.45 16.90
C GLN A 348 -21.39 1.35 18.13
N ASN A 349 -22.63 1.84 18.27
CA ASN A 349 -23.01 2.70 19.39
C ASN A 349 -22.18 3.97 19.58
N VAL A 350 -21.89 4.65 18.46
CA VAL A 350 -21.14 5.89 18.47
C VAL A 350 -22.07 7.04 18.07
N THR A 351 -22.02 8.12 18.83
CA THR A 351 -22.86 9.30 18.56
C THR A 351 -22.63 9.94 17.19
N ILE A 352 -23.72 10.11 16.45
CA ILE A 352 -23.66 10.76 15.15
C ILE A 352 -25.02 11.40 14.90
N MET A 353 -25.07 12.32 13.94
CA MET A 353 -26.31 13.02 13.65
C MET A 353 -26.50 13.15 12.16
N ASP A 354 -27.75 13.18 11.72
CA ASP A 354 -28.06 13.29 10.31
C ASP A 354 -28.35 14.76 10.00
N HIS A 355 -28.19 15.15 8.74
CA HIS A 355 -28.46 16.53 8.34
C HIS A 355 -29.88 17.01 8.63
N HIS A 356 -30.86 16.11 8.54
CA HIS A 356 -32.26 16.45 8.78
C HIS A 356 -32.47 16.88 10.24
N SER A 357 -32.08 16.00 11.14
CA SER A 357 -32.23 16.29 12.55
C SER A 357 -31.41 17.53 12.83
N ALA A 358 -30.20 17.59 12.27
CA ALA A 358 -29.28 18.72 12.45
C ALA A 358 -29.91 20.04 12.00
N ALA A 359 -30.33 20.11 10.75
CA ALA A 359 -30.95 21.32 10.25
C ALA A 359 -32.13 21.72 11.12
N GLU A 360 -32.86 20.71 11.57
CA GLU A 360 -34.06 20.95 12.39
C GLU A 360 -33.77 21.58 13.73
N SER A 361 -32.67 21.20 14.36
CA SER A 361 -32.33 21.78 15.66
C SER A 361 -31.78 23.18 15.47
N PHE A 362 -31.21 23.45 14.30
CA PHE A 362 -30.65 24.78 14.07
C PHE A 362 -31.75 25.82 14.12
N MET A 363 -32.88 25.50 13.48
CA MET A 363 -34.02 26.41 13.46
C MET A 363 -34.49 26.80 14.87
N LYS A 364 -34.55 25.83 15.77
CA LYS A 364 -34.98 26.11 17.13
C LYS A 364 -33.96 27.04 17.76
N TYR A 365 -32.69 26.74 17.52
CA TYR A 365 -31.59 27.53 18.04
C TYR A 365 -31.64 28.95 17.50
N MET A 366 -31.74 29.07 16.18
CA MET A 366 -31.79 30.37 15.53
C MET A 366 -32.95 31.23 16.07
N GLN A 367 -34.10 30.58 16.29
CA GLN A 367 -35.26 31.30 16.80
C GLN A 367 -35.01 31.86 18.20
N ASN A 368 -34.23 31.13 18.99
CA ASN A 368 -33.90 31.56 20.35
C ASN A 368 -32.88 32.69 20.30
N GLU A 369 -31.94 32.59 19.36
CA GLU A 369 -30.90 33.63 19.22
C GLU A 369 -31.52 34.99 18.94
N TYR A 370 -32.54 35.01 18.09
CA TYR A 370 -33.19 36.28 17.80
C TYR A 370 -34.07 36.70 18.99
N ARG A 371 -34.69 35.74 19.66
CA ARG A 371 -35.55 36.05 20.79
C ARG A 371 -34.75 36.53 21.99
N SER A 372 -33.43 36.29 21.99
CA SER A 372 -32.57 36.71 23.08
C SER A 372 -31.75 37.94 22.77
N ARG A 373 -31.05 37.93 21.64
CA ARG A 373 -30.23 39.07 21.30
C ARG A 373 -30.51 39.70 19.96
N GLY A 374 -31.67 39.39 19.40
CA GLY A 374 -32.04 39.95 18.10
C GLY A 374 -30.99 39.73 17.04
N GLY A 375 -30.34 38.57 17.07
CA GLY A 375 -29.33 38.29 16.09
C GLY A 375 -28.75 36.90 16.19
N CYS A 376 -28.28 36.40 15.06
CA CYS A 376 -27.69 35.08 14.97
C CYS A 376 -26.87 35.12 13.69
N PRO A 377 -25.55 35.30 13.80
CA PRO A 377 -24.70 35.36 12.60
C PRO A 377 -24.63 33.99 11.94
N ALA A 378 -25.02 33.91 10.67
CA ALA A 378 -25.02 32.64 9.98
C ALA A 378 -24.63 32.74 8.53
N ASP A 379 -23.83 31.76 8.11
CA ASP A 379 -23.33 31.67 6.74
C ASP A 379 -24.03 30.52 5.99
N TRP A 380 -25.12 30.89 5.31
CA TRP A 380 -25.95 29.98 4.52
C TRP A 380 -25.11 28.97 3.75
N ILE A 381 -24.16 29.48 2.98
CA ILE A 381 -23.30 28.62 2.17
C ILE A 381 -22.70 27.45 2.96
N TRP A 382 -22.47 27.65 4.26
CA TRP A 382 -21.88 26.62 5.10
C TRP A 382 -22.87 25.80 5.93
N LEU A 383 -24.04 26.39 6.19
CA LEU A 383 -25.05 25.73 6.99
C LEU A 383 -25.90 24.70 6.24
N VAL A 384 -26.31 25.03 5.01
CA VAL A 384 -27.12 24.13 4.21
C VAL A 384 -26.29 22.88 3.84
N PRO A 385 -26.80 21.67 4.18
CA PRO A 385 -26.14 20.39 3.92
C PRO A 385 -25.76 20.14 2.46
N PRO A 386 -24.66 19.39 2.25
CA PRO A 386 -24.12 19.05 0.92
C PRO A 386 -24.97 18.09 0.06
N MET A 387 -26.16 17.76 0.55
CA MET A 387 -27.09 16.89 -0.17
C MET A 387 -28.51 17.13 0.36
N SER A 388 -29.51 16.96 -0.49
CA SER A 388 -30.90 17.17 -0.09
C SER A 388 -31.07 18.58 0.48
N GLY A 389 -30.28 19.50 -0.04
CA GLY A 389 -30.30 20.89 0.40
C GLY A 389 -31.62 21.56 0.75
N SER A 390 -32.55 21.60 -0.20
CA SER A 390 -33.84 22.25 0.07
C SER A 390 -34.84 21.36 0.82
N ILE A 391 -34.45 20.12 1.10
CA ILE A 391 -35.32 19.21 1.86
C ILE A 391 -35.22 19.64 3.32
N THR A 392 -34.11 20.28 3.66
CA THR A 392 -33.88 20.77 5.03
C THR A 392 -34.37 22.21 5.13
N PRO A 393 -35.00 22.57 6.25
CA PRO A 393 -35.52 23.92 6.40
C PRO A 393 -34.52 25.09 6.35
N VAL A 394 -33.24 24.82 6.51
CA VAL A 394 -32.26 25.90 6.48
C VAL A 394 -32.14 26.55 5.10
N PHE A 395 -32.22 25.74 4.06
CA PHE A 395 -32.14 26.21 2.68
C PHE A 395 -33.16 27.32 2.38
N HIS A 396 -34.20 27.39 3.19
CA HIS A 396 -35.25 28.38 2.97
C HIS A 396 -35.15 29.52 3.96
N GLN A 397 -34.11 29.48 4.78
CA GLN A 397 -33.93 30.51 5.79
C GLN A 397 -32.99 31.61 5.32
N GLU A 398 -33.48 32.83 5.29
CA GLU A 398 -32.61 33.94 4.92
C GLU A 398 -31.78 34.18 6.16
N MET A 399 -30.51 34.55 5.97
CA MET A 399 -29.63 34.80 7.09
C MET A 399 -28.60 35.87 6.81
N LEU A 400 -28.04 36.46 7.87
CA LEU A 400 -27.02 37.49 7.74
C LEU A 400 -25.72 36.96 8.31
N ASN A 401 -24.62 37.16 7.59
CA ASN A 401 -23.35 36.68 8.10
C ASN A 401 -22.52 37.85 8.60
N TYR A 402 -21.88 37.66 9.75
CA TYR A 402 -21.03 38.70 10.31
C TYR A 402 -20.18 38.20 11.46
N VAL A 403 -19.05 38.89 11.68
CA VAL A 403 -18.11 38.51 12.73
C VAL A 403 -18.28 39.31 14.02
N LEU A 404 -18.28 38.59 15.14
CA LEU A 404 -18.44 39.20 16.47
C LEU A 404 -17.24 38.89 17.35
N SER A 405 -17.47 38.90 18.66
CA SER A 405 -16.43 38.61 19.64
C SER A 405 -17.08 38.06 20.90
N PRO A 406 -16.57 36.93 21.44
CA PRO A 406 -15.43 36.13 20.95
C PRO A 406 -15.69 35.52 19.58
N PHE A 407 -14.65 34.97 18.97
CA PHE A 407 -14.78 34.40 17.64
C PHE A 407 -13.66 33.39 17.35
N TYR A 408 -13.97 32.39 16.53
CA TYR A 408 -12.99 31.38 16.13
C TYR A 408 -12.50 31.74 14.74
N TYR A 409 -11.26 32.22 14.65
CA TYR A 409 -10.67 32.60 13.36
C TYR A 409 -9.79 31.49 12.80
N TYR A 410 -9.51 31.61 11.51
CA TYR A 410 -8.64 30.68 10.83
C TYR A 410 -7.22 31.22 11.09
N GLN A 411 -6.23 30.38 10.82
CA GLN A 411 -4.85 30.77 10.99
C GLN A 411 -4.11 30.32 9.75
N VAL A 412 -2.99 30.96 9.48
CA VAL A 412 -2.19 30.61 8.34
C VAL A 412 -1.43 29.35 8.70
N GLU A 413 -1.43 28.36 7.80
CA GLU A 413 -0.69 27.11 8.04
C GLU A 413 0.64 27.45 8.70
N ALA A 414 0.95 26.77 9.80
CA ALA A 414 2.19 27.04 10.52
C ALA A 414 3.44 26.81 9.68
N TRP A 415 3.49 25.69 8.98
CA TRP A 415 4.66 25.36 8.18
C TRP A 415 4.93 26.34 7.04
N LYS A 416 4.08 27.36 6.91
CA LYS A 416 4.24 28.36 5.86
C LYS A 416 4.93 29.59 6.42
N THR A 417 4.69 29.86 7.70
CA THR A 417 5.22 31.03 8.38
C THR A 417 6.22 30.68 9.47
N HIS A 418 6.51 29.41 9.63
CA HIS A 418 7.43 28.98 10.69
C HIS A 418 8.90 29.03 10.34
N VAL A 419 9.65 29.82 11.10
CA VAL A 419 11.10 29.94 10.89
C VAL A 419 11.72 28.85 11.76
N TRP A 420 12.41 27.90 11.13
CA TRP A 420 13.03 26.79 11.85
C TRP A 420 14.31 27.11 12.60
N GLN A 421 14.22 27.04 13.94
CA GLN A 421 15.34 27.32 14.84
C GLN A 421 16.49 26.35 14.57
N ASP A 422 16.16 25.14 14.15
CA ASP A 422 17.15 24.12 13.86
C ASP A 422 16.91 23.51 12.47
N ARG B 2 -5.05 44.87 -9.59
CA ARG B 2 -6.47 45.04 -9.16
C ARG B 2 -7.33 43.92 -9.72
N HIS B 3 -7.69 42.97 -8.86
CA HIS B 3 -8.53 41.84 -9.24
C HIS B 3 -8.73 40.92 -8.05
N VAL B 4 -9.60 39.93 -8.21
CA VAL B 4 -9.88 38.98 -7.16
C VAL B 4 -9.70 37.54 -7.63
N ARG B 5 -8.84 36.78 -6.94
CA ARG B 5 -8.61 35.39 -7.32
C ARG B 5 -9.64 34.50 -6.63
N ILE B 6 -10.25 33.61 -7.40
CA ILE B 6 -11.23 32.67 -6.89
C ILE B 6 -10.76 31.36 -7.44
N LYS B 7 -11.06 30.26 -6.76
CA LYS B 7 -10.61 28.97 -7.26
C LYS B 7 -11.62 27.86 -7.11
N ASN B 8 -11.35 26.74 -7.75
CA ASN B 8 -12.23 25.60 -7.63
C ASN B 8 -11.47 24.57 -6.83
N TRP B 9 -11.91 24.31 -5.60
CA TRP B 9 -11.24 23.35 -4.76
C TRP B 9 -11.36 21.91 -5.24
N GLY B 10 -12.25 21.69 -6.21
CA GLY B 10 -12.44 20.36 -6.74
C GLY B 10 -11.45 20.02 -7.85
N SER B 11 -11.05 21.00 -8.64
CA SER B 11 -10.12 20.76 -9.73
C SER B 11 -8.82 21.49 -9.53
N GLY B 12 -8.86 22.54 -8.71
CA GLY B 12 -7.66 23.30 -8.48
C GLY B 12 -7.54 24.48 -9.43
N MET B 13 -8.44 24.55 -10.40
CA MET B 13 -8.43 25.65 -11.35
C MET B 13 -8.72 26.97 -10.65
N THR B 14 -8.05 28.03 -11.10
CA THR B 14 -8.19 29.37 -10.54
C THR B 14 -8.43 30.42 -11.61
N PHE B 15 -9.21 31.45 -11.28
CA PHE B 15 -9.51 32.55 -12.19
C PHE B 15 -9.18 33.85 -11.48
N GLN B 16 -9.09 34.93 -12.25
CA GLN B 16 -8.83 36.24 -11.68
C GLN B 16 -9.94 37.13 -12.20
N ASP B 17 -10.78 37.65 -11.31
CA ASP B 17 -11.90 38.47 -11.73
C ASP B 17 -11.61 39.95 -11.66
N THR B 18 -11.79 40.63 -12.79
CA THR B 18 -11.55 42.07 -12.91
C THR B 18 -12.79 42.79 -13.40
N LEU B 19 -13.79 42.00 -13.83
CA LEU B 19 -15.05 42.54 -14.34
C LEU B 19 -15.95 43.12 -13.25
N HIS B 20 -15.84 42.61 -12.04
CA HIS B 20 -16.66 43.11 -10.95
C HIS B 20 -16.45 44.60 -10.73
N HIS B 21 -15.38 45.16 -11.30
CA HIS B 21 -15.10 46.58 -11.12
C HIS B 21 -16.06 47.47 -11.89
N LYS B 22 -16.57 46.95 -12.99
CA LYS B 22 -17.52 47.71 -13.80
C LYS B 22 -18.94 47.64 -13.24
N ALA B 23 -19.13 46.88 -12.16
CA ALA B 23 -20.47 46.68 -11.58
C ALA B 23 -21.14 47.87 -10.89
N LYS B 24 -22.44 47.74 -10.67
CA LYS B 24 -23.25 48.77 -10.02
C LYS B 24 -23.25 48.65 -8.49
N GLY B 25 -22.94 49.75 -7.80
CA GLY B 25 -22.90 49.74 -6.34
C GLY B 25 -24.25 49.71 -5.65
N ILE B 26 -25.08 48.76 -6.03
CA ILE B 26 -26.42 48.65 -5.47
C ILE B 26 -26.65 47.54 -4.44
N LEU B 27 -25.66 46.67 -4.24
CA LEU B 27 -25.75 45.57 -3.27
C LEU B 27 -25.82 46.13 -1.85
N THR B 28 -26.33 45.33 -0.92
CA THR B 28 -26.47 45.77 0.47
C THR B 28 -25.39 45.23 1.40
N CYS B 29 -24.51 44.38 0.88
CA CYS B 29 -23.41 43.84 1.67
C CYS B 29 -22.43 44.96 1.98
N ARG B 30 -21.96 44.97 3.22
CA ARG B 30 -21.00 45.97 3.70
C ARG B 30 -19.88 45.23 4.42
N SER B 31 -18.90 45.98 4.92
CA SER B 31 -17.77 45.37 5.63
C SER B 31 -18.21 44.75 6.94
N LYS B 32 -19.35 45.20 7.47
CA LYS B 32 -19.83 44.67 8.73
C LYS B 32 -20.83 43.53 8.67
N SER B 33 -21.34 43.20 7.49
CA SER B 33 -22.29 42.09 7.38
C SER B 33 -22.64 41.74 5.95
N CYS B 34 -22.73 40.43 5.66
CA CYS B 34 -23.09 39.96 4.32
C CYS B 34 -24.56 39.55 4.27
N LEU B 35 -25.28 40.05 3.27
CA LEU B 35 -26.71 39.74 3.10
C LEU B 35 -26.94 38.98 1.80
N GLY B 36 -25.90 38.30 1.33
CA GLY B 36 -25.99 37.54 0.10
C GLY B 36 -27.13 36.55 0.04
N SER B 37 -27.64 36.12 1.19
CA SER B 37 -28.71 35.13 1.15
C SER B 37 -30.15 35.65 1.13
N ILE B 38 -30.37 36.96 1.15
CA ILE B 38 -31.75 37.44 1.08
C ILE B 38 -32.23 37.16 -0.36
N MET B 39 -33.31 36.40 -0.47
CA MET B 39 -33.86 35.96 -1.75
C MET B 39 -34.32 36.99 -2.79
N THR B 40 -35.25 37.85 -2.42
CA THR B 40 -35.73 38.86 -3.35
C THR B 40 -35.49 40.25 -2.76
N PRO B 41 -34.22 40.69 -2.77
CA PRO B 41 -33.75 41.97 -2.24
C PRO B 41 -34.17 43.16 -3.05
N LYS B 42 -34.16 44.33 -2.42
CA LYS B 42 -34.49 45.56 -3.13
C LYS B 42 -33.37 45.86 -4.11
N SER B 43 -32.17 45.42 -3.77
CA SER B 43 -31.01 45.65 -4.63
C SER B 43 -31.20 45.08 -6.02
N LEU B 44 -31.86 43.93 -6.09
CA LEU B 44 -32.13 43.24 -7.36
C LEU B 44 -33.53 43.55 -7.91
N THR B 45 -34.17 44.56 -7.36
CA THR B 45 -35.50 44.96 -7.80
C THR B 45 -35.53 46.37 -8.37
N ARG B 46 -36.30 46.54 -9.44
CA ARG B 46 -36.45 47.85 -10.06
C ARG B 46 -37.94 48.15 -10.05
N GLY B 47 -38.40 48.83 -9.00
CA GLY B 47 -39.81 49.14 -8.87
C GLY B 47 -40.43 50.14 -9.84
N PRO B 48 -41.61 50.67 -9.51
CA PRO B 48 -42.32 51.64 -10.36
C PRO B 48 -41.90 53.11 -10.13
N ARG B 49 -42.44 54.00 -10.94
CA ARG B 49 -42.19 55.45 -10.82
C ARG B 49 -43.31 56.19 -11.57
N ASP B 50 -43.61 57.42 -11.15
CA ASP B 50 -44.67 58.20 -11.81
C ASP B 50 -44.16 59.33 -12.71
N LYS B 51 -42.85 59.38 -12.92
CA LYS B 51 -42.26 60.41 -13.77
C LYS B 51 -41.27 59.72 -14.68
N PRO B 52 -40.98 60.31 -15.85
CA PRO B 52 -40.02 59.71 -16.79
C PRO B 52 -38.60 59.82 -16.24
N THR B 53 -37.69 58.98 -16.75
CA THR B 53 -36.30 59.03 -16.29
C THR B 53 -35.70 60.35 -16.74
N PRO B 54 -35.13 61.13 -15.81
CA PRO B 54 -34.53 62.40 -16.18
C PRO B 54 -33.43 62.20 -17.23
N PRO B 55 -33.38 63.08 -18.25
CA PRO B 55 -32.39 63.01 -19.33
C PRO B 55 -30.94 63.18 -18.87
N ASP B 56 -30.73 63.98 -17.83
CA ASP B 56 -29.37 64.20 -17.30
C ASP B 56 -28.76 62.92 -16.74
N GLU B 57 -29.61 61.99 -16.29
CA GLU B 57 -29.18 60.73 -15.72
C GLU B 57 -29.22 59.62 -16.75
N LEU B 58 -30.07 59.80 -17.77
CA LEU B 58 -30.22 58.81 -18.82
C LEU B 58 -29.10 58.81 -19.85
N LEU B 59 -28.78 59.99 -20.37
CA LEU B 59 -27.72 60.15 -21.38
C LEU B 59 -26.46 59.31 -21.12
N PRO B 60 -25.88 59.46 -19.91
CA PRO B 60 -24.68 58.69 -19.58
C PRO B 60 -24.87 57.21 -19.88
N GLN B 61 -25.92 56.63 -19.29
CA GLN B 61 -26.27 55.22 -19.45
C GLN B 61 -26.52 54.85 -20.90
N ALA B 62 -27.17 55.73 -21.65
CA ALA B 62 -27.42 55.46 -23.06
C ALA B 62 -26.08 55.29 -23.77
N ILE B 63 -25.20 56.26 -23.61
CA ILE B 63 -23.88 56.22 -24.25
C ILE B 63 -23.08 54.99 -23.85
N GLU B 64 -23.04 54.71 -22.54
CA GLU B 64 -22.32 53.58 -21.99
C GLU B 64 -22.74 52.27 -22.66
N PHE B 65 -24.04 52.17 -22.99
CA PHE B 65 -24.57 50.97 -23.65
C PHE B 65 -24.12 50.92 -25.10
N VAL B 66 -24.19 52.07 -25.77
CA VAL B 66 -23.79 52.16 -27.17
C VAL B 66 -22.31 51.78 -27.32
N ASN B 67 -21.48 52.29 -26.42
CA ASN B 67 -20.06 51.96 -26.45
C ASN B 67 -19.96 50.44 -26.35
N GLN B 68 -20.56 49.91 -25.28
CA GLN B 68 -20.56 48.47 -25.00
C GLN B 68 -21.07 47.62 -26.17
N TYR B 69 -22.16 48.05 -26.80
CA TYR B 69 -22.70 47.31 -27.93
C TYR B 69 -21.73 47.31 -29.09
N TYR B 70 -21.14 48.47 -29.38
CA TYR B 70 -20.21 48.58 -30.49
C TYR B 70 -18.86 47.93 -30.18
N GLY B 71 -18.50 47.92 -28.91
CA GLY B 71 -17.24 47.30 -28.54
C GLY B 71 -17.34 45.79 -28.54
N SER B 72 -18.43 45.26 -29.08
CA SER B 72 -18.64 43.81 -29.09
C SER B 72 -18.44 43.22 -30.48
N PHE B 73 -18.02 44.06 -31.42
CA PHE B 73 -17.81 43.63 -32.79
C PHE B 73 -16.42 43.09 -33.09
N LYS B 74 -16.38 42.07 -33.93
CA LYS B 74 -15.12 41.45 -34.35
C LYS B 74 -14.14 42.56 -34.72
N GLU B 75 -14.59 43.47 -35.58
CA GLU B 75 -13.80 44.60 -36.04
C GLU B 75 -14.60 45.88 -35.82
N ALA B 76 -13.99 46.85 -35.14
CA ALA B 76 -14.65 48.13 -34.85
C ALA B 76 -15.30 48.82 -36.06
N LYS B 77 -16.38 49.54 -35.80
CA LYS B 77 -17.10 50.29 -36.83
C LYS B 77 -17.11 51.76 -36.45
N ILE B 78 -15.90 52.31 -36.31
CA ILE B 78 -15.66 53.71 -35.95
C ILE B 78 -16.75 54.71 -36.32
N GLU B 79 -17.02 54.85 -37.62
CA GLU B 79 -18.03 55.79 -38.09
C GLU B 79 -19.41 55.47 -37.52
N GLU B 80 -19.88 54.25 -37.73
CA GLU B 80 -21.19 53.81 -37.23
C GLU B 80 -21.31 54.04 -35.73
N HIS B 81 -20.31 53.57 -35.00
CA HIS B 81 -20.31 53.73 -33.55
C HIS B 81 -20.49 55.20 -33.18
N LEU B 82 -19.60 56.05 -33.69
CA LEU B 82 -19.64 57.48 -33.39
C LEU B 82 -20.92 58.19 -33.83
N ALA B 83 -21.40 57.85 -35.03
CA ALA B 83 -22.61 58.47 -35.53
C ALA B 83 -23.81 58.10 -34.64
N ARG B 84 -23.80 56.86 -34.17
CA ARG B 84 -24.87 56.32 -33.30
C ARG B 84 -25.00 57.08 -31.99
N VAL B 85 -23.87 57.53 -31.45
CA VAL B 85 -23.84 58.28 -30.21
C VAL B 85 -24.48 59.68 -30.37
N GLU B 86 -24.23 60.31 -31.53
CA GLU B 86 -24.79 61.63 -31.81
C GLU B 86 -26.30 61.51 -31.88
N ALA B 87 -26.75 60.50 -32.62
CA ALA B 87 -28.16 60.22 -32.81
C ALA B 87 -28.89 60.04 -31.48
N VAL B 88 -28.35 59.17 -30.63
CA VAL B 88 -28.98 58.92 -29.34
C VAL B 88 -29.05 60.20 -28.52
N THR B 89 -27.99 60.99 -28.55
CA THR B 89 -27.94 62.25 -27.81
C THR B 89 -29.02 63.24 -28.26
N LYS B 90 -29.09 63.47 -29.58
CA LYS B 90 -30.08 64.38 -30.15
C LYS B 90 -31.47 63.85 -29.83
N GLU B 91 -31.63 62.55 -30.00
CA GLU B 91 -32.90 61.88 -29.74
C GLU B 91 -33.32 62.07 -28.28
N ILE B 92 -32.40 61.81 -27.36
CA ILE B 92 -32.69 61.98 -25.95
C ILE B 92 -32.85 63.45 -25.63
N GLU B 93 -32.17 64.28 -26.40
CA GLU B 93 -32.21 65.73 -26.23
C GLU B 93 -33.52 66.38 -26.69
N THR B 94 -34.16 65.78 -27.69
CA THR B 94 -35.41 66.32 -28.21
C THR B 94 -36.69 65.64 -27.73
N THR B 95 -36.60 64.35 -27.37
CA THR B 95 -37.77 63.61 -26.89
C THR B 95 -37.61 63.20 -25.42
N GLY B 96 -36.40 63.34 -24.88
CA GLY B 96 -36.15 62.98 -23.49
C GLY B 96 -35.97 61.48 -23.31
N THR B 97 -35.78 60.76 -24.40
CA THR B 97 -35.59 59.31 -24.37
C THR B 97 -35.09 58.88 -25.75
N TYR B 98 -34.80 57.60 -25.92
CA TYR B 98 -34.35 57.10 -27.20
C TYR B 98 -34.89 55.71 -27.46
N GLN B 99 -34.83 55.28 -28.72
CA GLN B 99 -35.29 53.95 -29.12
C GLN B 99 -34.06 53.14 -29.52
N LEU B 100 -34.05 51.87 -29.16
CA LEU B 100 -32.95 51.00 -29.52
C LEU B 100 -33.25 50.53 -30.92
N THR B 101 -32.27 49.95 -31.58
CA THR B 101 -32.47 49.42 -32.92
C THR B 101 -32.73 47.93 -32.75
N GLY B 102 -33.04 47.24 -33.84
CA GLY B 102 -33.32 45.82 -33.75
C GLY B 102 -32.12 45.02 -33.29
N ASP B 103 -30.95 45.35 -33.82
CA ASP B 103 -29.72 44.64 -33.46
C ASP B 103 -29.27 44.97 -32.04
N GLU B 104 -29.50 46.21 -31.62
CA GLU B 104 -29.14 46.63 -30.26
C GLU B 104 -30.02 45.91 -29.25
N LEU B 105 -31.31 45.77 -29.58
CA LEU B 105 -32.25 45.08 -28.70
C LEU B 105 -31.82 43.63 -28.58
N ILE B 106 -31.58 42.97 -29.70
CA ILE B 106 -31.14 41.59 -29.63
C ILE B 106 -29.89 41.51 -28.74
N PHE B 107 -28.90 42.36 -29.02
CA PHE B 107 -27.67 42.39 -28.24
C PHE B 107 -27.98 42.53 -26.75
N ALA B 108 -28.81 43.50 -26.43
CA ALA B 108 -29.17 43.76 -25.05
C ALA B 108 -29.75 42.54 -24.34
N THR B 109 -30.72 41.88 -24.95
CA THR B 109 -31.34 40.71 -24.32
C THR B 109 -30.35 39.57 -24.08
N LYS B 110 -29.60 39.18 -25.10
CA LYS B 110 -28.64 38.10 -24.93
C LYS B 110 -27.58 38.50 -23.91
N GLN B 111 -27.24 39.78 -23.86
CA GLN B 111 -26.26 40.28 -22.91
C GLN B 111 -26.81 40.26 -21.50
N ALA B 112 -28.06 40.68 -21.34
CA ALA B 112 -28.71 40.68 -20.04
C ALA B 112 -28.68 39.26 -19.50
N TRP B 113 -29.11 38.30 -20.32
CA TRP B 113 -29.13 36.89 -19.92
C TRP B 113 -27.74 36.50 -19.46
N ARG B 114 -26.75 36.94 -20.21
CA ARG B 114 -25.34 36.67 -19.92
C ARG B 114 -24.94 37.18 -18.53
N ASN B 115 -25.53 38.28 -18.08
CA ASN B 115 -25.19 38.84 -16.78
C ASN B 115 -26.10 38.39 -15.64
N ALA B 116 -27.00 37.44 -15.90
CA ALA B 116 -27.90 36.95 -14.85
C ALA B 116 -27.13 36.00 -13.93
N PRO B 117 -26.65 36.51 -12.79
CA PRO B 117 -25.86 35.73 -11.81
C PRO B 117 -26.50 34.43 -11.36
N ARG B 118 -27.83 34.40 -11.31
CA ARG B 118 -28.56 33.22 -10.86
C ARG B 118 -28.90 32.16 -11.92
N CYS B 119 -28.60 32.42 -13.18
CA CYS B 119 -28.90 31.43 -14.21
C CYS B 119 -27.77 30.44 -14.46
N ILE B 120 -28.04 29.16 -14.21
CA ILE B 120 -27.04 28.13 -14.41
C ILE B 120 -26.93 27.68 -15.86
N GLY B 121 -27.90 28.05 -16.69
CA GLY B 121 -27.88 27.65 -18.08
C GLY B 121 -27.38 28.67 -19.07
N ARG B 122 -26.53 29.59 -18.60
CA ARG B 122 -25.97 30.66 -19.42
C ARG B 122 -25.10 30.22 -20.60
N ILE B 123 -24.67 28.95 -20.61
CA ILE B 123 -23.85 28.47 -21.71
C ILE B 123 -24.59 28.65 -23.03
N GLN B 124 -25.91 28.82 -22.94
CA GLN B 124 -26.79 28.96 -24.10
C GLN B 124 -27.14 30.40 -24.46
N TRP B 125 -26.54 31.38 -23.80
CA TRP B 125 -26.87 32.78 -24.06
C TRP B 125 -26.81 33.21 -25.52
N SER B 126 -26.01 32.52 -26.32
CA SER B 126 -25.88 32.86 -27.74
C SER B 126 -27.17 32.57 -28.51
N ASN B 127 -27.83 31.47 -28.16
CA ASN B 127 -29.06 31.08 -28.82
C ASN B 127 -30.30 31.60 -28.10
N LEU B 128 -30.84 32.69 -28.62
CA LEU B 128 -32.02 33.33 -28.08
C LEU B 128 -32.81 33.91 -29.24
N GLN B 129 -34.14 33.84 -29.15
CA GLN B 129 -35.01 34.38 -30.19
C GLN B 129 -35.59 35.67 -29.64
N VAL B 130 -35.56 36.73 -30.43
CA VAL B 130 -36.08 38.01 -29.96
C VAL B 130 -37.34 38.42 -30.73
N PHE B 131 -38.46 38.45 -30.01
CA PHE B 131 -39.73 38.85 -30.62
C PHE B 131 -39.95 40.32 -30.27
N ASP B 132 -39.88 41.18 -31.27
CA ASP B 132 -40.06 42.61 -31.07
C ASP B 132 -41.53 43.01 -31.02
N ALA B 133 -42.02 43.37 -29.85
CA ALA B 133 -43.41 43.77 -29.71
C ALA B 133 -43.50 45.12 -29.02
N ARG B 134 -42.52 45.98 -29.30
CA ARG B 134 -42.47 47.32 -28.71
C ARG B 134 -43.47 48.28 -29.35
N SER B 135 -44.13 47.83 -30.41
CA SER B 135 -45.15 48.62 -31.10
C SER B 135 -46.51 48.11 -30.66
N CYS B 136 -46.51 47.27 -29.63
CA CYS B 136 -47.73 46.70 -29.07
C CYS B 136 -48.54 47.83 -28.46
N SER B 137 -49.86 47.65 -28.36
CA SER B 137 -50.72 48.70 -27.81
C SER B 137 -52.00 48.23 -27.15
N THR B 138 -52.17 46.93 -26.98
CA THR B 138 -53.39 46.43 -26.35
C THR B 138 -53.22 45.10 -25.65
N ALA B 139 -54.09 44.85 -24.67
CA ALA B 139 -54.05 43.59 -23.93
C ALA B 139 -54.26 42.37 -24.85
N ARG B 140 -55.12 42.49 -25.85
CA ARG B 140 -55.33 41.36 -26.74
C ARG B 140 -54.11 41.16 -27.62
N GLU B 141 -53.45 42.27 -27.97
CA GLU B 141 -52.26 42.21 -28.81
C GLU B 141 -51.14 41.53 -28.03
N MET B 142 -51.05 41.82 -26.73
CA MET B 142 -50.06 41.20 -25.88
C MET B 142 -50.36 39.72 -25.87
N PHE B 143 -51.63 39.39 -25.61
CA PHE B 143 -52.04 38.00 -25.56
C PHE B 143 -51.58 37.27 -26.82
N GLU B 144 -51.80 37.88 -27.97
CA GLU B 144 -51.39 37.25 -29.21
C GLU B 144 -49.87 37.03 -29.23
N HIS B 145 -49.10 38.08 -28.99
CA HIS B 145 -47.63 37.96 -28.96
C HIS B 145 -47.24 36.82 -28.05
N ILE B 146 -47.86 36.76 -26.87
CA ILE B 146 -47.55 35.71 -25.89
C ILE B 146 -47.82 34.32 -26.44
N CYS B 147 -48.93 34.14 -27.13
CA CYS B 147 -49.27 32.84 -27.68
C CYS B 147 -48.29 32.51 -28.81
N ARG B 148 -47.84 33.54 -29.53
CA ARG B 148 -46.89 33.35 -30.62
C ARG B 148 -45.59 32.80 -30.02
N HIS B 149 -45.17 33.41 -28.92
CA HIS B 149 -43.97 33.03 -28.17
C HIS B 149 -44.08 31.60 -27.64
N VAL B 150 -45.18 31.31 -26.93
CA VAL B 150 -45.44 29.97 -26.39
C VAL B 150 -45.40 28.88 -27.46
N ARG B 151 -45.89 29.21 -28.66
CA ARG B 151 -45.88 28.23 -29.73
C ARG B 151 -44.47 28.03 -30.29
N TYR B 152 -43.76 29.13 -30.56
CA TYR B 152 -42.40 29.04 -31.09
C TYR B 152 -41.50 28.29 -30.12
N SER B 153 -41.63 28.64 -28.84
CA SER B 153 -40.81 28.02 -27.80
C SER B 153 -41.08 26.55 -27.54
N THR B 154 -42.33 26.17 -27.29
CA THR B 154 -42.63 24.76 -27.02
C THR B 154 -42.11 23.90 -28.16
N ASN B 155 -42.31 24.36 -29.39
CA ASN B 155 -41.83 23.67 -30.59
C ASN B 155 -42.05 22.15 -30.57
N ASN B 156 -43.17 21.73 -29.97
CA ASN B 156 -43.55 20.32 -29.88
C ASN B 156 -42.59 19.44 -29.07
N GLY B 157 -42.07 19.99 -27.97
CA GLY B 157 -41.16 19.24 -27.14
C GLY B 157 -39.72 19.67 -27.28
N ASN B 158 -39.31 20.10 -28.47
CA ASN B 158 -37.94 20.55 -28.69
C ASN B 158 -37.87 22.02 -28.29
N ILE B 159 -37.91 22.26 -26.98
CA ILE B 159 -37.91 23.61 -26.44
C ILE B 159 -36.82 24.52 -27.02
N ARG B 160 -37.20 25.78 -27.20
CA ARG B 160 -36.31 26.81 -27.73
C ARG B 160 -36.40 28.07 -26.89
N SER B 161 -35.25 28.59 -26.48
CA SER B 161 -35.23 29.80 -25.65
C SER B 161 -35.59 31.02 -26.49
N ALA B 162 -36.54 31.80 -25.98
CA ALA B 162 -37.01 33.00 -26.66
C ALA B 162 -37.49 34.06 -25.66
N ILE B 163 -37.52 35.30 -26.12
CA ILE B 163 -37.95 36.42 -25.30
C ILE B 163 -38.84 37.36 -26.12
N THR B 164 -39.86 37.92 -25.49
CA THR B 164 -40.76 38.84 -26.16
C THR B 164 -40.60 40.18 -25.43
N VAL B 165 -40.38 41.25 -26.17
CA VAL B 165 -40.18 42.54 -25.54
C VAL B 165 -41.30 43.53 -25.85
N PHE B 166 -42.06 43.91 -24.83
CA PHE B 166 -43.15 44.86 -25.03
C PHE B 166 -42.59 46.28 -24.92
N PRO B 167 -43.41 47.30 -25.17
CA PRO B 167 -42.97 48.69 -25.09
C PRO B 167 -42.09 48.99 -23.90
N GLN B 168 -41.16 49.93 -24.08
CA GLN B 168 -40.27 50.32 -23.01
C GLN B 168 -41.10 51.24 -22.11
N ARG B 169 -40.66 51.43 -20.88
CA ARG B 169 -41.39 52.30 -19.97
C ARG B 169 -41.16 53.76 -20.34
N SER B 170 -42.22 54.57 -20.26
CA SER B 170 -42.13 55.98 -20.58
C SER B 170 -42.24 56.82 -19.32
N ASP B 171 -43.46 57.26 -18.99
CA ASP B 171 -43.66 58.07 -17.79
C ASP B 171 -43.83 57.23 -16.53
N GLY B 172 -44.02 55.93 -16.72
CA GLY B 172 -44.18 55.04 -15.58
C GLY B 172 -45.62 54.83 -15.16
N LYS B 173 -46.55 55.33 -15.95
CA LYS B 173 -47.98 55.20 -15.66
C LYS B 173 -48.68 54.43 -16.77
N HIS B 174 -47.91 54.05 -17.78
CA HIS B 174 -48.45 53.32 -18.93
C HIS B 174 -47.65 52.03 -19.13
N ASP B 175 -47.37 51.34 -18.04
CA ASP B 175 -46.59 50.11 -18.05
C ASP B 175 -47.27 48.94 -18.75
N PHE B 176 -46.52 48.28 -19.62
CA PHE B 176 -47.00 47.10 -20.33
C PHE B 176 -46.37 45.89 -19.63
N ARG B 177 -47.12 45.23 -18.75
CA ARG B 177 -46.55 44.08 -18.07
C ARG B 177 -47.52 42.96 -17.77
N VAL B 178 -46.96 41.77 -17.56
CA VAL B 178 -47.72 40.58 -17.23
C VAL B 178 -47.68 40.43 -15.72
N TRP B 179 -48.84 40.36 -15.10
CA TRP B 179 -48.92 40.25 -13.64
C TRP B 179 -48.48 38.89 -13.10
N ASN B 180 -48.57 37.85 -13.91
CA ASN B 180 -48.18 36.52 -13.46
C ASN B 180 -46.66 36.42 -13.36
N ALA B 181 -46.17 35.36 -12.73
CA ALA B 181 -44.73 35.16 -12.60
C ALA B 181 -44.23 34.27 -13.72
N GLN B 182 -45.15 33.58 -14.40
CA GLN B 182 -44.79 32.70 -15.50
C GLN B 182 -45.94 32.63 -16.50
N LEU B 183 -45.63 32.54 -17.79
CA LEU B 183 -46.68 32.47 -18.80
C LEU B 183 -47.56 31.27 -18.54
N ILE B 184 -46.98 30.22 -17.95
CA ILE B 184 -47.74 29.00 -17.61
C ILE B 184 -47.51 28.66 -16.14
N ARG B 185 -48.60 28.50 -15.38
CA ARG B 185 -48.48 28.22 -13.96
C ARG B 185 -49.84 27.78 -13.41
N TYR B 186 -49.87 26.69 -12.63
CA TYR B 186 -51.14 26.19 -12.05
C TYR B 186 -51.71 27.01 -10.90
N ALA B 187 -53.03 27.01 -10.78
CA ALA B 187 -53.73 27.78 -9.74
C ALA B 187 -53.66 27.25 -8.32
N GLY B 188 -53.94 28.15 -7.37
CA GLY B 188 -53.91 27.79 -5.96
C GLY B 188 -55.25 28.12 -5.32
N TYR B 189 -55.98 27.08 -4.93
CA TYR B 189 -57.28 27.27 -4.33
C TYR B 189 -57.31 27.15 -2.82
N GLN B 190 -57.79 28.20 -2.18
CA GLN B 190 -57.92 28.21 -0.74
C GLN B 190 -59.23 27.50 -0.46
N MET B 191 -59.17 26.26 0.03
CA MET B 191 -60.37 25.51 0.31
C MET B 191 -61.03 26.03 1.57
N PRO B 192 -62.28 25.61 1.84
CA PRO B 192 -63.00 26.06 3.04
C PRO B 192 -62.46 25.50 4.36
N ASP B 193 -61.91 24.29 4.33
CA ASP B 193 -61.36 23.68 5.53
C ASP B 193 -60.04 24.33 5.93
N GLY B 194 -59.59 25.28 5.12
CA GLY B 194 -58.35 25.97 5.40
C GLY B 194 -57.20 25.43 4.58
N SER B 195 -57.37 24.22 4.03
CA SER B 195 -56.33 23.60 3.22
C SER B 195 -56.13 24.32 1.89
N ILE B 196 -55.13 23.91 1.14
CA ILE B 196 -54.85 24.51 -0.16
C ILE B 196 -54.92 23.44 -1.24
N ARG B 197 -55.59 23.77 -2.34
CA ARG B 197 -55.73 22.85 -3.46
C ARG B 197 -54.93 23.40 -4.63
N GLY B 198 -53.97 22.62 -5.11
CA GLY B 198 -53.16 23.05 -6.23
C GLY B 198 -51.81 23.59 -5.78
N ASP B 199 -51.33 24.62 -6.46
CA ASP B 199 -50.04 25.22 -6.12
C ASP B 199 -50.26 26.34 -5.13
N PRO B 200 -49.98 26.10 -3.84
CA PRO B 200 -50.14 27.10 -2.77
C PRO B 200 -49.30 28.35 -2.99
N ALA B 201 -48.31 28.25 -3.86
CA ALA B 201 -47.44 29.37 -4.16
C ALA B 201 -48.22 30.44 -4.91
N ASN B 202 -49.39 30.07 -5.43
CA ASN B 202 -50.20 30.99 -6.23
C ASN B 202 -51.60 31.31 -5.70
N VAL B 203 -51.79 31.28 -4.40
CA VAL B 203 -53.12 31.57 -3.87
C VAL B 203 -53.57 33.00 -4.17
N GLU B 204 -52.65 33.96 -4.10
CA GLU B 204 -52.96 35.38 -4.34
C GLU B 204 -53.41 35.73 -5.75
N ILE B 205 -52.69 35.26 -6.76
CA ILE B 205 -53.05 35.56 -8.14
C ILE B 205 -54.29 34.77 -8.54
N THR B 206 -54.41 33.54 -8.03
CA THR B 206 -55.58 32.71 -8.33
C THR B 206 -56.86 33.39 -7.85
N GLN B 207 -56.77 34.10 -6.74
CA GLN B 207 -57.93 34.80 -6.17
C GLN B 207 -58.22 36.07 -6.99
N LEU B 208 -57.17 36.82 -7.32
CA LEU B 208 -57.33 38.01 -8.13
C LEU B 208 -58.06 37.61 -9.42
N CYS B 209 -57.75 36.42 -9.93
CA CYS B 209 -58.41 35.93 -11.15
C CYS B 209 -59.89 35.69 -10.91
N ILE B 210 -60.20 34.97 -9.84
CA ILE B 210 -61.58 34.67 -9.49
C ILE B 210 -62.33 35.99 -9.30
N ASP B 211 -61.63 36.98 -8.74
CA ASP B 211 -62.23 38.29 -8.52
C ASP B 211 -62.47 38.98 -9.86
N LEU B 212 -61.77 38.54 -10.89
CA LEU B 212 -61.92 39.14 -12.22
C LEU B 212 -62.76 38.34 -13.20
N GLY B 213 -63.65 37.50 -12.70
CA GLY B 213 -64.52 36.73 -13.56
C GLY B 213 -64.03 35.36 -14.01
N TRP B 214 -62.89 34.94 -13.51
CA TRP B 214 -62.40 33.62 -13.90
C TRP B 214 -63.19 32.58 -13.12
N LYS B 215 -63.49 31.46 -13.77
CA LYS B 215 -64.24 30.40 -13.12
C LYS B 215 -63.28 29.31 -12.65
N PRO B 216 -63.19 29.13 -11.34
CA PRO B 216 -62.32 28.12 -10.73
C PRO B 216 -62.83 26.69 -10.95
N LYS B 217 -61.92 25.80 -11.34
CA LYS B 217 -62.26 24.41 -11.59
C LYS B 217 -61.77 23.56 -10.43
N TYR B 218 -61.26 24.24 -9.40
CA TYR B 218 -60.72 23.60 -8.21
C TYR B 218 -60.00 22.28 -8.50
N GLY B 219 -59.12 22.33 -9.49
CA GLY B 219 -58.34 21.18 -9.89
C GLY B 219 -57.00 21.21 -9.19
N ARG B 220 -56.16 20.21 -9.44
CA ARG B 220 -54.87 20.11 -8.79
C ARG B 220 -53.74 20.69 -9.66
N PHE B 221 -54.01 20.83 -10.96
CA PHE B 221 -53.05 21.38 -11.92
C PHE B 221 -53.82 22.21 -12.96
N ASP B 222 -54.55 23.21 -12.49
CA ASP B 222 -55.32 24.09 -13.37
C ASP B 222 -54.52 25.28 -13.90
N VAL B 223 -54.27 25.30 -15.20
CA VAL B 223 -53.51 26.40 -15.77
C VAL B 223 -54.27 27.69 -15.57
N LEU B 224 -53.58 28.67 -14.99
CA LEU B 224 -54.15 29.99 -14.72
C LEU B 224 -54.19 30.85 -15.97
N PRO B 225 -55.11 31.82 -16.00
CA PRO B 225 -55.24 32.73 -17.14
C PRO B 225 -54.14 33.80 -17.05
N LEU B 226 -53.86 34.48 -18.17
CA LEU B 226 -52.83 35.52 -18.20
C LEU B 226 -53.41 36.88 -17.86
N VAL B 227 -52.99 37.43 -16.73
CA VAL B 227 -53.46 38.76 -16.32
C VAL B 227 -52.56 39.78 -17.04
N LEU B 228 -53.11 40.44 -18.07
CA LEU B 228 -52.32 41.39 -18.86
C LEU B 228 -52.62 42.87 -18.67
N GLN B 229 -51.58 43.62 -18.31
CA GLN B 229 -51.68 45.06 -18.10
C GLN B 229 -51.07 45.78 -19.30
N ALA B 230 -51.93 46.36 -20.13
CA ALA B 230 -51.48 47.08 -21.31
C ALA B 230 -51.64 48.59 -21.13
N ASN B 231 -50.58 49.33 -21.49
CA ASN B 231 -50.56 50.79 -21.40
C ASN B 231 -51.00 51.35 -20.05
N GLY B 232 -50.64 50.66 -18.98
CA GLY B 232 -50.98 51.11 -17.64
C GLY B 232 -52.44 50.96 -17.24
N ARG B 233 -53.24 50.39 -18.13
CA ARG B 233 -54.67 50.19 -17.87
C ARG B 233 -54.88 49.06 -16.86
N ASP B 234 -56.10 48.90 -16.38
CA ASP B 234 -56.40 47.81 -15.45
C ASP B 234 -56.14 46.51 -16.21
N PRO B 235 -55.80 45.44 -15.50
CA PRO B 235 -55.54 44.18 -16.18
C PRO B 235 -56.79 43.52 -16.75
N GLU B 236 -56.57 42.53 -17.62
CA GLU B 236 -57.64 41.78 -18.27
C GLU B 236 -57.14 40.35 -18.48
N LEU B 237 -58.04 39.38 -18.30
CA LEU B 237 -57.66 37.98 -18.44
C LEU B 237 -57.76 37.49 -19.88
N PHE B 238 -56.90 36.54 -20.22
CA PHE B 238 -56.84 35.92 -21.53
C PHE B 238 -56.42 34.51 -21.23
N GLU B 239 -57.19 33.53 -21.68
CA GLU B 239 -56.82 32.15 -21.42
C GLU B 239 -55.96 31.59 -22.54
N ILE B 240 -54.80 31.04 -22.18
CA ILE B 240 -53.94 30.46 -23.18
C ILE B 240 -54.67 29.23 -23.71
N PRO B 241 -54.87 29.15 -25.03
CA PRO B 241 -55.56 28.02 -25.64
C PRO B 241 -55.06 26.69 -25.07
N PRO B 242 -55.97 25.85 -24.56
CA PRO B 242 -55.54 24.57 -24.00
C PRO B 242 -54.73 23.82 -25.04
N ASP B 243 -53.86 22.93 -24.60
CA ASP B 243 -53.03 22.17 -25.52
C ASP B 243 -52.19 23.04 -26.46
N LEU B 244 -51.88 24.22 -25.96
CA LEU B 244 -50.99 25.17 -26.58
C LEU B 244 -50.06 25.21 -25.36
N VAL B 245 -50.41 24.31 -24.44
CA VAL B 245 -49.74 24.09 -23.17
C VAL B 245 -49.29 22.63 -23.06
N LEU B 246 -48.17 22.31 -23.69
CA LEU B 246 -47.63 20.96 -23.63
C LEU B 246 -47.32 20.57 -22.17
N GLU B 247 -47.84 19.42 -21.74
CA GLU B 247 -47.60 18.94 -20.37
C GLU B 247 -47.03 17.54 -20.35
N VAL B 248 -46.43 17.18 -19.23
CA VAL B 248 -45.83 15.85 -19.04
C VAL B 248 -46.44 15.10 -17.84
N ALA B 249 -46.84 13.85 -18.07
CA ALA B 249 -47.43 13.04 -17.01
C ALA B 249 -46.27 12.31 -16.34
N MET B 250 -46.31 12.22 -15.01
CA MET B 250 -45.22 11.58 -14.28
C MET B 250 -45.32 10.07 -14.10
N GLU B 251 -44.24 9.38 -14.46
CA GLU B 251 -44.15 7.93 -14.36
C GLU B 251 -42.74 7.53 -13.95
N HIS B 252 -42.63 6.62 -12.99
CA HIS B 252 -41.33 6.14 -12.54
C HIS B 252 -41.02 4.84 -13.31
N PRO B 253 -39.83 4.78 -13.95
CA PRO B 253 -39.38 3.62 -14.73
C PRO B 253 -39.52 2.25 -14.06
N LYS B 254 -39.55 2.23 -12.72
CA LYS B 254 -39.67 0.97 -12.01
C LYS B 254 -40.90 0.88 -11.13
N TYR B 255 -41.23 1.98 -10.45
CA TYR B 255 -42.41 2.01 -9.58
C TYR B 255 -43.67 2.27 -10.40
N GLU B 256 -44.41 1.21 -10.66
CA GLU B 256 -45.62 1.30 -11.45
C GLU B 256 -46.75 2.02 -10.72
N TRP B 257 -46.57 2.24 -9.42
CA TRP B 257 -47.59 2.94 -8.66
C TRP B 257 -47.43 4.45 -8.75
N PHE B 258 -46.30 4.91 -9.29
CA PHE B 258 -46.06 6.33 -9.38
C PHE B 258 -47.13 7.03 -10.23
N ARG B 259 -47.65 6.31 -11.22
CA ARG B 259 -48.69 6.84 -12.10
C ARG B 259 -49.93 7.20 -11.30
N GLU B 260 -50.28 6.33 -10.35
CA GLU B 260 -51.46 6.49 -9.51
C GLU B 260 -51.48 7.77 -8.66
N LEU B 261 -50.33 8.44 -8.59
CA LEU B 261 -50.20 9.69 -7.84
C LEU B 261 -50.87 10.81 -8.63
N GLU B 262 -51.08 10.55 -9.91
CA GLU B 262 -51.71 11.50 -10.82
C GLU B 262 -51.04 12.86 -10.77
N LEU B 263 -49.75 12.88 -11.12
CA LEU B 263 -48.98 14.12 -11.13
C LEU B 263 -48.56 14.45 -12.56
N LYS B 264 -48.41 15.74 -12.84
CA LYS B 264 -47.96 16.18 -14.15
C LYS B 264 -47.41 17.58 -13.99
N TRP B 265 -46.78 18.07 -15.04
CA TRP B 265 -46.25 19.41 -15.01
C TRP B 265 -46.20 19.94 -16.44
N TYR B 266 -46.20 21.25 -16.61
CA TYR B 266 -46.12 21.82 -17.95
C TYR B 266 -44.68 21.69 -18.43
N ALA B 267 -44.45 21.89 -19.73
CA ALA B 267 -43.10 21.76 -20.23
C ALA B 267 -42.37 23.06 -20.49
N LEU B 268 -43.07 24.19 -20.47
CA LEU B 268 -42.39 25.45 -20.75
C LEU B 268 -42.10 26.39 -19.56
N PRO B 269 -40.83 26.48 -19.14
CA PRO B 269 -40.52 27.38 -18.03
C PRO B 269 -40.30 28.78 -18.62
N ALA B 270 -41.19 29.70 -18.29
CA ALA B 270 -41.11 31.06 -18.82
C ALA B 270 -41.37 32.15 -17.78
N VAL B 271 -40.32 32.88 -17.40
CA VAL B 271 -40.46 33.98 -16.44
C VAL B 271 -41.19 35.10 -17.14
N ALA B 272 -42.14 35.73 -16.46
CA ALA B 272 -42.91 36.81 -17.06
C ALA B 272 -42.85 38.16 -16.32
N ASN B 273 -42.78 38.12 -14.99
CA ASN B 273 -42.78 39.34 -14.20
C ASN B 273 -41.45 40.06 -13.94
N MET B 274 -40.50 39.99 -14.87
CA MET B 274 -39.22 40.67 -14.68
C MET B 274 -38.99 41.88 -15.57
N LEU B 275 -38.15 42.80 -15.10
CA LEU B 275 -37.85 44.03 -15.84
C LEU B 275 -36.46 44.00 -16.44
N LEU B 276 -36.37 44.33 -17.71
CA LEU B 276 -35.07 44.34 -18.40
C LEU B 276 -34.53 45.76 -18.46
N GLU B 277 -33.38 46.00 -17.86
CA GLU B 277 -32.79 47.33 -17.88
C GLU B 277 -31.68 47.36 -18.90
N VAL B 278 -31.80 48.26 -19.87
CA VAL B 278 -30.77 48.39 -20.87
C VAL B 278 -30.56 49.85 -21.28
N GLY B 279 -29.30 50.31 -21.16
CA GLY B 279 -28.94 51.67 -21.52
C GLY B 279 -29.77 52.73 -20.82
N GLY B 280 -30.24 52.43 -19.61
CA GLY B 280 -31.05 53.38 -18.89
C GLY B 280 -32.53 53.18 -19.18
N LEU B 281 -32.81 52.44 -20.25
CA LEU B 281 -34.19 52.16 -20.62
C LEU B 281 -34.67 50.98 -19.78
N GLU B 282 -35.94 50.99 -19.42
CA GLU B 282 -36.51 49.91 -18.63
C GLU B 282 -37.66 49.24 -19.37
N PHE B 283 -37.57 47.93 -19.57
CA PHE B 283 -38.65 47.21 -20.25
C PHE B 283 -39.38 46.32 -19.25
N PRO B 284 -40.42 46.87 -18.60
CA PRO B 284 -41.25 46.18 -17.59
C PRO B 284 -42.03 44.96 -18.07
N GLY B 285 -41.96 44.66 -19.35
CA GLY B 285 -42.67 43.52 -19.88
C GLY B 285 -41.79 42.81 -20.87
N CYS B 286 -41.10 41.76 -20.41
CA CYS B 286 -40.20 40.99 -21.26
C CYS B 286 -40.21 39.50 -20.88
N PRO B 287 -41.33 38.81 -21.10
CA PRO B 287 -41.36 37.39 -20.75
C PRO B 287 -40.39 36.60 -21.65
N PHE B 288 -39.65 35.69 -21.02
CA PHE B 288 -38.68 34.87 -21.74
C PHE B 288 -38.68 33.47 -21.15
N ASN B 289 -38.14 32.51 -21.91
CA ASN B 289 -38.08 31.14 -21.44
C ASN B 289 -36.85 30.36 -21.92
N GLY B 290 -36.61 29.25 -21.24
CA GLY B 290 -35.51 28.35 -21.57
C GLY B 290 -36.14 26.98 -21.45
N TRP B 291 -35.42 26.01 -20.92
CA TRP B 291 -36.01 24.69 -20.73
C TRP B 291 -35.70 24.21 -19.32
N TYR B 292 -36.63 23.45 -18.75
CA TYR B 292 -36.48 22.94 -17.40
C TYR B 292 -35.25 22.09 -17.09
N MET B 293 -34.78 22.25 -15.85
CA MET B 293 -33.68 21.46 -15.32
C MET B 293 -34.44 20.61 -14.27
N GLY B 294 -34.37 19.29 -14.41
CA GLY B 294 -35.07 18.36 -13.52
C GLY B 294 -35.46 18.80 -12.13
N THR B 295 -34.44 19.14 -11.32
CA THR B 295 -34.63 19.56 -9.93
C THR B 295 -35.66 20.66 -9.76
N GLU B 296 -35.78 21.56 -10.74
CA GLU B 296 -36.73 22.64 -10.64
C GLU B 296 -38.10 22.07 -10.31
N ILE B 297 -38.45 20.98 -10.97
CA ILE B 297 -39.75 20.33 -10.77
C ILE B 297 -39.75 19.26 -9.67
N GLY B 298 -38.78 18.34 -9.76
CA GLY B 298 -38.65 17.24 -8.81
C GLY B 298 -38.33 17.59 -7.37
N VAL B 299 -37.35 18.47 -7.17
CA VAL B 299 -36.97 18.88 -5.81
C VAL B 299 -37.88 19.96 -5.27
N ARG B 300 -37.89 21.11 -5.92
CA ARG B 300 -38.67 22.26 -5.46
C ARG B 300 -40.19 22.19 -5.65
N ASP B 301 -40.65 22.23 -6.88
CA ASP B 301 -42.10 22.20 -7.14
C ASP B 301 -42.91 21.12 -6.43
N PHE B 302 -42.41 19.88 -6.43
CA PHE B 302 -43.11 18.78 -5.78
C PHE B 302 -42.86 18.61 -4.28
N CYS B 303 -41.61 18.74 -3.85
CA CYS B 303 -41.27 18.54 -2.44
C CYS B 303 -41.25 19.72 -1.45
N ASP B 304 -41.18 20.96 -1.93
CA ASP B 304 -41.16 22.08 -0.99
C ASP B 304 -42.49 22.04 -0.22
N VAL B 305 -42.43 22.05 1.11
CA VAL B 305 -43.66 22.02 1.90
C VAL B 305 -44.58 23.18 1.54
N GLN B 306 -44.01 24.29 1.12
CA GLN B 306 -44.82 25.46 0.76
C GLN B 306 -45.34 25.34 -0.68
N ARG B 307 -45.05 24.19 -1.31
CA ARG B 307 -45.51 23.91 -2.67
C ARG B 307 -46.39 22.65 -2.67
N TYR B 308 -46.15 21.72 -3.56
CA TYR B 308 -47.00 20.54 -3.58
C TYR B 308 -46.76 19.59 -2.41
N ASN B 309 -45.60 19.73 -1.77
CA ASN B 309 -45.24 18.92 -0.59
C ASN B 309 -45.63 17.43 -0.69
N ILE B 310 -45.17 16.76 -1.74
CA ILE B 310 -45.50 15.38 -1.94
C ILE B 310 -44.47 14.42 -1.38
N LEU B 311 -43.56 14.92 -0.56
CA LEU B 311 -42.49 14.08 -0.01
C LEU B 311 -42.93 12.87 0.84
N GLU B 312 -43.83 13.08 1.80
CA GLU B 312 -44.27 11.97 2.65
C GLU B 312 -45.12 10.93 1.92
N GLU B 313 -46.13 11.38 1.20
CA GLU B 313 -47.00 10.45 0.48
C GLU B 313 -46.22 9.45 -0.36
N VAL B 314 -45.16 9.90 -1.04
CA VAL B 314 -44.39 8.99 -1.87
C VAL B 314 -43.47 8.15 -0.98
N GLY B 315 -43.23 8.64 0.22
CA GLY B 315 -42.37 7.92 1.15
C GLY B 315 -43.08 6.67 1.63
N ARG B 316 -44.38 6.80 1.90
CA ARG B 316 -45.19 5.69 2.36
C ARG B 316 -45.38 4.66 1.25
N ARG B 317 -45.41 5.12 0.01
CA ARG B 317 -45.56 4.23 -1.14
C ARG B 317 -44.35 3.35 -1.34
N MET B 318 -43.18 3.88 -1.02
CA MET B 318 -41.94 3.12 -1.16
C MET B 318 -41.71 2.23 0.05
N GLY B 319 -42.54 2.41 1.07
CA GLY B 319 -42.43 1.62 2.28
C GLY B 319 -41.37 2.08 3.27
N LEU B 320 -40.69 3.17 2.93
CA LEU B 320 -39.63 3.72 3.76
C LEU B 320 -40.15 4.13 5.15
N GLU B 321 -39.34 3.86 6.16
CA GLU B 321 -39.70 4.21 7.53
C GLU B 321 -39.68 5.73 7.72
N THR B 322 -40.76 6.36 7.27
CA THR B 322 -40.89 7.81 7.33
C THR B 322 -41.12 8.41 8.72
N HIS B 323 -40.76 7.67 9.77
CA HIS B 323 -40.93 8.16 11.13
C HIS B 323 -39.58 8.29 11.84
N LYS B 324 -38.52 8.07 11.08
CA LYS B 324 -37.17 8.16 11.59
C LYS B 324 -36.32 8.91 10.57
N LEU B 325 -36.04 10.19 10.85
CA LEU B 325 -35.23 11.01 9.93
C LEU B 325 -33.91 10.34 9.60
N ALA B 326 -33.28 9.80 10.63
CA ALA B 326 -31.99 9.13 10.51
C ALA B 326 -31.95 7.97 9.50
N SER B 327 -33.09 7.59 8.95
CA SER B 327 -33.11 6.49 7.97
C SER B 327 -32.95 7.04 6.56
N LEU B 328 -32.88 8.37 6.48
CA LEU B 328 -32.74 9.10 5.22
C LEU B 328 -33.85 8.74 4.23
N TRP B 329 -35.08 8.62 4.72
CA TRP B 329 -36.19 8.27 3.84
C TRP B 329 -36.54 9.42 2.91
N LYS B 330 -36.42 10.64 3.42
CA LYS B 330 -36.71 11.82 2.60
C LYS B 330 -35.75 11.87 1.42
N ASP B 331 -34.50 11.52 1.66
CA ASP B 331 -33.48 11.52 0.62
C ASP B 331 -33.75 10.45 -0.41
N GLN B 332 -34.33 9.33 0.03
CA GLN B 332 -34.66 8.22 -0.85
C GLN B 332 -35.76 8.70 -1.80
N ALA B 333 -36.77 9.30 -1.21
CA ALA B 333 -37.92 9.80 -1.96
C ALA B 333 -37.50 10.80 -3.03
N VAL B 334 -36.97 11.95 -2.60
CA VAL B 334 -36.55 13.01 -3.52
C VAL B 334 -35.79 12.48 -4.74
N VAL B 335 -34.90 11.51 -4.53
CA VAL B 335 -34.17 10.98 -5.66
C VAL B 335 -35.12 10.29 -6.64
N GLU B 336 -36.00 9.41 -6.16
CA GLU B 336 -36.93 8.70 -7.06
C GLU B 336 -37.90 9.68 -7.72
N ILE B 337 -38.44 10.61 -6.96
CA ILE B 337 -39.34 11.60 -7.53
C ILE B 337 -38.66 12.23 -8.72
N ASN B 338 -37.40 12.63 -8.53
CA ASN B 338 -36.64 13.25 -9.61
C ASN B 338 -36.28 12.28 -10.72
N ILE B 339 -35.96 11.04 -10.36
CA ILE B 339 -35.66 10.03 -11.36
C ILE B 339 -36.89 10.04 -12.26
N ALA B 340 -38.06 10.00 -11.62
CA ALA B 340 -39.34 10.01 -12.31
C ALA B 340 -39.41 11.19 -13.27
N VAL B 341 -39.40 12.41 -12.72
CA VAL B 341 -39.46 13.63 -13.51
C VAL B 341 -38.57 13.61 -14.75
N LEU B 342 -37.29 13.28 -14.57
CA LEU B 342 -36.38 13.25 -15.71
C LEU B 342 -36.73 12.15 -16.70
N HIS B 343 -37.36 11.08 -16.21
CA HIS B 343 -37.75 9.95 -17.04
C HIS B 343 -38.92 10.28 -17.93
N SER B 344 -39.96 10.84 -17.32
CA SER B 344 -41.17 11.21 -18.05
C SER B 344 -40.84 12.09 -19.25
N PHE B 345 -40.18 13.23 -19.00
CA PHE B 345 -39.80 14.15 -20.07
C PHE B 345 -39.11 13.44 -21.23
N GLN B 346 -38.16 12.55 -20.92
CA GLN B 346 -37.45 11.82 -21.96
C GLN B 346 -38.42 10.91 -22.71
N LYS B 347 -39.38 10.34 -21.98
CA LYS B 347 -40.39 9.46 -22.57
C LYS B 347 -41.30 10.15 -23.60
N GLN B 348 -41.81 11.34 -23.26
CA GLN B 348 -42.66 12.09 -24.18
C GLN B 348 -41.84 12.97 -25.11
N ASN B 349 -40.53 12.72 -25.17
CA ASN B 349 -39.62 13.49 -25.99
C ASN B 349 -39.79 15.01 -25.84
N VAL B 350 -39.48 15.51 -24.65
CA VAL B 350 -39.55 16.93 -24.34
C VAL B 350 -38.23 17.34 -23.69
N THR B 351 -37.67 18.46 -24.15
CA THR B 351 -36.39 18.94 -23.63
C THR B 351 -36.40 19.13 -22.09
N ILE B 352 -35.45 18.45 -21.44
CA ILE B 352 -35.27 18.53 -20.00
C ILE B 352 -33.76 18.40 -19.81
N MET B 353 -33.22 18.97 -18.73
CA MET B 353 -31.78 18.87 -18.48
C MET B 353 -31.59 18.50 -17.01
N ASP B 354 -30.69 17.56 -16.72
CA ASP B 354 -30.46 17.16 -15.33
C ASP B 354 -29.46 18.10 -14.66
N HIS B 355 -29.55 18.22 -13.34
CA HIS B 355 -28.68 19.12 -12.60
C HIS B 355 -27.19 18.85 -12.72
N HIS B 356 -26.82 17.60 -12.98
CA HIS B 356 -25.41 17.24 -13.12
C HIS B 356 -24.85 17.80 -14.42
N SER B 357 -25.55 17.49 -15.52
CA SER B 357 -25.12 17.95 -16.83
C SER B 357 -25.18 19.47 -16.92
N ALA B 358 -26.11 20.09 -16.21
CA ALA B 358 -26.24 21.54 -16.22
C ALA B 358 -25.02 22.15 -15.54
N ALA B 359 -24.61 21.56 -14.42
CA ALA B 359 -23.46 22.06 -13.68
C ALA B 359 -22.21 21.92 -14.54
N GLU B 360 -22.07 20.75 -15.14
CA GLU B 360 -20.92 20.45 -15.99
C GLU B 360 -20.75 21.49 -17.11
N SER B 361 -21.86 21.98 -17.62
CA SER B 361 -21.85 22.97 -18.69
C SER B 361 -21.57 24.37 -18.17
N PHE B 362 -22.08 24.67 -16.97
CA PHE B 362 -21.85 25.99 -16.40
C PHE B 362 -20.35 26.17 -16.19
N MET B 363 -19.70 25.13 -15.68
CA MET B 363 -18.27 25.23 -15.45
C MET B 363 -17.59 25.61 -16.76
N LYS B 364 -18.06 25.02 -17.86
CA LYS B 364 -17.53 25.29 -19.19
C LYS B 364 -17.75 26.76 -19.55
N TYR B 365 -18.98 27.23 -19.33
CA TYR B 365 -19.34 28.60 -19.62
C TYR B 365 -18.47 29.51 -18.78
N MET B 366 -18.35 29.19 -17.50
CA MET B 366 -17.58 30.03 -16.58
C MET B 366 -16.13 30.23 -16.99
N GLN B 367 -15.51 29.22 -17.59
CA GLN B 367 -14.13 29.38 -18.01
C GLN B 367 -14.11 30.30 -19.22
N ASN B 368 -15.03 30.07 -20.14
CA ASN B 368 -15.13 30.89 -21.34
C ASN B 368 -15.30 32.35 -20.96
N GLU B 369 -16.22 32.61 -20.03
CA GLU B 369 -16.50 33.95 -19.58
C GLU B 369 -15.30 34.64 -18.96
N TYR B 370 -14.46 33.89 -18.27
CA TYR B 370 -13.29 34.50 -17.68
C TYR B 370 -12.21 34.78 -18.74
N ARG B 371 -11.97 33.80 -19.61
CA ARG B 371 -10.99 33.96 -20.68
C ARG B 371 -11.39 35.18 -21.49
N SER B 372 -12.65 35.20 -21.90
CA SER B 372 -13.21 36.28 -22.68
C SER B 372 -13.30 37.66 -22.02
N ARG B 373 -14.28 37.83 -21.13
CA ARG B 373 -14.49 39.11 -20.46
C ARG B 373 -13.86 39.22 -19.08
N GLY B 374 -13.13 38.18 -18.67
CA GLY B 374 -12.50 38.21 -17.36
C GLY B 374 -13.43 38.53 -16.21
N GLY B 375 -14.60 37.91 -16.25
CA GLY B 375 -15.58 38.11 -15.21
C GLY B 375 -16.72 37.16 -15.46
N CYS B 376 -17.57 36.99 -14.45
CA CYS B 376 -18.72 36.10 -14.55
C CYS B 376 -19.50 36.32 -13.26
N PRO B 377 -20.48 37.23 -13.29
CA PRO B 377 -21.22 37.41 -12.04
C PRO B 377 -21.99 36.12 -11.75
N ALA B 378 -21.82 35.60 -10.55
CA ALA B 378 -22.44 34.35 -10.19
C ALA B 378 -22.90 34.32 -8.75
N ASP B 379 -24.14 33.89 -8.52
CA ASP B 379 -24.69 33.78 -7.17
C ASP B 379 -24.64 32.30 -6.81
N TRP B 380 -23.67 31.94 -5.98
CA TRP B 380 -23.44 30.57 -5.54
C TRP B 380 -24.75 29.95 -5.01
N ILE B 381 -25.36 30.66 -4.08
CA ILE B 381 -26.60 30.24 -3.44
C ILE B 381 -27.74 29.84 -4.38
N TRP B 382 -27.65 30.18 -5.66
CA TRP B 382 -28.69 29.79 -6.61
C TRP B 382 -28.20 28.79 -7.64
N LEU B 383 -26.88 28.76 -7.85
CA LEU B 383 -26.31 27.87 -8.85
C LEU B 383 -26.15 26.44 -8.33
N VAL B 384 -25.85 26.29 -7.06
CA VAL B 384 -25.73 24.95 -6.51
C VAL B 384 -27.15 24.38 -6.48
N PRO B 385 -27.36 23.20 -7.08
CA PRO B 385 -28.65 22.54 -7.14
C PRO B 385 -29.25 22.25 -5.78
N PRO B 386 -30.59 22.18 -5.69
CA PRO B 386 -31.34 21.92 -4.46
C PRO B 386 -31.20 20.51 -3.88
N MET B 387 -30.55 19.62 -4.63
CA MET B 387 -30.30 18.27 -4.16
C MET B 387 -28.91 17.86 -4.67
N SER B 388 -28.16 17.12 -3.85
CA SER B 388 -26.82 16.64 -4.20
C SER B 388 -25.73 17.67 -4.50
N GLY B 389 -25.77 18.81 -3.81
CA GLY B 389 -24.80 19.88 -4.00
C GLY B 389 -23.32 19.50 -4.16
N SER B 390 -22.69 19.03 -3.09
CA SER B 390 -21.29 18.64 -3.11
C SER B 390 -20.90 17.65 -4.23
N ILE B 391 -21.89 17.12 -4.94
CA ILE B 391 -21.61 16.15 -5.99
C ILE B 391 -21.33 16.87 -7.30
N THR B 392 -21.88 18.07 -7.44
CA THR B 392 -21.67 18.87 -8.64
C THR B 392 -20.43 19.75 -8.48
N PRO B 393 -19.78 20.11 -9.60
CA PRO B 393 -18.58 20.94 -9.56
C PRO B 393 -18.80 22.38 -9.11
N VAL B 394 -19.96 22.95 -9.40
CA VAL B 394 -20.22 24.32 -9.00
C VAL B 394 -20.22 24.53 -7.48
N PHE B 395 -20.39 23.43 -6.74
CA PHE B 395 -20.42 23.53 -5.29
C PHE B 395 -19.08 23.92 -4.70
N HIS B 396 -18.00 23.47 -5.33
CA HIS B 396 -16.64 23.77 -4.87
C HIS B 396 -16.04 24.91 -5.68
N GLN B 397 -16.90 25.69 -6.33
CA GLN B 397 -16.46 26.80 -7.16
C GLN B 397 -16.70 28.15 -6.49
N GLU B 398 -15.61 28.86 -6.22
CA GLU B 398 -15.69 30.18 -5.61
C GLU B 398 -16.13 31.13 -6.71
N MET B 399 -16.97 32.09 -6.38
CA MET B 399 -17.45 33.03 -7.37
C MET B 399 -17.78 34.41 -6.82
N LEU B 400 -18.00 35.36 -7.72
CA LEU B 400 -18.33 36.72 -7.32
C LEU B 400 -19.71 37.11 -7.83
N ASN B 401 -20.52 37.72 -6.97
CA ASN B 401 -21.84 38.09 -7.41
C ASN B 401 -21.94 39.62 -7.50
N TYR B 402 -22.15 40.12 -8.72
CA TYR B 402 -22.25 41.55 -8.93
C TYR B 402 -23.22 41.89 -10.06
N VAL B 403 -23.83 43.08 -9.98
CA VAL B 403 -24.80 43.52 -10.98
C VAL B 403 -24.22 44.37 -12.11
N LEU B 404 -24.39 43.88 -13.33
CA LEU B 404 -23.93 44.57 -14.52
C LEU B 404 -25.12 45.13 -15.32
N SER B 405 -24.87 45.47 -16.59
CA SER B 405 -25.90 45.99 -17.50
C SER B 405 -25.55 45.60 -18.92
N PRO B 406 -26.55 45.18 -19.72
CA PRO B 406 -27.98 45.04 -19.40
C PRO B 406 -28.25 44.13 -18.19
N PHE B 407 -29.50 44.06 -17.76
CA PHE B 407 -29.80 43.22 -16.61
C PHE B 407 -31.29 42.91 -16.41
N TYR B 408 -31.61 41.71 -15.93
CA TYR B 408 -33.01 41.35 -15.65
C TYR B 408 -33.25 41.55 -14.16
N TYR B 409 -34.00 42.60 -13.81
CA TYR B 409 -34.32 42.92 -12.43
C TYR B 409 -35.66 42.33 -11.96
N TYR B 410 -35.93 42.46 -10.66
CA TYR B 410 -37.18 42.00 -10.09
C TYR B 410 -38.06 43.22 -10.06
N GLN B 411 -39.37 43.00 -9.92
CA GLN B 411 -40.30 44.10 -9.83
C GLN B 411 -41.22 43.85 -8.64
N VAL B 412 -41.90 44.88 -8.19
CA VAL B 412 -42.83 44.75 -7.09
C VAL B 412 -44.13 44.14 -7.66
N GLU B 413 -44.66 43.10 -7.02
CA GLU B 413 -45.89 42.46 -7.53
C GLU B 413 -46.89 43.56 -7.91
N ALA B 414 -47.24 43.62 -9.18
CA ALA B 414 -48.16 44.64 -9.69
C ALA B 414 -49.36 44.99 -8.81
N TRP B 415 -50.09 43.98 -8.39
CA TRP B 415 -51.28 44.22 -7.58
C TRP B 415 -51.06 44.99 -6.27
N LYS B 416 -49.83 45.07 -5.79
CA LYS B 416 -49.59 45.81 -4.56
C LYS B 416 -49.51 47.31 -4.84
N THR B 417 -49.01 47.68 -6.02
CA THR B 417 -48.86 49.08 -6.36
C THR B 417 -49.86 49.64 -7.36
N HIS B 418 -50.55 48.76 -8.07
CA HIS B 418 -51.53 49.19 -9.07
C HIS B 418 -52.69 50.00 -8.53
N VAL B 419 -52.89 51.19 -9.10
CA VAL B 419 -53.99 52.05 -8.71
C VAL B 419 -55.13 51.73 -9.68
N TRP B 420 -56.12 51.00 -9.18
CA TRP B 420 -57.28 50.60 -9.98
C TRP B 420 -58.16 51.77 -10.41
N GLN B 421 -58.79 51.63 -11.57
CA GLN B 421 -59.65 52.67 -12.11
C GLN B 421 -61.13 52.38 -11.82
N ASP B 422 -61.54 51.12 -11.93
CA ASP B 422 -62.93 50.74 -11.68
C ASP B 422 -63.13 50.29 -10.23
N ARG C 2 43.76 -15.40 -11.87
CA ARG C 2 43.19 -14.10 -11.37
C ARG C 2 42.59 -14.29 -9.99
N HIS C 3 41.25 -14.25 -9.90
CA HIS C 3 40.54 -14.44 -8.65
C HIS C 3 39.06 -14.80 -8.87
N VAL C 4 38.52 -15.62 -7.98
CA VAL C 4 37.14 -16.03 -8.08
C VAL C 4 36.35 -15.18 -7.10
N ARG C 5 35.23 -14.65 -7.56
CA ARG C 5 34.39 -13.82 -6.73
C ARG C 5 33.18 -14.64 -6.28
N ILE C 6 32.85 -14.54 -5.00
CA ILE C 6 31.70 -15.26 -4.45
C ILE C 6 30.83 -14.23 -3.76
N LYS C 7 29.54 -14.48 -3.68
CA LYS C 7 28.65 -13.54 -3.02
C LYS C 7 27.68 -14.21 -2.07
N ASN C 8 27.08 -13.40 -1.21
CA ASN C 8 26.11 -13.88 -0.25
C ASN C 8 24.78 -13.36 -0.75
N TRP C 9 23.83 -14.26 -0.96
CA TRP C 9 22.54 -13.86 -1.49
C TRP C 9 21.55 -13.41 -0.44
N GLY C 10 22.01 -13.30 0.80
CA GLY C 10 21.12 -12.85 1.86
C GLY C 10 21.40 -11.39 2.15
N SER C 11 22.69 -11.05 2.20
CA SER C 11 23.14 -9.69 2.49
C SER C 11 23.54 -8.99 1.20
N GLY C 12 24.00 -9.75 0.22
CA GLY C 12 24.41 -9.16 -1.04
C GLY C 12 25.90 -8.89 -1.07
N MET C 13 26.59 -9.11 0.06
CA MET C 13 28.03 -8.88 0.15
C MET C 13 28.83 -9.82 -0.75
N THR C 14 30.02 -9.36 -1.16
CA THR C 14 30.89 -10.15 -2.03
C THR C 14 32.35 -10.21 -1.57
N PHE C 15 33.04 -11.27 -1.98
CA PHE C 15 34.44 -11.49 -1.64
C PHE C 15 35.24 -11.85 -2.89
N GLN C 16 36.55 -11.60 -2.85
CA GLN C 16 37.44 -11.93 -3.96
C GLN C 16 38.50 -12.89 -3.43
N ASP C 17 38.35 -14.18 -3.73
CA ASP C 17 39.29 -15.21 -3.29
C ASP C 17 40.51 -15.25 -4.19
N THR C 18 41.69 -15.28 -3.60
CA THR C 18 42.92 -15.32 -4.38
C THR C 18 43.81 -16.36 -3.70
N LEU C 19 43.39 -16.76 -2.50
CA LEU C 19 44.12 -17.73 -1.69
C LEU C 19 44.02 -19.16 -2.25
N HIS C 20 42.94 -19.47 -2.94
CA HIS C 20 42.78 -20.81 -3.49
C HIS C 20 43.89 -21.16 -4.46
N HIS C 21 44.81 -20.21 -4.71
CA HIS C 21 45.91 -20.45 -5.63
C HIS C 21 47.06 -21.17 -4.94
N LYS C 22 47.20 -20.95 -3.64
CA LYS C 22 48.27 -21.57 -2.88
C LYS C 22 47.90 -23.02 -2.52
N ALA C 23 46.67 -23.39 -2.82
CA ALA C 23 46.15 -24.73 -2.51
C ALA C 23 46.87 -25.91 -3.16
N LYS C 24 46.73 -27.07 -2.52
CA LYS C 24 47.32 -28.32 -3.01
C LYS C 24 46.40 -28.99 -4.04
N GLY C 25 46.94 -29.25 -5.23
CA GLY C 25 46.14 -29.88 -6.26
C GLY C 25 45.87 -31.35 -6.02
N ILE C 26 44.97 -31.64 -5.08
CA ILE C 26 44.64 -33.02 -4.75
C ILE C 26 43.16 -33.37 -4.83
N LEU C 27 42.31 -32.36 -4.98
CA LEU C 27 40.86 -32.58 -5.07
C LEU C 27 40.53 -33.46 -6.27
N THR C 28 39.48 -34.26 -6.16
CA THR C 28 39.10 -35.14 -7.25
C THR C 28 38.12 -34.54 -8.26
N CYS C 29 37.76 -33.28 -8.04
CA CYS C 29 36.84 -32.60 -8.94
C CYS C 29 37.54 -32.20 -10.23
N ARG C 30 36.84 -32.34 -11.34
CA ARG C 30 37.33 -32.00 -12.68
C ARG C 30 36.25 -31.25 -13.43
N SER C 31 36.60 -30.72 -14.61
CA SER C 31 35.65 -29.97 -15.42
C SER C 31 34.48 -30.86 -15.87
N LYS C 32 34.72 -32.17 -15.93
CA LYS C 32 33.69 -33.11 -16.35
C LYS C 32 32.75 -33.49 -15.21
N SER C 33 33.22 -33.41 -13.97
CA SER C 33 32.34 -33.76 -12.84
C SER C 33 32.83 -33.25 -11.49
N CYS C 34 31.88 -32.87 -10.62
CA CYS C 34 32.19 -32.38 -9.27
C CYS C 34 31.87 -33.44 -8.20
N LEU C 35 32.88 -33.77 -7.41
CA LEU C 35 32.77 -34.76 -6.34
C LEU C 35 32.82 -34.11 -4.95
N GLY C 36 32.17 -32.95 -4.82
CA GLY C 36 32.15 -32.26 -3.54
C GLY C 36 31.38 -32.98 -2.46
N SER C 37 30.34 -33.73 -2.82
CA SER C 37 29.51 -34.44 -1.84
C SER C 37 30.12 -35.69 -1.22
N ILE C 38 31.20 -36.23 -1.77
CA ILE C 38 31.81 -37.41 -1.19
C ILE C 38 32.24 -37.12 0.26
N MET C 39 31.75 -37.94 1.18
CA MET C 39 31.99 -37.79 2.61
C MET C 39 33.41 -37.89 3.14
N THR C 40 34.11 -38.99 2.85
CA THR C 40 35.48 -39.21 3.33
C THR C 40 36.40 -39.61 2.17
N PRO C 41 36.79 -38.62 1.34
CA PRO C 41 37.66 -38.79 0.16
C PRO C 41 39.15 -39.04 0.44
N LYS C 42 39.76 -39.86 -0.43
CA LYS C 42 41.18 -40.16 -0.30
C LYS C 42 41.98 -38.87 -0.33
N SER C 43 41.45 -37.88 -1.03
CA SER C 43 42.11 -36.58 -1.18
C SER C 43 42.28 -35.87 0.16
N LEU C 44 41.32 -36.09 1.05
CA LEU C 44 41.36 -35.49 2.38
C LEU C 44 41.93 -36.48 3.41
N THR C 45 42.57 -37.53 2.91
CA THR C 45 43.15 -38.56 3.77
C THR C 45 44.64 -38.69 3.56
N ARG C 46 45.36 -39.00 4.64
CA ARG C 46 46.81 -39.18 4.59
C ARG C 46 47.13 -40.53 5.24
N GLY C 47 47.23 -41.58 4.43
CA GLY C 47 47.48 -42.91 4.94
C GLY C 47 48.84 -43.18 5.56
N PRO C 48 49.13 -44.46 5.87
CA PRO C 48 50.41 -44.86 6.47
C PRO C 48 51.59 -44.96 5.49
N ARG C 49 52.77 -45.26 6.03
CA ARG C 49 53.99 -45.40 5.24
C ARG C 49 54.88 -46.39 6.00
N ASP C 50 55.77 -47.09 5.31
CA ASP C 50 56.67 -48.00 5.98
C ASP C 50 58.11 -47.54 5.79
N LYS C 51 58.26 -46.40 5.14
CA LYS C 51 59.58 -45.82 4.90
C LYS C 51 59.49 -44.36 5.31
N PRO C 52 60.63 -43.74 5.63
CA PRO C 52 60.61 -42.33 6.03
C PRO C 52 60.32 -41.43 4.84
N THR C 53 60.01 -40.16 5.11
CA THR C 53 59.74 -39.22 4.03
C THR C 53 61.10 -38.86 3.47
N PRO C 54 61.31 -39.07 2.16
CA PRO C 54 62.59 -38.75 1.55
C PRO C 54 63.00 -37.31 1.84
N PRO C 55 64.19 -37.11 2.43
CA PRO C 55 64.72 -35.78 2.77
C PRO C 55 64.59 -34.78 1.62
N ASP C 56 64.85 -35.24 0.40
CA ASP C 56 64.74 -34.37 -0.77
C ASP C 56 63.33 -33.81 -0.88
N GLU C 57 62.34 -34.68 -0.68
CA GLU C 57 60.94 -34.31 -0.74
C GLU C 57 60.52 -33.44 0.42
N LEU C 58 61.15 -33.67 1.57
CA LEU C 58 60.83 -32.93 2.77
C LEU C 58 61.31 -31.49 2.74
N LEU C 59 62.57 -31.28 2.39
CA LEU C 59 63.14 -29.94 2.35
C LEU C 59 62.22 -28.85 1.77
N PRO C 60 61.73 -29.03 0.53
CA PRO C 60 60.84 -28.03 -0.09
C PRO C 60 59.69 -27.59 0.81
N GLN C 61 58.94 -28.57 1.31
CA GLN C 61 57.79 -28.32 2.17
C GLN C 61 58.18 -27.59 3.46
N ALA C 62 59.32 -27.97 4.02
CA ALA C 62 59.80 -27.36 5.25
C ALA C 62 60.13 -25.89 5.00
N ILE C 63 60.91 -25.62 3.96
CA ILE C 63 61.28 -24.25 3.62
C ILE C 63 59.98 -23.46 3.47
N GLU C 64 59.05 -24.04 2.73
CA GLU C 64 57.76 -23.41 2.49
C GLU C 64 57.11 -22.99 3.82
N PHE C 65 57.09 -23.92 4.78
CA PHE C 65 56.50 -23.65 6.08
C PHE C 65 57.22 -22.54 6.83
N VAL C 66 58.55 -22.54 6.77
CA VAL C 66 59.34 -21.51 7.44
C VAL C 66 59.04 -20.13 6.87
N ASN C 67 58.76 -20.06 5.58
CA ASN C 67 58.42 -18.78 4.96
C ASN C 67 57.03 -18.31 5.43
N GLN C 68 56.08 -19.25 5.54
CA GLN C 68 54.73 -18.93 5.97
C GLN C 68 54.69 -18.48 7.44
N TYR C 69 55.50 -19.13 8.26
CA TYR C 69 55.58 -18.78 9.68
C TYR C 69 56.08 -17.35 9.79
N TYR C 70 57.34 -17.18 9.39
CA TYR C 70 58.00 -15.88 9.45
C TYR C 70 57.29 -14.79 8.70
N GLY C 71 56.38 -15.17 7.82
CA GLY C 71 55.62 -14.19 7.06
C GLY C 71 54.32 -13.84 7.76
N SER C 72 54.06 -14.47 8.91
CA SER C 72 52.83 -14.22 9.65
C SER C 72 53.02 -13.08 10.64
N PHE C 73 54.27 -12.64 10.78
CA PHE C 73 54.59 -11.53 11.68
C PHE C 73 54.30 -10.17 11.06
N LYS C 74 53.64 -9.32 11.82
CA LYS C 74 53.29 -7.98 11.36
C LYS C 74 54.56 -7.23 10.98
N GLU C 75 55.56 -7.31 11.85
CA GLU C 75 56.85 -6.69 11.63
C GLU C 75 57.83 -7.84 11.42
N ALA C 76 58.41 -7.91 10.22
CA ALA C 76 59.34 -8.98 9.85
C ALA C 76 60.61 -9.14 10.67
N LYS C 77 60.81 -10.36 11.15
CA LYS C 77 61.99 -10.73 11.92
C LYS C 77 62.93 -11.28 10.85
N ILE C 78 63.45 -10.34 10.09
CA ILE C 78 64.35 -10.55 8.95
C ILE C 78 65.52 -11.55 9.10
N GLU C 79 66.39 -11.32 10.06
CA GLU C 79 67.53 -12.21 10.26
C GLU C 79 67.14 -13.58 10.76
N GLU C 80 66.26 -13.60 11.77
CA GLU C 80 65.79 -14.85 12.37
C GLU C 80 65.24 -15.80 11.31
N HIS C 81 64.40 -15.26 10.43
CA HIS C 81 63.81 -16.04 9.36
C HIS C 81 64.93 -16.69 8.55
N LEU C 82 65.81 -15.86 8.02
CA LEU C 82 66.94 -16.32 7.21
C LEU C 82 67.76 -17.42 7.89
N ALA C 83 67.94 -17.30 9.21
CA ALA C 83 68.72 -18.27 9.98
C ALA C 83 67.97 -19.58 10.19
N ARG C 84 66.66 -19.48 10.37
CA ARG C 84 65.85 -20.68 10.58
C ARG C 84 65.86 -21.49 9.29
N VAL C 85 65.80 -20.83 8.14
CA VAL C 85 65.83 -21.55 6.87
C VAL C 85 67.09 -22.42 6.84
N GLU C 86 68.24 -21.79 7.08
CA GLU C 86 69.51 -22.52 7.07
C GLU C 86 69.57 -23.65 8.11
N ALA C 87 69.06 -23.39 9.31
CA ALA C 87 69.06 -24.39 10.36
C ALA C 87 68.29 -25.63 9.92
N VAL C 88 67.08 -25.40 9.40
CA VAL C 88 66.21 -26.48 8.92
C VAL C 88 66.84 -27.22 7.75
N THR C 89 67.59 -26.50 6.92
CA THR C 89 68.25 -27.14 5.80
C THR C 89 69.26 -28.14 6.34
N LYS C 90 70.22 -27.62 7.09
CA LYS C 90 71.28 -28.43 7.67
C LYS C 90 70.73 -29.54 8.57
N GLU C 91 69.60 -29.28 9.24
CA GLU C 91 69.01 -30.28 10.13
C GLU C 91 68.51 -31.50 9.34
N ILE C 92 67.64 -31.24 8.37
CA ILE C 92 67.10 -32.31 7.52
C ILE C 92 68.24 -33.05 6.84
N GLU C 93 69.26 -32.29 6.42
CA GLU C 93 70.41 -32.87 5.74
C GLU C 93 71.22 -33.81 6.63
N THR C 94 71.38 -33.47 7.91
CA THR C 94 72.16 -34.32 8.79
C THR C 94 71.36 -35.41 9.50
N THR C 95 70.11 -35.12 9.87
CA THR C 95 69.29 -36.11 10.56
C THR C 95 68.24 -36.77 9.69
N GLY C 96 67.97 -36.16 8.53
CA GLY C 96 66.98 -36.72 7.63
C GLY C 96 65.62 -36.06 7.82
N THR C 97 65.43 -35.46 8.99
CA THR C 97 64.17 -34.81 9.30
C THR C 97 64.54 -33.55 10.11
N TYR C 98 63.55 -32.83 10.61
CA TYR C 98 63.81 -31.64 11.42
C TYR C 98 62.74 -31.52 12.49
N GLN C 99 63.04 -30.75 13.54
CA GLN C 99 62.11 -30.55 14.64
C GLN C 99 61.54 -29.14 14.60
N LEU C 100 60.24 -28.99 14.90
CA LEU C 100 59.60 -27.67 14.90
C LEU C 100 59.80 -27.03 16.28
N THR C 101 59.99 -25.71 16.33
CA THR C 101 60.18 -25.05 17.62
C THR C 101 58.84 -25.01 18.32
N GLY C 102 58.84 -24.53 19.57
CA GLY C 102 57.61 -24.44 20.33
C GLY C 102 56.62 -23.44 19.78
N ASP C 103 57.11 -22.24 19.46
CA ASP C 103 56.25 -21.19 18.89
C ASP C 103 55.76 -21.66 17.52
N GLU C 104 56.64 -22.35 16.81
CA GLU C 104 56.32 -22.89 15.49
C GLU C 104 55.12 -23.83 15.61
N LEU C 105 55.20 -24.83 16.49
CA LEU C 105 54.12 -25.79 16.66
C LEU C 105 52.78 -25.10 16.92
N ILE C 106 52.77 -24.19 17.89
CA ILE C 106 51.54 -23.48 18.22
C ILE C 106 50.96 -22.82 16.96
N PHE C 107 51.80 -22.11 16.21
CA PHE C 107 51.37 -21.44 14.98
C PHE C 107 50.76 -22.44 14.01
N ALA C 108 51.41 -23.58 13.87
CA ALA C 108 50.98 -24.65 12.98
C ALA C 108 49.64 -25.26 13.37
N THR C 109 49.47 -25.62 14.64
CA THR C 109 48.23 -26.22 15.08
C THR C 109 47.07 -25.25 14.91
N LYS C 110 47.31 -23.94 15.04
CA LYS C 110 46.24 -22.97 14.88
C LYS C 110 45.96 -22.71 13.40
N GLN C 111 47.00 -22.69 12.58
CA GLN C 111 46.85 -22.48 11.16
C GLN C 111 46.09 -23.64 10.58
N ALA C 112 46.39 -24.84 11.08
CA ALA C 112 45.75 -26.07 10.64
C ALA C 112 44.25 -25.97 10.92
N TRP C 113 43.91 -25.40 12.07
CA TRP C 113 42.51 -25.23 12.45
C TRP C 113 41.84 -24.22 11.53
N ARG C 114 42.46 -23.04 11.47
CA ARG C 114 42.00 -21.93 10.64
C ARG C 114 41.80 -22.36 9.20
N ASN C 115 42.48 -23.43 8.80
CA ASN C 115 42.40 -23.96 7.45
C ASN C 115 41.46 -25.15 7.32
N ALA C 116 40.80 -25.55 8.40
CA ALA C 116 39.88 -26.68 8.37
C ALA C 116 38.65 -26.24 7.60
N PRO C 117 38.49 -26.71 6.36
CA PRO C 117 37.33 -26.33 5.55
C PRO C 117 35.96 -26.63 6.14
N ARG C 118 35.85 -27.74 6.86
CA ARG C 118 34.56 -28.12 7.41
C ARG C 118 34.22 -27.64 8.83
N CYS C 119 35.00 -26.71 9.39
CA CYS C 119 34.74 -26.21 10.75
C CYS C 119 33.92 -24.94 10.76
N ILE C 120 32.74 -25.01 11.38
CA ILE C 120 31.86 -23.83 11.45
C ILE C 120 32.23 -22.93 12.61
N GLY C 121 33.09 -23.41 13.50
CA GLY C 121 33.46 -22.62 14.66
C GLY C 121 34.89 -22.11 14.68
N ARG C 122 35.39 -21.69 13.53
CA ARG C 122 36.77 -21.22 13.42
C ARG C 122 36.99 -19.80 13.91
N ILE C 123 35.93 -19.09 14.28
CA ILE C 123 36.10 -17.72 14.79
C ILE C 123 37.04 -17.77 16.01
N GLN C 124 37.19 -18.98 16.55
CA GLN C 124 38.02 -19.27 17.73
C GLN C 124 39.45 -19.73 17.41
N TRP C 125 39.73 -20.05 16.15
CA TRP C 125 41.04 -20.54 15.77
C TRP C 125 42.23 -20.04 16.58
N SER C 126 42.26 -18.76 16.95
CA SER C 126 43.40 -18.22 17.71
C SER C 126 43.43 -18.46 19.23
N ASN C 127 42.41 -19.12 19.76
CA ASN C 127 42.36 -19.44 21.19
C ASN C 127 42.49 -20.95 21.35
N LEU C 128 43.74 -21.43 21.31
CA LEU C 128 43.98 -22.88 21.42
C LEU C 128 45.09 -23.22 22.39
N GLN C 129 44.81 -24.15 23.31
CA GLN C 129 45.82 -24.58 24.25
C GLN C 129 46.60 -25.66 23.52
N VAL C 130 47.92 -25.58 23.57
CA VAL C 130 48.77 -26.54 22.89
C VAL C 130 49.65 -27.33 23.83
N PHE C 131 49.30 -28.60 24.03
CA PHE C 131 50.07 -29.49 24.87
C PHE C 131 51.09 -30.22 24.01
N ASP C 132 52.37 -29.91 24.23
CA ASP C 132 53.49 -30.51 23.50
C ASP C 132 53.89 -31.81 24.18
N ALA C 133 53.57 -32.94 23.56
CA ALA C 133 53.90 -34.23 24.14
C ALA C 133 54.77 -35.02 23.17
N ARG C 134 55.52 -34.30 22.36
CA ARG C 134 56.38 -34.93 21.35
C ARG C 134 57.53 -35.77 21.91
N SER C 135 57.74 -35.69 23.22
CA SER C 135 58.81 -36.44 23.87
C SER C 135 58.21 -37.69 24.50
N CYS C 136 56.91 -37.88 24.31
CA CYS C 136 56.22 -39.03 24.87
C CYS C 136 56.83 -40.32 24.31
N SER C 137 56.69 -41.43 25.04
CA SER C 137 57.26 -42.68 24.57
C SER C 137 56.53 -43.95 24.97
N THR C 138 55.47 -43.85 25.78
CA THR C 138 54.73 -45.05 26.16
C THR C 138 53.23 -44.84 26.09
N ALA C 139 52.47 -45.93 26.17
CA ALA C 139 51.01 -45.86 26.11
C ALA C 139 50.42 -45.24 27.37
N ARG C 140 51.04 -45.48 28.51
CA ARG C 140 50.52 -44.89 29.73
C ARG C 140 50.81 -43.39 29.75
N GLU C 141 51.99 -43.00 29.25
CA GLU C 141 52.34 -41.59 29.20
C GLU C 141 51.32 -40.87 28.33
N MET C 142 50.86 -41.53 27.27
CA MET C 142 49.86 -40.93 26.40
C MET C 142 48.61 -40.77 27.25
N PHE C 143 48.18 -41.87 27.85
CA PHE C 143 46.98 -41.88 28.68
C PHE C 143 47.00 -40.78 29.74
N GLU C 144 48.17 -40.48 30.28
CA GLU C 144 48.29 -39.42 31.29
C GLU C 144 48.12 -38.06 30.62
N HIS C 145 48.73 -37.87 29.45
CA HIS C 145 48.64 -36.63 28.70
C HIS C 145 47.20 -36.34 28.30
N ILE C 146 46.49 -37.40 27.91
CA ILE C 146 45.10 -37.29 27.48
C ILE C 146 44.21 -36.91 28.64
N CYS C 147 44.50 -37.44 29.82
CA CYS C 147 43.72 -37.12 31.01
C CYS C 147 43.95 -35.66 31.38
N ARG C 148 45.17 -35.19 31.16
CA ARG C 148 45.53 -33.81 31.45
C ARG C 148 44.76 -32.90 30.50
N HIS C 149 44.67 -33.32 29.25
CA HIS C 149 43.95 -32.58 28.22
C HIS C 149 42.46 -32.55 28.59
N VAL C 150 41.87 -33.72 28.79
CA VAL C 150 40.45 -33.84 29.15
C VAL C 150 40.12 -32.99 30.37
N ARG C 151 41.00 -33.01 31.35
CA ARG C 151 40.79 -32.25 32.57
C ARG C 151 40.80 -30.76 32.25
N TYR C 152 41.85 -30.29 31.61
CA TYR C 152 41.98 -28.88 31.27
C TYR C 152 40.82 -28.39 30.39
N SER C 153 40.41 -29.20 29.43
CA SER C 153 39.33 -28.78 28.54
C SER C 153 37.92 -28.82 29.15
N THR C 154 37.59 -29.86 29.91
CA THR C 154 36.25 -29.95 30.49
C THR C 154 36.02 -28.73 31.37
N ASN C 155 37.05 -28.33 32.11
CA ASN C 155 37.01 -27.15 32.96
C ASN C 155 35.71 -26.92 33.77
N ASN C 156 35.00 -28.00 34.09
CA ASN C 156 33.77 -27.93 34.87
C ASN C 156 32.57 -27.34 34.16
N GLY C 157 32.53 -27.46 32.84
CA GLY C 157 31.42 -26.93 32.08
C GLY C 157 31.82 -25.82 31.16
N ASN C 158 32.74 -24.98 31.63
CA ASN C 158 33.23 -23.86 30.84
C ASN C 158 34.39 -24.41 30.01
N ILE C 159 34.04 -25.08 28.91
CA ILE C 159 35.00 -25.73 28.02
C ILE C 159 36.04 -24.82 27.40
N ARG C 160 37.19 -25.41 27.06
CA ARG C 160 38.30 -24.70 26.44
C ARG C 160 38.94 -25.56 25.33
N SER C 161 39.34 -24.91 24.25
CA SER C 161 39.94 -25.62 23.13
C SER C 161 41.41 -25.90 23.37
N ALA C 162 41.75 -27.18 23.39
CA ALA C 162 43.12 -27.60 23.59
C ALA C 162 43.49 -28.65 22.55
N ILE C 163 44.77 -28.99 22.46
CA ILE C 163 45.25 -29.97 21.50
C ILE C 163 46.53 -30.61 22.03
N THR C 164 46.65 -31.92 21.88
CA THR C 164 47.85 -32.63 22.34
C THR C 164 48.60 -33.19 21.14
N VAL C 165 49.82 -32.73 20.95
CA VAL C 165 50.62 -33.17 19.82
C VAL C 165 51.66 -34.23 20.20
N PHE C 166 51.38 -35.49 19.91
CA PHE C 166 52.32 -36.55 20.23
C PHE C 166 53.50 -36.52 19.25
N PRO C 167 54.46 -37.47 19.35
CA PRO C 167 55.61 -37.49 18.45
C PRO C 167 55.25 -37.44 16.97
N GLN C 168 56.21 -37.02 16.16
CA GLN C 168 56.02 -36.91 14.73
C GLN C 168 56.40 -38.23 14.10
N ARG C 169 55.64 -38.64 13.09
CA ARG C 169 55.91 -39.89 12.39
C ARG C 169 57.35 -39.83 11.89
N SER C 170 58.04 -40.97 11.99
CA SER C 170 59.43 -41.09 11.56
C SER C 170 59.49 -41.93 10.29
N ASP C 171 59.50 -43.25 10.46
CA ASP C 171 59.54 -44.19 9.35
C ASP C 171 58.17 -44.81 9.09
N GLY C 172 57.17 -44.41 9.85
CA GLY C 172 55.83 -44.95 9.65
C GLY C 172 55.58 -46.27 10.35
N LYS C 173 56.56 -46.74 11.11
CA LYS C 173 56.40 -48.00 11.83
C LYS C 173 56.30 -47.82 13.34
N HIS C 174 56.57 -46.60 13.81
CA HIS C 174 56.53 -46.33 15.25
C HIS C 174 55.59 -45.18 15.59
N ASP C 175 54.47 -45.11 14.88
CA ASP C 175 53.48 -44.05 15.06
C ASP C 175 52.77 -44.07 16.40
N PHE C 176 52.42 -42.89 16.89
CA PHE C 176 51.66 -42.76 18.14
C PHE C 176 50.22 -42.38 17.72
N ARG C 177 49.27 -43.25 17.99
CA ARG C 177 47.90 -42.96 17.58
C ARG C 177 46.85 -43.36 18.59
N VAL C 178 45.72 -42.66 18.55
CA VAL C 178 44.59 -43.01 19.38
C VAL C 178 43.70 -43.63 18.31
N TRP C 179 43.32 -44.89 18.49
CA TRP C 179 42.50 -45.57 17.49
C TRP C 179 41.05 -45.09 17.45
N ASN C 180 40.58 -44.56 18.58
CA ASN C 180 39.21 -44.06 18.69
C ASN C 180 38.94 -42.85 17.82
N ALA C 181 37.72 -42.73 17.33
CA ALA C 181 37.37 -41.58 16.51
C ALA C 181 37.47 -40.34 17.41
N GLN C 182 37.16 -40.53 18.69
CA GLN C 182 37.18 -39.45 19.69
C GLN C 182 37.65 -39.91 21.06
N LEU C 183 38.01 -38.96 21.91
CA LEU C 183 38.49 -39.24 23.26
C LEU C 183 37.41 -39.81 24.17
N ILE C 184 36.18 -39.35 24.00
CA ILE C 184 35.04 -39.81 24.79
C ILE C 184 33.91 -40.16 23.86
N ARG C 185 33.55 -41.43 23.81
CA ARG C 185 32.48 -41.85 22.90
C ARG C 185 31.85 -43.09 23.49
N TYR C 186 30.53 -43.21 23.36
CA TYR C 186 29.78 -44.34 23.87
C TYR C 186 29.97 -45.66 23.08
N ALA C 187 29.90 -46.78 23.81
CA ALA C 187 30.06 -48.10 23.21
C ALA C 187 28.84 -48.56 22.44
N GLY C 188 29.08 -49.34 21.40
CA GLY C 188 28.00 -49.87 20.57
C GLY C 188 28.14 -51.37 20.55
N TYR C 189 27.26 -52.05 21.29
CA TYR C 189 27.33 -53.50 21.39
C TYR C 189 26.64 -54.24 20.27
N GLN C 190 27.45 -54.81 19.38
CA GLN C 190 26.97 -55.56 18.23
C GLN C 190 26.25 -56.85 18.58
N MET C 191 24.91 -56.77 18.65
CA MET C 191 24.08 -57.92 18.94
C MET C 191 24.19 -58.95 17.81
N PRO C 192 24.20 -60.25 18.15
CA PRO C 192 24.29 -61.30 17.13
C PRO C 192 23.10 -61.29 16.16
N ASP C 193 21.99 -60.73 16.62
CA ASP C 193 20.77 -60.66 15.80
C ASP C 193 20.70 -59.36 14.99
N GLY C 194 21.86 -58.82 14.64
CA GLY C 194 21.92 -57.60 13.86
C GLY C 194 21.63 -56.32 14.61
N SER C 195 20.66 -56.37 15.54
CA SER C 195 20.28 -55.20 16.33
C SER C 195 21.48 -54.50 16.96
N ILE C 196 21.25 -53.37 17.61
CA ILE C 196 22.33 -52.62 18.24
C ILE C 196 21.92 -51.85 19.50
N ARG C 197 22.71 -51.98 20.57
CA ARG C 197 22.47 -51.29 21.82
C ARG C 197 23.64 -50.33 22.06
N GLY C 198 23.33 -49.05 22.18
CA GLY C 198 24.37 -48.05 22.37
C GLY C 198 24.56 -47.25 21.10
N ASP C 199 25.80 -46.94 20.76
CA ASP C 199 26.05 -46.14 19.57
C ASP C 199 26.54 -47.00 18.40
N PRO C 200 25.64 -47.32 17.47
CA PRO C 200 26.00 -48.15 16.31
C PRO C 200 27.19 -47.64 15.51
N ALA C 201 27.50 -46.36 15.66
CA ALA C 201 28.63 -45.76 14.93
C ALA C 201 29.99 -46.24 15.41
N ASN C 202 30.07 -46.78 16.63
CA ASN C 202 31.34 -47.23 17.17
C ASN C 202 31.44 -48.72 17.47
N VAL C 203 30.96 -49.58 16.58
CA VAL C 203 31.02 -51.02 16.85
C VAL C 203 32.38 -51.59 16.46
N GLU C 204 32.91 -51.15 15.32
CA GLU C 204 34.21 -51.61 14.82
C GLU C 204 35.31 -51.42 15.86
N ILE C 205 35.02 -50.68 16.92
CA ILE C 205 36.01 -50.42 17.95
C ILE C 205 35.55 -51.01 19.28
N THR C 206 34.24 -51.08 19.50
CA THR C 206 33.69 -51.66 20.72
C THR C 206 34.13 -53.12 20.80
N GLN C 207 34.01 -53.81 19.67
CA GLN C 207 34.42 -55.21 19.57
C GLN C 207 35.91 -55.36 19.81
N LEU C 208 36.69 -54.43 19.27
CA LEU C 208 38.13 -54.47 19.45
C LEU C 208 38.43 -54.43 20.93
N CYS C 209 37.77 -53.51 21.62
CA CYS C 209 37.94 -53.37 23.06
C CYS C 209 37.57 -54.66 23.78
N ILE C 210 36.44 -55.26 23.39
CA ILE C 210 35.98 -56.52 24.00
C ILE C 210 37.04 -57.59 23.86
N ASP C 211 37.49 -57.82 22.63
CA ASP C 211 38.50 -58.82 22.35
C ASP C 211 39.86 -58.47 22.96
N LEU C 212 39.92 -57.38 23.70
CA LEU C 212 41.19 -56.98 24.32
C LEU C 212 41.14 -57.04 25.84
N GLY C 213 40.09 -57.66 26.38
CA GLY C 213 39.97 -57.79 27.82
C GLY C 213 38.94 -56.91 28.50
N TRP C 214 38.42 -55.92 27.80
CA TRP C 214 37.45 -55.01 28.39
C TRP C 214 36.16 -55.76 28.79
N LYS C 215 35.69 -55.51 30.01
CA LYS C 215 34.46 -56.12 30.50
C LYS C 215 33.40 -55.03 30.65
N PRO C 216 32.67 -54.74 29.56
CA PRO C 216 31.62 -53.70 29.57
C PRO C 216 30.41 -54.01 30.45
N LYS C 217 29.53 -53.01 30.56
CA LYS C 217 28.31 -53.13 31.37
C LYS C 217 27.11 -53.28 30.44
N TYR C 218 27.35 -53.15 29.14
CA TYR C 218 26.33 -53.29 28.11
C TYR C 218 25.12 -52.37 28.28
N GLY C 219 25.40 -51.09 28.51
CA GLY C 219 24.35 -50.10 28.66
C GLY C 219 24.22 -49.33 27.35
N ARG C 220 23.44 -48.27 27.33
CA ARG C 220 23.26 -47.47 26.12
C ARG C 220 24.30 -46.36 26.00
N PHE C 221 24.97 -46.06 27.12
CA PHE C 221 25.98 -45.00 27.14
C PHE C 221 27.21 -45.40 27.92
N ASP C 222 27.86 -46.50 27.53
CA ASP C 222 29.06 -46.95 28.21
C ASP C 222 30.26 -46.28 27.56
N VAL C 223 30.94 -45.40 28.28
CA VAL C 223 32.09 -44.73 27.71
C VAL C 223 33.12 -45.78 27.29
N LEU C 224 33.68 -45.61 26.10
CA LEU C 224 34.66 -46.53 25.57
C LEU C 224 36.06 -46.29 26.13
N PRO C 225 36.82 -47.37 26.34
CA PRO C 225 38.19 -47.22 26.85
C PRO C 225 39.08 -46.71 25.72
N LEU C 226 40.11 -45.94 26.04
CA LEU C 226 41.02 -45.41 25.03
C LEU C 226 41.98 -46.49 24.48
N VAL C 227 41.93 -46.70 23.17
CA VAL C 227 42.82 -47.67 22.52
C VAL C 227 44.04 -46.88 22.04
N LEU C 228 45.10 -46.88 22.85
CA LEU C 228 46.32 -46.12 22.54
C LEU C 228 47.48 -46.89 21.89
N GLN C 229 48.02 -46.31 20.84
CA GLN C 229 49.13 -46.92 20.13
C GLN C 229 50.39 -46.07 20.32
N ALA C 230 51.36 -46.61 21.06
CA ALA C 230 52.62 -45.92 21.31
C ALA C 230 53.75 -46.62 20.59
N ASN C 231 54.54 -45.85 19.87
CA ASN C 231 55.69 -46.36 19.14
C ASN C 231 55.40 -47.58 18.25
N GLY C 232 54.27 -47.54 17.56
CA GLY C 232 53.89 -48.61 16.66
C GLY C 232 53.46 -49.93 17.30
N ARG C 233 53.57 -49.99 18.63
CA ARG C 233 53.22 -51.21 19.35
C ARG C 233 51.74 -51.50 19.26
N ASP C 234 51.36 -52.77 19.45
CA ASP C 234 49.94 -53.14 19.43
C ASP C 234 49.30 -52.19 20.41
N PRO C 235 48.02 -51.87 20.22
CA PRO C 235 47.35 -50.96 21.14
C PRO C 235 47.06 -51.59 22.48
N GLU C 236 46.95 -50.75 23.52
CA GLU C 236 46.64 -51.20 24.88
C GLU C 236 45.50 -50.35 25.40
N LEU C 237 44.65 -50.93 26.24
CA LEU C 237 43.52 -50.20 26.79
C LEU C 237 43.79 -49.42 28.07
N PHE C 238 43.16 -48.26 28.15
CA PHE C 238 43.27 -47.37 29.30
C PHE C 238 41.89 -46.75 29.48
N GLU C 239 41.32 -46.84 30.68
CA GLU C 239 40.00 -46.26 30.91
C GLU C 239 40.13 -44.86 31.48
N ILE C 240 39.28 -43.95 31.03
CA ILE C 240 39.32 -42.57 31.51
C ILE C 240 38.48 -42.51 32.80
N PRO C 241 39.10 -42.11 33.93
CA PRO C 241 38.44 -41.99 35.22
C PRO C 241 37.06 -41.34 35.15
N PRO C 242 36.03 -42.06 35.61
CA PRO C 242 34.63 -41.63 35.62
C PRO C 242 34.33 -40.15 35.88
N ASP C 243 34.85 -39.61 36.97
CA ASP C 243 34.58 -38.22 37.30
C ASP C 243 35.42 -37.24 36.47
N LEU C 244 36.01 -37.74 35.41
CA LEU C 244 36.82 -36.93 34.52
C LEU C 244 35.98 -36.74 33.24
N VAL C 245 35.03 -37.66 33.06
CA VAL C 245 34.13 -37.65 31.92
C VAL C 245 32.81 -36.98 32.26
N LEU C 246 32.77 -35.66 32.10
CA LEU C 246 31.57 -34.87 32.41
C LEU C 246 30.42 -35.17 31.45
N GLU C 247 29.24 -35.47 32.00
CA GLU C 247 28.08 -35.76 31.16
C GLU C 247 26.89 -34.83 31.44
N VAL C 248 25.91 -34.85 30.53
CA VAL C 248 24.72 -34.02 30.68
C VAL C 248 23.45 -34.85 30.50
N ALA C 249 22.54 -34.72 31.47
CA ALA C 249 21.28 -35.44 31.46
C ALA C 249 20.26 -34.68 30.62
N MET C 250 19.62 -35.39 29.70
CA MET C 250 18.64 -34.78 28.82
C MET C 250 17.27 -34.60 29.44
N GLU C 251 16.83 -33.33 29.47
CA GLU C 251 15.54 -32.92 30.02
C GLU C 251 14.96 -31.84 29.11
N HIS C 252 13.64 -31.74 29.08
CA HIS C 252 12.97 -30.76 28.23
C HIS C 252 12.25 -29.69 29.07
N PRO C 253 12.35 -28.42 28.65
CA PRO C 253 11.72 -27.29 29.33
C PRO C 253 10.20 -27.31 29.43
N LYS C 254 9.56 -28.30 28.80
CA LYS C 254 8.10 -28.39 28.82
C LYS C 254 7.64 -29.82 29.01
N TYR C 255 8.30 -30.74 28.31
CA TYR C 255 7.96 -32.14 28.35
C TYR C 255 8.60 -32.91 29.51
N GLU C 256 7.79 -33.04 30.57
CA GLU C 256 8.18 -33.72 31.77
C GLU C 256 8.46 -35.19 31.42
N TRP C 257 7.92 -35.65 30.30
CA TRP C 257 8.12 -37.03 29.88
C TRP C 257 9.44 -37.26 29.15
N PHE C 258 10.13 -36.18 28.78
CA PHE C 258 11.39 -36.32 28.07
C PHE C 258 12.41 -37.05 28.93
N ARG C 259 12.43 -36.71 30.21
CA ARG C 259 13.35 -37.33 31.15
C ARG C 259 13.12 -38.84 31.19
N GLU C 260 11.87 -39.27 30.98
CA GLU C 260 11.53 -40.69 31.02
C GLU C 260 12.19 -41.46 29.86
N LEU C 261 12.85 -40.72 28.96
CA LEU C 261 13.54 -41.32 27.83
C LEU C 261 14.89 -41.80 28.36
N GLU C 262 15.37 -41.08 29.37
CA GLU C 262 16.65 -41.38 30.01
C GLU C 262 17.82 -41.27 29.05
N LEU C 263 17.92 -40.14 28.36
CA LEU C 263 18.99 -39.92 27.42
C LEU C 263 20.05 -39.05 28.08
N LYS C 264 21.27 -39.09 27.55
CA LYS C 264 22.34 -38.26 28.08
C LYS C 264 23.51 -38.21 27.10
N TRP C 265 24.34 -37.18 27.23
CA TRP C 265 25.49 -37.05 26.34
C TRP C 265 26.66 -36.48 27.11
N TYR C 266 27.86 -36.66 26.57
CA TYR C 266 29.07 -36.14 27.20
C TYR C 266 29.32 -34.67 26.78
N ALA C 267 30.00 -33.92 27.63
CA ALA C 267 30.27 -32.51 27.36
C ALA C 267 31.45 -32.22 26.45
N LEU C 268 32.45 -33.11 26.44
CA LEU C 268 33.64 -32.86 25.64
C LEU C 268 33.73 -33.50 24.25
N PRO C 269 33.65 -32.68 23.19
CA PRO C 269 33.74 -33.17 21.82
C PRO C 269 35.21 -33.11 21.39
N ALA C 270 35.85 -34.28 21.26
CA ALA C 270 37.25 -34.29 20.89
C ALA C 270 37.68 -35.27 19.80
N VAL C 271 37.91 -34.75 18.60
CA VAL C 271 38.37 -35.56 17.47
C VAL C 271 39.70 -36.15 17.95
N ALA C 272 39.81 -37.48 17.96
CA ALA C 272 41.04 -38.11 18.42
C ALA C 272 41.88 -38.79 17.34
N ASN C 273 41.30 -39.13 16.20
CA ASN C 273 42.05 -39.83 15.16
C ASN C 273 42.48 -39.10 13.88
N MET C 274 42.75 -37.80 13.94
CA MET C 274 43.16 -37.13 12.72
C MET C 274 44.67 -36.95 12.64
N LEU C 275 45.15 -36.63 11.44
CA LEU C 275 46.58 -36.41 11.25
C LEU C 275 46.86 -34.95 10.92
N LEU C 276 47.76 -34.34 11.69
CA LEU C 276 48.14 -32.95 11.48
C LEU C 276 49.31 -32.97 10.51
N GLU C 277 49.31 -32.08 9.54
CA GLU C 277 50.41 -32.03 8.59
C GLU C 277 51.01 -30.63 8.53
N VAL C 278 52.31 -30.52 8.72
CA VAL C 278 52.98 -29.22 8.67
C VAL C 278 54.39 -29.29 8.09
N GLY C 279 54.65 -28.43 7.11
CA GLY C 279 55.96 -28.40 6.46
C GLY C 279 56.56 -29.75 6.14
N GLY C 280 55.75 -30.67 5.63
CA GLY C 280 56.25 -31.99 5.28
C GLY C 280 56.09 -33.03 6.38
N LEU C 281 56.15 -32.57 7.63
CA LEU C 281 56.02 -33.45 8.78
C LEU C 281 54.57 -33.85 9.00
N GLU C 282 54.36 -35.07 9.49
CA GLU C 282 52.99 -35.54 9.77
C GLU C 282 52.89 -36.14 11.17
N PHE C 283 51.98 -35.61 11.98
CA PHE C 283 51.77 -36.13 13.35
C PHE C 283 50.50 -36.98 13.39
N PRO C 284 50.65 -38.32 13.27
CA PRO C 284 49.50 -39.24 13.30
C PRO C 284 48.73 -39.23 14.59
N GLY C 285 49.34 -38.74 15.66
CA GLY C 285 48.65 -38.69 16.94
C GLY C 285 48.53 -37.28 17.48
N CYS C 286 47.32 -36.72 17.38
CA CYS C 286 47.06 -35.35 17.87
C CYS C 286 45.59 -35.08 18.18
N PRO C 287 45.12 -35.42 19.40
CA PRO C 287 43.70 -35.14 19.65
C PRO C 287 43.45 -33.66 20.00
N PHE C 288 42.32 -33.14 19.54
CA PHE C 288 41.94 -31.76 19.80
C PHE C 288 40.45 -31.70 20.10
N ASN C 289 40.03 -30.63 20.75
CA ASN C 289 38.64 -30.45 21.12
C ASN C 289 38.22 -28.99 21.14
N GLY C 290 36.90 -28.82 21.08
CA GLY C 290 36.27 -27.52 21.14
C GLY C 290 35.03 -27.78 21.97
N TRP C 291 33.98 -26.98 21.79
CA TRP C 291 32.76 -27.23 22.52
C TRP C 291 31.68 -27.59 21.51
N TYR C 292 30.67 -28.34 21.97
CA TYR C 292 29.58 -28.78 21.12
C TYR C 292 28.69 -27.72 20.50
N MET C 293 28.02 -28.11 19.41
CA MET C 293 27.05 -27.28 18.74
C MET C 293 25.79 -28.13 18.81
N GLY C 294 24.77 -27.61 19.48
CA GLY C 294 23.51 -28.32 19.68
C GLY C 294 23.12 -29.40 18.70
N THR C 295 23.07 -29.06 17.42
CA THR C 295 22.66 -29.98 16.37
C THR C 295 23.49 -31.26 16.28
N GLU C 296 24.77 -31.19 16.58
CA GLU C 296 25.63 -32.37 16.49
C GLU C 296 25.00 -33.53 17.24
N ILE C 297 24.38 -33.20 18.37
CA ILE C 297 23.76 -34.18 19.26
C ILE C 297 22.29 -34.50 18.96
N GLY C 298 21.43 -33.50 19.08
CA GLY C 298 20.00 -33.71 18.83
C GLY C 298 19.58 -34.08 17.43
N VAL C 299 20.25 -33.53 16.42
CA VAL C 299 19.92 -33.82 15.02
C VAL C 299 20.62 -35.07 14.51
N ARG C 300 21.93 -35.11 14.67
CA ARG C 300 22.71 -36.24 14.18
C ARG C 300 22.84 -37.43 15.14
N ASP C 301 23.27 -37.20 16.38
CA ASP C 301 23.44 -38.30 17.32
C ASP C 301 22.13 -38.94 17.80
N PHE C 302 21.09 -38.14 17.94
CA PHE C 302 19.80 -38.64 18.41
C PHE C 302 18.81 -39.01 17.31
N CYS C 303 18.83 -38.28 16.20
CA CYS C 303 17.88 -38.56 15.13
C CYS C 303 18.33 -39.38 13.92
N ASP C 304 19.62 -39.35 13.59
CA ASP C 304 20.12 -40.12 12.46
C ASP C 304 19.69 -41.58 12.58
N VAL C 305 19.13 -42.14 11.50
CA VAL C 305 18.68 -43.54 11.54
C VAL C 305 19.83 -44.53 11.81
N GLN C 306 21.05 -44.17 11.43
CA GLN C 306 22.21 -45.03 11.65
C GLN C 306 22.88 -44.73 12.99
N ARG C 307 22.15 -44.10 13.91
CA ARG C 307 22.66 -43.79 15.22
C ARG C 307 21.57 -44.17 16.20
N TYR C 308 21.36 -43.36 17.24
CA TYR C 308 20.33 -43.68 18.25
C TYR C 308 18.91 -43.75 17.71
N ASN C 309 18.60 -42.91 16.72
CA ASN C 309 17.29 -42.90 16.08
C ASN C 309 16.11 -42.82 17.06
N ILE C 310 16.17 -41.84 17.96
CA ILE C 310 15.13 -41.65 18.97
C ILE C 310 13.92 -40.90 18.39
N LEU C 311 14.07 -40.42 17.17
CA LEU C 311 13.03 -39.65 16.49
C LEU C 311 11.62 -40.28 16.52
N GLU C 312 11.56 -41.58 16.27
CA GLU C 312 10.31 -42.33 16.26
C GLU C 312 9.57 -42.20 17.60
N GLU C 313 10.25 -42.53 18.69
CA GLU C 313 9.67 -42.48 20.01
C GLU C 313 9.28 -41.09 20.49
N VAL C 314 10.14 -40.10 20.27
CA VAL C 314 9.81 -38.73 20.68
C VAL C 314 8.46 -38.38 20.06
N GLY C 315 8.32 -38.71 18.77
CA GLY C 315 7.08 -38.40 18.08
C GLY C 315 5.86 -38.94 18.81
N ARG C 316 5.84 -40.26 19.00
CA ARG C 316 4.73 -40.93 19.67
C ARG C 316 4.42 -40.29 21.02
N ARG C 317 5.43 -40.10 21.84
CA ARG C 317 5.22 -39.50 23.15
C ARG C 317 4.73 -38.06 23.05
N MET C 318 4.87 -37.45 21.87
CA MET C 318 4.40 -36.07 21.63
C MET C 318 2.96 -36.03 21.15
N GLY C 319 2.44 -37.20 20.77
CA GLY C 319 1.06 -37.30 20.29
C GLY C 319 0.83 -36.69 18.92
N LEU C 320 1.71 -36.99 17.97
CA LEU C 320 1.60 -36.46 16.61
C LEU C 320 1.18 -37.55 15.65
N GLU C 321 0.82 -37.15 14.43
CA GLU C 321 0.39 -38.09 13.41
C GLU C 321 1.58 -38.73 12.68
N THR C 322 2.42 -39.42 13.45
CA THR C 322 3.58 -40.10 12.92
C THR C 322 3.37 -40.74 11.56
N HIS C 323 2.31 -41.53 11.44
CA HIS C 323 1.98 -42.23 10.19
C HIS C 323 1.84 -41.35 8.93
N LYS C 324 1.75 -40.03 9.13
CA LYS C 324 1.58 -39.10 8.01
C LYS C 324 2.68 -38.05 7.91
N LEU C 325 3.66 -38.28 7.02
CA LEU C 325 4.79 -37.37 6.79
C LEU C 325 4.40 -35.91 6.56
N ALA C 326 3.47 -35.70 5.63
CA ALA C 326 3.01 -34.37 5.29
C ALA C 326 2.48 -33.55 6.45
N SER C 327 2.54 -34.11 7.66
CA SER C 327 2.08 -33.40 8.85
C SER C 327 3.30 -32.77 9.49
N LEU C 328 4.47 -33.13 8.97
CA LEU C 328 5.75 -32.62 9.44
C LEU C 328 6.06 -32.96 10.89
N TRP C 329 5.48 -34.04 11.41
CA TRP C 329 5.75 -34.41 12.80
C TRP C 329 7.26 -34.55 12.99
N LYS C 330 7.94 -35.07 11.97
CA LYS C 330 9.39 -35.24 12.09
C LYS C 330 10.14 -33.93 12.36
N ASP C 331 9.70 -32.84 11.73
CA ASP C 331 10.32 -31.53 11.90
C ASP C 331 10.12 -30.97 13.30
N GLN C 332 8.92 -31.16 13.87
CA GLN C 332 8.63 -30.68 15.21
C GLN C 332 9.41 -31.51 16.21
N ALA C 333 9.41 -32.83 16.00
CA ALA C 333 10.15 -33.75 16.86
C ALA C 333 11.60 -33.34 16.93
N VAL C 334 12.18 -32.96 15.79
CA VAL C 334 13.58 -32.53 15.75
C VAL C 334 13.80 -31.24 16.53
N VAL C 335 12.90 -30.28 16.35
CA VAL C 335 13.03 -29.01 17.04
C VAL C 335 12.93 -29.20 18.56
N GLU C 336 12.04 -30.10 18.99
CA GLU C 336 11.87 -30.34 20.42
C GLU C 336 13.06 -31.06 21.06
N ILE C 337 13.65 -31.98 20.32
CA ILE C 337 14.81 -32.70 20.83
C ILE C 337 15.96 -31.71 20.95
N ASN C 338 16.17 -30.91 19.91
CA ASN C 338 17.24 -29.91 19.93
C ASN C 338 17.00 -28.83 20.99
N ILE C 339 15.73 -28.58 21.30
CA ILE C 339 15.40 -27.62 22.33
C ILE C 339 15.83 -28.26 23.66
N ALA C 340 15.51 -29.53 23.82
CA ALA C 340 15.89 -30.24 25.03
C ALA C 340 17.41 -30.12 25.19
N VAL C 341 18.15 -30.53 24.16
CA VAL C 341 19.61 -30.48 24.20
C VAL C 341 20.22 -29.14 24.66
N LEU C 342 19.93 -28.04 23.99
CA LEU C 342 20.52 -26.77 24.38
C LEU C 342 20.13 -26.38 25.80
N HIS C 343 18.93 -26.77 26.20
CA HIS C 343 18.40 -26.49 27.52
C HIS C 343 19.18 -27.27 28.57
N SER C 344 19.25 -28.57 28.38
CA SER C 344 19.95 -29.44 29.31
C SER C 344 21.36 -28.97 29.61
N PHE C 345 22.02 -28.35 28.63
CA PHE C 345 23.39 -27.86 28.85
C PHE C 345 23.42 -26.57 29.67
N GLN C 346 22.58 -25.59 29.31
CA GLN C 346 22.53 -24.34 30.07
C GLN C 346 22.21 -24.68 31.52
N LYS C 347 21.25 -25.58 31.67
CA LYS C 347 20.79 -26.07 32.96
C LYS C 347 21.99 -26.49 33.81
N GLN C 348 22.74 -27.48 33.31
CA GLN C 348 23.90 -27.99 34.03
C GLN C 348 25.19 -27.19 33.87
N ASN C 349 25.06 -25.96 33.39
CA ASN C 349 26.20 -25.06 33.22
C ASN C 349 27.38 -25.57 32.40
N VAL C 350 27.09 -26.16 31.23
CA VAL C 350 28.13 -26.67 30.32
C VAL C 350 28.04 -25.91 29.00
N THR C 351 29.18 -25.39 28.55
CA THR C 351 29.22 -24.63 27.30
C THR C 351 28.65 -25.41 26.10
N ILE C 352 27.97 -24.68 25.22
CA ILE C 352 27.36 -25.24 24.01
C ILE C 352 26.89 -24.10 23.12
N MET C 353 26.93 -24.31 21.82
CA MET C 353 26.51 -23.28 20.87
C MET C 353 25.43 -23.79 19.91
N ASP C 354 24.37 -22.99 19.77
CA ASP C 354 23.27 -23.32 18.88
C ASP C 354 23.68 -23.01 17.43
N HIS C 355 23.10 -23.72 16.48
CA HIS C 355 23.46 -23.52 15.08
C HIS C 355 23.27 -22.11 14.52
N HIS C 356 22.40 -21.32 15.13
CA HIS C 356 22.17 -19.95 14.67
C HIS C 356 23.32 -19.08 15.10
N SER C 357 23.67 -19.18 16.38
CA SER C 357 24.76 -18.42 16.92
C SER C 357 26.02 -18.80 16.16
N ALA C 358 26.25 -20.10 16.05
CA ALA C 358 27.42 -20.63 15.34
C ALA C 358 27.56 -20.03 13.94
N ALA C 359 26.48 -20.11 13.18
CA ALA C 359 26.47 -19.60 11.82
C ALA C 359 26.84 -18.14 11.80
N GLU C 360 26.19 -17.36 12.65
CA GLU C 360 26.40 -15.92 12.73
C GLU C 360 27.88 -15.56 12.91
N SER C 361 28.56 -16.29 13.79
CA SER C 361 29.97 -16.04 14.08
C SER C 361 30.87 -16.41 12.90
N PHE C 362 30.55 -17.51 12.22
CA PHE C 362 31.34 -17.94 11.09
C PHE C 362 31.33 -16.85 10.01
N MET C 363 30.21 -16.14 9.90
CA MET C 363 30.08 -15.06 8.93
C MET C 363 31.04 -13.90 9.23
N LYS C 364 31.20 -13.58 10.52
CA LYS C 364 32.11 -12.52 10.93
C LYS C 364 33.53 -13.04 10.70
N TYR C 365 33.75 -14.28 11.11
CA TYR C 365 35.03 -14.94 10.93
C TYR C 365 35.41 -14.90 9.45
N MET C 366 34.51 -15.41 8.62
CA MET C 366 34.76 -15.47 7.19
C MET C 366 35.13 -14.09 6.65
N GLN C 367 34.41 -13.06 7.08
CA GLN C 367 34.70 -11.71 6.61
C GLN C 367 36.10 -11.28 7.03
N ASN C 368 36.48 -11.59 8.26
CA ASN C 368 37.80 -11.26 8.78
C ASN C 368 38.91 -11.93 7.98
N GLU C 369 38.63 -13.17 7.58
CA GLU C 369 39.55 -14.01 6.82
C GLU C 369 39.92 -13.42 5.46
N TYR C 370 38.94 -12.89 4.74
CA TYR C 370 39.20 -12.30 3.44
C TYR C 370 39.94 -10.97 3.58
N ARG C 371 39.63 -10.23 4.65
CA ARG C 371 40.27 -8.95 4.91
C ARG C 371 41.78 -9.10 5.02
N SER C 372 42.23 -10.19 5.65
CA SER C 372 43.66 -10.43 5.85
C SER C 372 44.37 -11.28 4.79
N ARG C 373 44.12 -12.59 4.79
CA ARG C 373 44.76 -13.48 3.82
C ARG C 373 44.05 -13.54 2.47
N GLY C 374 42.95 -12.82 2.36
CA GLY C 374 42.23 -12.80 1.10
C GLY C 374 41.72 -14.15 0.65
N GLY C 375 40.98 -14.82 1.53
CA GLY C 375 40.45 -16.12 1.21
C GLY C 375 40.09 -16.88 2.46
N CYS C 376 39.28 -17.92 2.31
CA CYS C 376 38.83 -18.74 3.43
C CYS C 376 38.29 -20.05 2.86
N PRO C 377 39.02 -21.15 3.04
CA PRO C 377 38.55 -22.44 2.52
C PRO C 377 37.32 -22.90 3.28
N ALA C 378 36.26 -23.20 2.54
CA ALA C 378 35.02 -23.62 3.17
C ALA C 378 34.23 -24.64 2.36
N ASP C 379 33.82 -25.71 3.05
CA ASP C 379 33.02 -26.78 2.46
C ASP C 379 31.55 -26.50 2.83
N TRP C 380 30.81 -25.90 1.90
CA TRP C 380 29.42 -25.55 2.10
C TRP C 380 28.64 -26.73 2.69
N ILE C 381 28.70 -27.88 2.02
CA ILE C 381 28.02 -29.09 2.43
C ILE C 381 28.19 -29.50 3.90
N TRP C 382 29.25 -29.01 4.54
CA TRP C 382 29.51 -29.32 5.94
C TRP C 382 29.22 -28.15 6.87
N LEU C 383 29.25 -26.93 6.36
CA LEU C 383 29.00 -25.77 7.20
C LEU C 383 27.51 -25.52 7.44
N VAL C 384 26.68 -25.76 6.44
CA VAL C 384 25.25 -25.56 6.62
C VAL C 384 24.76 -26.62 7.61
N PRO C 385 24.05 -26.18 8.66
CA PRO C 385 23.50 -27.04 9.72
C PRO C 385 22.58 -28.14 9.20
N PRO C 386 22.50 -29.27 9.92
CA PRO C 386 21.65 -30.41 9.56
C PRO C 386 20.17 -30.09 9.65
N MET C 387 19.82 -29.00 10.33
CA MET C 387 18.43 -28.57 10.45
C MET C 387 18.35 -27.06 10.22
N SER C 388 17.20 -26.59 9.74
CA SER C 388 16.97 -25.18 9.47
C SER C 388 18.12 -24.49 8.72
N GLY C 389 18.61 -25.14 7.67
CA GLY C 389 19.70 -24.58 6.89
C GLY C 389 19.48 -23.18 6.37
N SER C 390 18.53 -23.04 5.45
CA SER C 390 18.18 -21.76 4.83
C SER C 390 17.93 -20.62 5.83
N ILE C 391 17.63 -20.98 7.08
CA ILE C 391 17.36 -20.00 8.13
C ILE C 391 18.67 -19.37 8.60
N THR C 392 19.78 -20.04 8.29
CA THR C 392 21.10 -19.55 8.65
C THR C 392 21.74 -18.82 7.47
N PRO C 393 22.58 -17.82 7.74
CA PRO C 393 23.26 -17.02 6.72
C PRO C 393 24.26 -17.79 5.85
N VAL C 394 24.95 -18.77 6.43
CA VAL C 394 25.92 -19.55 5.66
C VAL C 394 25.24 -20.28 4.50
N PHE C 395 23.95 -20.56 4.62
CA PHE C 395 23.24 -21.24 3.55
C PHE C 395 23.28 -20.44 2.26
N HIS C 396 23.18 -19.12 2.38
CA HIS C 396 23.17 -18.21 1.23
C HIS C 396 24.56 -17.69 0.89
N GLN C 397 25.59 -18.38 1.38
CA GLN C 397 26.95 -17.93 1.16
C GLN C 397 27.76 -18.79 0.20
N GLU C 398 28.03 -18.26 -0.99
CA GLU C 398 28.85 -18.98 -1.97
C GLU C 398 30.23 -19.11 -1.34
N MET C 399 30.90 -20.23 -1.61
CA MET C 399 32.23 -20.46 -1.05
C MET C 399 33.11 -21.37 -1.91
N LEU C 400 34.41 -21.32 -1.64
CA LEU C 400 35.38 -22.14 -2.36
C LEU C 400 35.95 -23.11 -1.37
N ASN C 401 36.11 -24.35 -1.79
CA ASN C 401 36.65 -25.37 -0.91
C ASN C 401 38.00 -25.81 -1.47
N TYR C 402 39.03 -25.73 -0.65
CA TYR C 402 40.36 -26.14 -1.07
C TYR C 402 41.23 -26.48 0.11
N VAL C 403 42.22 -27.33 -0.13
CA VAL C 403 43.13 -27.78 0.91
C VAL C 403 44.46 -27.03 0.94
N LEU C 404 44.86 -26.57 2.13
CA LEU C 404 46.13 -25.85 2.30
C LEU C 404 47.07 -26.59 3.25
N SER C 405 48.01 -25.84 3.82
CA SER C 405 48.97 -26.40 4.77
C SER C 405 49.42 -25.34 5.77
N PRO C 406 49.43 -25.65 7.06
CA PRO C 406 49.08 -26.90 7.75
C PRO C 406 47.65 -27.35 7.48
N PHE C 407 47.34 -28.59 7.81
CA PHE C 407 45.99 -29.10 7.55
C PHE C 407 45.73 -30.41 8.29
N TYR C 408 44.50 -30.60 8.76
CA TYR C 408 44.16 -31.86 9.44
C TYR C 408 43.59 -32.85 8.43
N TYR C 409 44.28 -33.96 8.21
CA TYR C 409 43.80 -34.99 7.27
C TYR C 409 43.16 -36.18 8.00
N TYR C 410 42.42 -37.01 7.26
CA TYR C 410 41.82 -38.20 7.86
C TYR C 410 42.91 -39.25 7.82
N GLN C 411 42.64 -40.39 8.45
CA GLN C 411 43.59 -41.48 8.47
C GLN C 411 42.77 -42.73 8.19
N VAL C 412 43.46 -43.82 7.84
CA VAL C 412 42.76 -45.08 7.59
C VAL C 412 42.56 -45.78 8.94
N GLU C 413 41.32 -46.18 9.24
CA GLU C 413 41.02 -46.86 10.50
C GLU C 413 42.23 -47.74 10.84
N ALA C 414 42.95 -47.37 11.90
CA ALA C 414 44.15 -48.09 12.30
C ALA C 414 44.05 -49.62 12.35
N TRP C 415 42.94 -50.15 12.87
CA TRP C 415 42.80 -51.61 12.95
C TRP C 415 42.88 -52.28 11.59
N LYS C 416 42.57 -51.54 10.54
CA LYS C 416 42.60 -52.04 9.16
C LYS C 416 44.02 -52.29 8.62
N THR C 417 44.99 -51.52 9.11
CA THR C 417 46.36 -51.61 8.62
C THR C 417 47.40 -52.11 9.62
N HIS C 418 47.04 -52.18 10.89
CA HIS C 418 47.98 -52.63 11.92
C HIS C 418 48.42 -54.09 11.81
N VAL C 419 49.74 -54.30 11.89
CA VAL C 419 50.26 -55.65 11.85
C VAL C 419 50.50 -56.05 13.30
N TRP C 420 49.64 -56.95 13.79
CA TRP C 420 49.71 -57.43 15.17
C TRP C 420 50.93 -58.24 15.49
N GLN C 421 51.69 -57.76 16.47
CA GLN C 421 52.94 -58.39 16.88
C GLN C 421 52.79 -59.60 17.79
N ASP C 422 51.55 -59.94 18.16
CA ASP C 422 51.32 -61.09 19.03
C ASP C 422 49.90 -61.66 18.96
N ARG D 2 37.69 -45.70 -14.87
CA ARG D 2 36.68 -46.77 -14.65
C ARG D 2 35.36 -46.17 -14.15
N HIS D 3 35.07 -46.31 -12.87
CA HIS D 3 33.83 -45.75 -12.31
C HIS D 3 34.02 -45.24 -10.89
N VAL D 4 33.10 -44.38 -10.45
CA VAL D 4 33.15 -43.79 -9.11
C VAL D 4 32.06 -44.41 -8.22
N ARG D 5 32.45 -44.82 -7.02
CA ARG D 5 31.52 -45.42 -6.08
C ARG D 5 30.99 -44.37 -5.12
N ILE D 6 29.68 -44.41 -4.88
CA ILE D 6 29.05 -43.47 -3.97
C ILE D 6 28.07 -44.21 -3.07
N LYS D 7 28.01 -43.84 -1.80
CA LYS D 7 27.08 -44.53 -0.92
C LYS D 7 26.20 -43.63 -0.07
N ASN D 8 25.21 -44.27 0.55
CA ASN D 8 24.28 -43.59 1.44
C ASN D 8 24.64 -44.07 2.82
N TRP D 9 25.23 -43.19 3.62
CA TRP D 9 25.65 -43.56 4.96
C TRP D 9 24.46 -43.75 5.89
N GLY D 10 23.27 -43.56 5.36
CA GLY D 10 22.06 -43.74 6.16
C GLY D 10 21.46 -45.12 5.93
N SER D 11 21.52 -45.59 4.69
CA SER D 11 20.97 -46.89 4.33
C SER D 11 22.11 -47.89 4.10
N GLY D 12 23.25 -47.40 3.64
CA GLY D 12 24.39 -48.27 3.40
C GLY D 12 24.46 -48.74 1.96
N MET D 13 23.44 -48.41 1.18
CA MET D 13 23.39 -48.81 -0.22
C MET D 13 24.52 -48.12 -0.99
N THR D 14 24.99 -48.77 -2.04
CA THR D 14 26.07 -48.21 -2.84
C THR D 14 25.77 -48.20 -4.34
N PHE D 15 26.31 -47.20 -5.03
CA PHE D 15 26.12 -47.06 -6.46
C PHE D 15 27.47 -46.96 -7.17
N GLN D 16 27.49 -47.23 -8.46
CA GLN D 16 28.71 -47.13 -9.27
C GLN D 16 28.42 -46.29 -10.51
N ASP D 17 28.97 -45.08 -10.53
CA ASP D 17 28.76 -44.16 -11.64
C ASP D 17 29.76 -44.24 -12.79
N THR D 18 29.24 -44.51 -13.99
CA THR D 18 30.03 -44.62 -15.22
C THR D 18 29.53 -43.58 -16.24
N LEU D 19 28.35 -43.06 -15.97
CA LEU D 19 27.74 -42.09 -16.85
C LEU D 19 28.56 -40.80 -16.87
N HIS D 20 29.09 -40.41 -15.71
CA HIS D 20 29.86 -39.18 -15.60
C HIS D 20 30.99 -39.04 -16.63
N HIS D 21 31.19 -40.05 -17.45
CA HIS D 21 32.24 -40.02 -18.47
C HIS D 21 31.74 -39.45 -19.80
N LYS D 22 30.42 -39.33 -19.92
CA LYS D 22 29.82 -38.81 -21.12
C LYS D 22 29.48 -37.34 -20.93
N ALA D 23 29.73 -36.82 -19.74
CA ALA D 23 29.43 -35.43 -19.41
C ALA D 23 30.31 -34.43 -20.15
N LYS D 24 29.81 -33.20 -20.22
CA LYS D 24 30.51 -32.11 -20.88
C LYS D 24 31.53 -31.51 -19.93
N GLY D 25 32.75 -31.27 -20.40
CA GLY D 25 33.78 -30.68 -19.56
C GLY D 25 33.69 -29.16 -19.47
N ILE D 26 32.69 -28.66 -18.75
CA ILE D 26 32.47 -27.23 -18.61
C ILE D 26 32.47 -26.70 -17.18
N LEU D 27 32.63 -27.57 -16.20
CA LEU D 27 32.64 -27.13 -14.81
C LEU D 27 33.93 -26.39 -14.46
N THR D 28 33.91 -25.63 -13.38
CA THR D 28 35.10 -24.87 -12.99
C THR D 28 35.92 -25.53 -11.87
N CYS D 29 35.41 -26.62 -11.30
CA CYS D 29 36.12 -27.37 -10.26
C CYS D 29 37.41 -27.92 -10.87
N ARG D 30 38.49 -27.88 -10.10
CA ARG D 30 39.78 -28.39 -10.54
C ARG D 30 40.34 -29.15 -9.36
N SER D 31 41.53 -29.72 -9.53
CA SER D 31 42.17 -30.46 -8.45
C SER D 31 42.47 -29.55 -7.26
N LYS D 32 42.70 -28.27 -7.54
CA LYS D 32 43.03 -27.31 -6.47
C LYS D 32 41.85 -26.79 -5.67
N SER D 33 40.69 -26.63 -6.30
CA SER D 33 39.50 -26.14 -5.61
C SER D 33 38.17 -26.58 -6.25
N CYS D 34 37.14 -26.70 -5.42
CA CYS D 34 35.82 -27.10 -5.88
C CYS D 34 34.90 -25.91 -5.72
N LEU D 35 34.18 -25.57 -6.79
CA LEU D 35 33.26 -24.42 -6.75
C LEU D 35 31.79 -24.79 -6.87
N GLY D 36 31.44 -25.99 -6.39
CA GLY D 36 30.07 -26.45 -6.48
C GLY D 36 29.01 -25.62 -5.78
N SER D 37 29.42 -24.73 -4.89
CA SER D 37 28.45 -23.90 -4.18
C SER D 37 28.18 -22.53 -4.80
N ILE D 38 28.72 -22.26 -6.00
CA ILE D 38 28.46 -20.97 -6.66
C ILE D 38 27.05 -21.16 -7.23
N MET D 39 26.12 -20.31 -6.81
CA MET D 39 24.72 -20.43 -7.22
C MET D 39 24.40 -20.43 -8.72
N THR D 40 24.64 -19.31 -9.39
CA THR D 40 24.33 -19.26 -10.82
C THR D 40 25.58 -18.95 -11.66
N PRO D 41 26.44 -19.97 -11.86
CA PRO D 41 27.70 -19.98 -12.59
C PRO D 41 27.65 -19.96 -14.11
N LYS D 42 28.65 -19.34 -14.73
CA LYS D 42 28.72 -19.30 -16.18
C LYS D 42 28.82 -20.72 -16.75
N SER D 43 29.33 -21.64 -15.96
CA SER D 43 29.45 -23.02 -16.41
C SER D 43 28.08 -23.59 -16.76
N LEU D 44 27.07 -23.14 -16.01
CA LEU D 44 25.70 -23.59 -16.22
C LEU D 44 24.84 -22.63 -17.00
N THR D 45 25.45 -21.58 -17.58
CA THR D 45 24.70 -20.59 -18.35
C THR D 45 25.00 -20.75 -19.83
N ARG D 46 24.05 -20.41 -20.68
CA ARG D 46 24.24 -20.47 -22.11
C ARG D 46 23.93 -19.08 -22.65
N GLY D 47 24.96 -18.26 -22.80
CA GLY D 47 24.80 -16.90 -23.24
C GLY D 47 24.20 -16.65 -24.62
N PRO D 48 24.13 -15.38 -25.05
CA PRO D 48 23.59 -15.02 -26.35
C PRO D 48 24.64 -15.08 -27.45
N ARG D 49 24.17 -15.13 -28.69
CA ARG D 49 25.03 -15.17 -29.87
C ARG D 49 24.50 -14.13 -30.86
N ASP D 50 25.32 -13.73 -31.81
CA ASP D 50 24.90 -12.77 -32.83
C ASP D 50 25.20 -13.39 -34.20
N LYS D 51 25.78 -14.58 -34.17
CA LYS D 51 26.13 -15.32 -35.37
C LYS D 51 25.64 -16.76 -35.18
N PRO D 52 25.17 -17.40 -36.26
CA PRO D 52 24.68 -18.78 -36.17
C PRO D 52 25.72 -19.75 -35.64
N THR D 53 25.27 -20.97 -35.34
CA THR D 53 26.16 -22.01 -34.83
C THR D 53 26.79 -22.71 -36.03
N PRO D 54 28.11 -22.55 -36.23
CA PRO D 54 28.82 -23.16 -37.35
C PRO D 54 28.39 -24.60 -37.62
N PRO D 55 27.93 -24.89 -38.85
CA PRO D 55 27.49 -26.23 -39.22
C PRO D 55 28.48 -27.30 -38.77
N ASP D 56 29.77 -26.97 -38.87
CA ASP D 56 30.83 -27.88 -38.47
C ASP D 56 30.63 -28.34 -37.04
N GLU D 57 30.62 -27.37 -36.12
CA GLU D 57 30.44 -27.67 -34.71
C GLU D 57 29.10 -28.34 -34.42
N LEU D 58 28.10 -28.02 -35.24
CA LEU D 58 26.76 -28.54 -35.07
C LEU D 58 26.58 -30.01 -35.41
N LEU D 59 26.98 -30.39 -36.62
CA LEU D 59 26.86 -31.76 -37.10
C LEU D 59 27.10 -32.83 -36.02
N PRO D 60 28.31 -32.86 -35.43
CA PRO D 60 28.67 -33.83 -34.39
C PRO D 60 27.66 -33.85 -33.24
N GLN D 61 27.20 -32.67 -32.86
CA GLN D 61 26.23 -32.55 -31.78
C GLN D 61 24.90 -33.13 -32.22
N ALA D 62 24.49 -32.80 -33.44
CA ALA D 62 23.23 -33.29 -33.99
C ALA D 62 23.21 -34.82 -34.03
N ILE D 63 24.18 -35.38 -34.74
CA ILE D 63 24.31 -36.82 -34.88
C ILE D 63 24.31 -37.53 -33.53
N GLU D 64 24.97 -36.94 -32.55
CA GLU D 64 25.04 -37.55 -31.23
C GLU D 64 23.64 -37.61 -30.60
N PHE D 65 22.88 -36.53 -30.73
CA PHE D 65 21.53 -36.51 -30.20
C PHE D 65 20.70 -37.59 -30.89
N VAL D 66 20.67 -37.54 -32.22
CA VAL D 66 19.93 -38.51 -33.00
C VAL D 66 20.23 -39.90 -32.46
N ASN D 67 21.51 -40.23 -32.38
CA ASN D 67 21.94 -41.52 -31.87
C ASN D 67 21.28 -41.82 -30.52
N GLN D 68 21.39 -40.88 -29.59
CA GLN D 68 20.80 -41.03 -28.27
C GLN D 68 19.31 -41.32 -28.38
N TYR D 69 18.64 -40.56 -29.23
CA TYR D 69 17.22 -40.74 -29.42
C TYR D 69 16.90 -42.16 -29.86
N TYR D 70 17.43 -42.54 -31.02
CA TYR D 70 17.18 -43.87 -31.55
C TYR D 70 17.66 -44.97 -30.62
N GLY D 71 18.71 -44.67 -29.86
CA GLY D 71 19.22 -45.66 -28.93
C GLY D 71 18.34 -45.78 -27.70
N SER D 72 17.30 -44.95 -27.61
CA SER D 72 16.41 -44.99 -26.44
C SER D 72 15.35 -46.07 -26.63
N PHE D 73 15.02 -46.36 -27.88
CA PHE D 73 14.03 -47.36 -28.21
C PHE D 73 14.43 -48.74 -27.73
N LYS D 74 13.45 -49.47 -27.22
CA LYS D 74 13.63 -50.84 -26.74
C LYS D 74 13.66 -51.73 -27.97
N GLU D 75 12.82 -51.39 -28.94
CA GLU D 75 12.72 -52.12 -30.20
C GLU D 75 13.48 -51.31 -31.25
N ALA D 76 14.78 -51.55 -31.35
CA ALA D 76 15.62 -50.81 -32.29
C ALA D 76 15.02 -50.65 -33.70
N LYS D 77 15.20 -49.46 -34.25
CA LYS D 77 14.72 -49.13 -35.59
C LYS D 77 15.94 -48.69 -36.39
N ILE D 78 16.72 -49.68 -36.82
CA ILE D 78 17.96 -49.43 -37.55
C ILE D 78 17.79 -48.67 -38.87
N GLU D 79 16.98 -49.19 -39.78
CA GLU D 79 16.79 -48.54 -41.07
C GLU D 79 16.50 -47.05 -40.88
N GLU D 80 15.48 -46.75 -40.08
CA GLU D 80 15.07 -45.37 -39.79
C GLU D 80 16.19 -44.52 -39.18
N HIS D 81 16.88 -45.08 -38.21
CA HIS D 81 17.99 -44.41 -37.53
C HIS D 81 18.98 -43.92 -38.60
N LEU D 82 19.36 -44.83 -39.50
CA LEU D 82 20.30 -44.51 -40.56
C LEU D 82 19.78 -43.35 -41.39
N ALA D 83 18.59 -43.52 -41.94
CA ALA D 83 17.95 -42.52 -42.76
C ALA D 83 17.97 -41.15 -42.08
N ARG D 84 17.65 -41.15 -40.79
CA ARG D 84 17.59 -39.93 -39.99
C ARG D 84 18.92 -39.19 -39.95
N VAL D 85 20.02 -39.92 -39.77
CA VAL D 85 21.33 -39.31 -39.72
C VAL D 85 21.68 -38.66 -41.06
N GLU D 86 21.50 -39.40 -42.15
CA GLU D 86 21.78 -38.86 -43.48
C GLU D 86 20.87 -37.66 -43.75
N ALA D 87 19.63 -37.75 -43.27
CA ALA D 87 18.66 -36.67 -43.47
C ALA D 87 19.12 -35.40 -42.78
N VAL D 88 19.38 -35.50 -41.47
CA VAL D 88 19.81 -34.36 -40.69
C VAL D 88 21.13 -33.84 -41.22
N THR D 89 22.00 -34.76 -41.65
CA THR D 89 23.30 -34.37 -42.17
C THR D 89 23.13 -33.47 -43.39
N LYS D 90 22.34 -33.94 -44.36
CA LYS D 90 22.10 -33.18 -45.56
C LYS D 90 21.38 -31.88 -45.25
N GLU D 91 20.40 -31.95 -44.35
CA GLU D 91 19.62 -30.77 -43.95
C GLU D 91 20.57 -29.70 -43.39
N ILE D 92 21.59 -30.13 -42.66
CA ILE D 92 22.55 -29.20 -42.09
C ILE D 92 23.46 -28.68 -43.20
N GLU D 93 23.89 -29.59 -44.06
CA GLU D 93 24.77 -29.25 -45.19
C GLU D 93 24.11 -28.26 -46.15
N THR D 94 22.78 -28.31 -46.26
CA THR D 94 22.08 -27.43 -47.17
C THR D 94 21.42 -26.19 -46.58
N THR D 95 21.00 -26.26 -45.31
CA THR D 95 20.35 -25.10 -44.68
C THR D 95 21.05 -24.58 -43.42
N GLY D 96 22.21 -25.15 -43.11
CA GLY D 96 22.96 -24.73 -41.94
C GLY D 96 22.26 -24.91 -40.60
N THR D 97 21.41 -25.92 -40.49
CA THR D 97 20.69 -26.21 -39.26
C THR D 97 19.64 -27.27 -39.54
N TYR D 98 19.02 -27.81 -38.50
CA TYR D 98 17.99 -28.83 -38.69
C TYR D 98 16.80 -28.61 -37.76
N GLN D 99 15.72 -29.33 -38.06
CA GLN D 99 14.50 -29.25 -37.27
C GLN D 99 14.26 -30.61 -36.60
N LEU D 100 14.04 -30.62 -35.30
CA LEU D 100 13.77 -31.87 -34.58
C LEU D 100 12.36 -32.29 -34.95
N THR D 101 12.09 -33.59 -34.85
CA THR D 101 10.76 -34.08 -35.15
C THR D 101 9.93 -33.91 -33.90
N GLY D 102 8.62 -33.92 -34.06
CA GLY D 102 7.76 -33.77 -32.90
C GLY D 102 8.08 -34.79 -31.83
N ASP D 103 8.22 -36.06 -32.21
CA ASP D 103 8.53 -37.09 -31.22
C ASP D 103 9.93 -36.92 -30.65
N GLU D 104 10.82 -36.35 -31.44
CA GLU D 104 12.19 -36.09 -31.00
C GLU D 104 12.18 -34.98 -29.96
N LEU D 105 11.34 -33.97 -30.14
CA LEU D 105 11.26 -32.87 -29.18
C LEU D 105 10.68 -33.34 -27.84
N ILE D 106 9.68 -34.22 -27.88
CA ILE D 106 9.06 -34.74 -26.67
C ILE D 106 10.12 -35.47 -25.83
N PHE D 107 10.99 -36.19 -26.52
CA PHE D 107 12.07 -36.96 -25.91
C PHE D 107 13.14 -36.04 -25.34
N ALA D 108 13.49 -34.99 -26.07
CA ALA D 108 14.52 -34.05 -25.64
C ALA D 108 14.11 -33.30 -24.37
N THR D 109 12.87 -32.86 -24.31
CA THR D 109 12.41 -32.13 -23.13
C THR D 109 12.34 -33.01 -21.88
N LYS D 110 11.97 -34.28 -22.04
CA LYS D 110 11.92 -35.19 -20.90
C LYS D 110 13.34 -35.56 -20.44
N GLN D 111 14.26 -35.69 -21.39
CA GLN D 111 15.67 -36.01 -21.07
C GLN D 111 16.35 -34.81 -20.41
N ALA D 112 16.17 -33.63 -20.98
CA ALA D 112 16.78 -32.44 -20.40
C ALA D 112 16.35 -32.32 -18.94
N TRP D 113 15.15 -32.83 -18.64
CA TRP D 113 14.62 -32.81 -17.29
C TRP D 113 15.34 -33.89 -16.48
N ARG D 114 15.24 -35.12 -16.99
CA ARG D 114 15.88 -36.28 -16.37
C ARG D 114 17.36 -35.98 -16.11
N ASN D 115 17.91 -34.99 -16.82
CA ASN D 115 19.32 -34.61 -16.68
C ASN D 115 19.55 -33.34 -15.87
N ALA D 116 18.53 -32.91 -15.12
CA ALA D 116 18.60 -31.70 -14.29
C ALA D 116 19.16 -32.06 -12.91
N PRO D 117 20.46 -31.81 -12.69
CA PRO D 117 21.04 -32.16 -11.39
C PRO D 117 20.40 -31.49 -10.18
N ARG D 118 19.72 -30.36 -10.37
CA ARG D 118 19.13 -29.63 -9.25
C ARG D 118 17.66 -29.89 -8.96
N CYS D 119 17.02 -30.74 -9.74
CA CYS D 119 15.60 -31.01 -9.53
C CYS D 119 15.36 -32.25 -8.68
N ILE D 120 14.69 -32.09 -7.56
CA ILE D 120 14.40 -33.22 -6.70
C ILE D 120 13.16 -34.03 -7.14
N GLY D 121 12.35 -33.46 -8.03
CA GLY D 121 11.17 -34.18 -8.46
C GLY D 121 11.31 -34.82 -9.83
N ARG D 122 12.49 -35.36 -10.13
CA ARG D 122 12.75 -35.98 -11.43
C ARG D 122 12.03 -37.32 -11.56
N ILE D 123 11.54 -37.83 -10.44
CA ILE D 123 10.80 -39.08 -10.40
C ILE D 123 9.74 -39.07 -11.50
N GLN D 124 9.16 -37.89 -11.73
CA GLN D 124 8.10 -37.68 -12.72
C GLN D 124 8.57 -37.34 -14.14
N TRP D 125 9.87 -37.45 -14.42
CA TRP D 125 10.39 -37.10 -15.74
C TRP D 125 9.70 -37.79 -16.92
N SER D 126 8.85 -38.77 -16.62
CA SER D 126 8.15 -39.50 -17.68
C SER D 126 6.81 -38.90 -18.10
N ASN D 127 6.20 -38.10 -17.21
CA ASN D 127 4.92 -37.47 -17.53
C ASN D 127 5.14 -36.01 -17.83
N LEU D 128 5.10 -35.65 -19.10
CA LEU D 128 5.30 -34.27 -19.49
C LEU D 128 4.47 -33.94 -20.74
N GLN D 129 3.67 -32.87 -20.63
CA GLN D 129 2.87 -32.42 -21.74
C GLN D 129 3.76 -31.42 -22.47
N VAL D 130 3.95 -31.62 -23.77
CA VAL D 130 4.78 -30.73 -24.56
C VAL D 130 3.94 -29.97 -25.57
N PHE D 131 4.04 -28.65 -25.53
CA PHE D 131 3.30 -27.81 -26.47
C PHE D 131 4.33 -27.34 -27.48
N ASP D 132 4.08 -27.59 -28.76
CA ASP D 132 5.03 -27.17 -29.76
C ASP D 132 4.61 -25.82 -30.31
N ALA D 133 5.37 -24.80 -29.94
CA ALA D 133 5.13 -23.42 -30.39
C ALA D 133 6.32 -22.95 -31.20
N ARG D 134 7.01 -23.89 -31.84
CA ARG D 134 8.17 -23.56 -32.65
C ARG D 134 7.79 -22.78 -33.92
N SER D 135 6.49 -22.72 -34.19
CA SER D 135 5.97 -22.03 -35.37
C SER D 135 5.51 -20.61 -35.01
N CYS D 136 5.56 -20.30 -33.73
CA CYS D 136 5.16 -19.00 -33.22
C CYS D 136 5.95 -17.88 -33.91
N SER D 137 5.35 -16.70 -34.00
CA SER D 137 6.02 -15.58 -34.65
C SER D 137 5.72 -14.19 -34.10
N THR D 138 4.85 -14.08 -33.09
CA THR D 138 4.54 -12.78 -32.53
C THR D 138 4.29 -12.80 -31.02
N ALA D 139 4.70 -11.71 -30.35
CA ALA D 139 4.55 -11.58 -28.90
C ALA D 139 3.16 -12.02 -28.46
N ARG D 140 2.13 -11.51 -29.15
CA ARG D 140 0.76 -11.87 -28.81
C ARG D 140 0.54 -13.37 -28.93
N GLU D 141 1.18 -14.01 -29.89
CA GLU D 141 1.05 -15.45 -30.06
C GLU D 141 1.68 -16.18 -28.89
N MET D 142 2.87 -15.72 -28.47
CA MET D 142 3.53 -16.32 -27.32
C MET D 142 2.52 -16.24 -26.19
N PHE D 143 2.09 -15.03 -25.90
CA PHE D 143 1.12 -14.78 -24.83
C PHE D 143 -0.08 -15.73 -24.81
N GLU D 144 -0.55 -16.13 -25.99
CA GLU D 144 -1.69 -17.02 -26.06
C GLU D 144 -1.34 -18.48 -25.81
N HIS D 145 -0.06 -18.81 -26.00
CA HIS D 145 0.43 -20.16 -25.76
C HIS D 145 0.65 -20.35 -24.28
N ILE D 146 1.18 -19.31 -23.63
CA ILE D 146 1.45 -19.33 -22.20
C ILE D 146 0.11 -19.48 -21.45
N CYS D 147 -0.89 -18.73 -21.89
CA CYS D 147 -2.21 -18.80 -21.27
C CYS D 147 -2.76 -20.23 -21.36
N ARG D 148 -2.57 -20.87 -22.51
CA ARG D 148 -3.03 -22.23 -22.71
C ARG D 148 -2.30 -23.18 -21.77
N HIS D 149 -1.01 -22.95 -21.62
CA HIS D 149 -0.13 -23.74 -20.77
C HIS D 149 -0.66 -23.63 -19.34
N VAL D 150 -0.76 -22.39 -18.88
CA VAL D 150 -1.23 -22.11 -17.53
C VAL D 150 -2.55 -22.79 -17.20
N ARG D 151 -3.46 -22.73 -18.16
CA ARG D 151 -4.78 -23.33 -18.02
C ARG D 151 -4.65 -24.86 -17.97
N TYR D 152 -3.84 -25.41 -18.87
CA TYR D 152 -3.64 -26.85 -18.92
C TYR D 152 -3.06 -27.38 -17.62
N SER D 153 -1.91 -26.81 -17.23
CA SER D 153 -1.20 -27.22 -16.02
C SER D 153 -1.92 -26.99 -14.70
N THR D 154 -2.54 -25.83 -14.52
CA THR D 154 -3.26 -25.55 -13.28
C THR D 154 -4.31 -26.61 -13.08
N ASN D 155 -5.07 -26.89 -14.13
CA ASN D 155 -6.10 -27.92 -14.07
C ASN D 155 -6.93 -27.94 -12.77
N ASN D 156 -7.45 -26.78 -12.40
CA ASN D 156 -8.28 -26.63 -11.19
C ASN D 156 -7.59 -26.84 -9.86
N GLY D 157 -6.31 -27.17 -9.89
CA GLY D 157 -5.58 -27.42 -8.66
C GLY D 157 -4.86 -28.74 -8.78
N ASN D 158 -5.40 -29.64 -9.60
CA ASN D 158 -4.78 -30.94 -9.80
C ASN D 158 -3.68 -30.69 -10.84
N ILE D 159 -2.66 -29.97 -10.41
CA ILE D 159 -1.54 -29.60 -11.25
C ILE D 159 -1.02 -30.70 -12.17
N ARG D 160 -0.47 -30.26 -13.29
CA ARG D 160 0.11 -31.14 -14.29
C ARG D 160 1.37 -30.48 -14.84
N SER D 161 2.36 -31.30 -15.18
CA SER D 161 3.64 -30.80 -15.69
C SER D 161 3.58 -30.63 -17.20
N ALA D 162 4.13 -29.51 -17.69
CA ALA D 162 4.15 -29.24 -19.12
C ALA D 162 5.23 -28.22 -19.48
N ILE D 163 5.54 -28.12 -20.76
CA ILE D 163 6.51 -27.15 -21.20
C ILE D 163 6.12 -26.61 -22.56
N THR D 164 6.38 -25.33 -22.78
CA THR D 164 6.07 -24.70 -24.06
C THR D 164 7.38 -24.39 -24.77
N VAL D 165 7.59 -25.08 -25.89
CA VAL D 165 8.82 -24.90 -26.67
C VAL D 165 8.59 -23.85 -27.75
N PHE D 166 9.31 -22.75 -27.67
CA PHE D 166 9.19 -21.69 -28.66
C PHE D 166 10.23 -21.93 -29.75
N PRO D 167 10.20 -21.14 -30.83
CA PRO D 167 11.15 -21.31 -31.94
C PRO D 167 12.61 -21.33 -31.49
N GLN D 168 13.40 -22.22 -32.08
CA GLN D 168 14.83 -22.33 -31.74
C GLN D 168 15.61 -21.12 -32.22
N ARG D 169 16.76 -20.89 -31.59
CA ARG D 169 17.64 -19.77 -31.93
C ARG D 169 18.25 -19.97 -33.31
N SER D 170 18.41 -18.88 -34.06
CA SER D 170 18.98 -18.93 -35.40
C SER D 170 20.30 -18.22 -35.41
N ASP D 171 20.30 -16.94 -35.78
CA ASP D 171 21.52 -16.14 -35.79
C ASP D 171 21.82 -15.59 -34.40
N GLY D 172 20.81 -15.62 -33.53
CA GLY D 172 20.97 -15.16 -32.17
C GLY D 172 20.32 -13.81 -31.89
N LYS D 173 19.86 -13.15 -32.96
CA LYS D 173 19.24 -11.83 -32.89
C LYS D 173 17.72 -11.86 -32.97
N HIS D 174 17.16 -13.05 -33.19
CA HIS D 174 15.71 -13.18 -33.28
C HIS D 174 15.18 -14.14 -32.22
N ASP D 175 15.75 -14.05 -31.04
CA ASP D 175 15.36 -14.90 -29.91
C ASP D 175 13.95 -14.67 -29.40
N PHE D 176 13.27 -15.76 -29.06
CA PHE D 176 11.94 -15.68 -28.47
C PHE D 176 12.14 -16.00 -27.00
N ARG D 177 12.24 -14.99 -26.16
CA ARG D 177 12.45 -15.22 -24.74
C ARG D 177 11.36 -14.61 -23.89
N VAL D 178 11.23 -15.12 -22.66
CA VAL D 178 10.27 -14.61 -21.69
C VAL D 178 11.20 -14.01 -20.65
N TRP D 179 11.13 -12.69 -20.45
CA TRP D 179 12.01 -12.03 -19.50
C TRP D 179 11.79 -12.36 -18.03
N ASN D 180 10.54 -12.61 -17.65
CA ASN D 180 10.20 -12.94 -16.27
C ASN D 180 10.86 -14.24 -15.87
N ALA D 181 11.33 -14.32 -14.64
CA ALA D 181 11.97 -15.53 -14.14
C ALA D 181 10.98 -16.69 -14.06
N GLN D 182 9.72 -16.36 -13.75
CA GLN D 182 8.69 -17.38 -13.68
C GLN D 182 7.46 -16.80 -14.38
N LEU D 183 6.50 -17.66 -14.75
CA LEU D 183 5.30 -17.19 -15.42
C LEU D 183 4.47 -16.35 -14.45
N ILE D 184 4.38 -16.81 -13.20
CA ILE D 184 3.62 -16.11 -12.18
C ILE D 184 4.53 -15.76 -11.01
N ARG D 185 4.56 -14.48 -10.66
CA ARG D 185 5.40 -14.01 -9.55
C ARG D 185 4.82 -12.66 -9.14
N TYR D 186 4.93 -12.30 -7.87
CA TYR D 186 4.41 -11.03 -7.36
C TYR D 186 5.39 -9.89 -7.51
N ALA D 187 4.89 -8.67 -7.70
CA ALA D 187 5.76 -7.51 -7.89
C ALA D 187 6.42 -7.04 -6.61
N GLY D 188 7.44 -6.22 -6.77
CA GLY D 188 8.16 -5.67 -5.64
C GLY D 188 8.36 -4.19 -5.91
N TYR D 189 7.78 -3.35 -5.08
CA TYR D 189 7.88 -1.92 -5.27
C TYR D 189 8.79 -1.25 -4.27
N GLN D 190 9.67 -0.40 -4.77
CA GLN D 190 10.51 0.33 -3.86
C GLN D 190 9.66 1.54 -3.55
N MET D 191 9.49 1.83 -2.27
CA MET D 191 8.67 2.96 -1.85
C MET D 191 9.54 4.21 -1.70
N PRO D 192 8.89 5.36 -1.47
CA PRO D 192 9.56 6.66 -1.30
C PRO D 192 10.65 6.69 -0.23
N ASP D 193 10.48 5.88 0.82
CA ASP D 193 11.44 5.81 1.92
C ASP D 193 12.42 4.64 1.77
N GLY D 194 12.66 4.21 0.54
CA GLY D 194 13.58 3.11 0.31
C GLY D 194 13.01 1.73 0.57
N SER D 195 12.19 1.61 1.61
CA SER D 195 11.57 0.33 1.96
C SER D 195 10.97 -0.38 0.74
N ILE D 196 10.79 -1.68 0.85
CA ILE D 196 10.27 -2.47 -0.26
C ILE D 196 8.94 -3.13 0.07
N ARG D 197 8.04 -3.19 -0.90
CA ARG D 197 6.73 -3.83 -0.71
C ARG D 197 6.51 -4.92 -1.76
N GLY D 198 5.99 -6.06 -1.34
CA GLY D 198 5.77 -7.18 -2.25
C GLY D 198 6.96 -8.12 -2.12
N ASP D 199 7.42 -8.68 -3.25
CA ASP D 199 8.57 -9.59 -3.21
C ASP D 199 9.84 -8.79 -3.58
N PRO D 200 10.68 -8.46 -2.58
CA PRO D 200 11.92 -7.69 -2.82
C PRO D 200 12.88 -8.30 -3.82
N ALA D 201 12.52 -9.49 -4.31
CA ALA D 201 13.35 -10.18 -5.28
C ALA D 201 13.11 -9.68 -6.70
N ASN D 202 11.91 -9.14 -6.94
CA ASN D 202 11.54 -8.66 -8.28
C ASN D 202 11.55 -7.15 -8.50
N VAL D 203 12.31 -6.42 -7.68
CA VAL D 203 12.37 -4.98 -7.80
C VAL D 203 12.71 -4.48 -9.22
N GLU D 204 13.78 -5.00 -9.80
CA GLU D 204 14.16 -4.60 -11.16
C GLU D 204 13.08 -4.88 -12.20
N ILE D 205 12.71 -6.13 -12.34
CA ILE D 205 11.69 -6.53 -13.31
C ILE D 205 10.37 -5.76 -13.15
N THR D 206 9.99 -5.47 -11.91
CA THR D 206 8.77 -4.71 -11.64
C THR D 206 8.92 -3.30 -12.20
N GLN D 207 10.04 -2.66 -11.90
CA GLN D 207 10.34 -1.31 -12.37
C GLN D 207 10.34 -1.28 -13.89
N LEU D 208 10.92 -2.29 -14.51
CA LEU D 208 10.97 -2.40 -15.96
C LEU D 208 9.54 -2.41 -16.52
N CYS D 209 8.62 -3.10 -15.86
CA CYS D 209 7.23 -3.14 -16.32
C CYS D 209 6.65 -1.74 -16.27
N ILE D 210 6.88 -1.05 -15.16
CA ILE D 210 6.37 0.32 -15.02
C ILE D 210 6.89 1.19 -16.16
N ASP D 211 8.21 1.17 -16.37
CA ASP D 211 8.82 1.95 -17.44
C ASP D 211 8.19 1.60 -18.77
N LEU D 212 7.53 0.43 -18.82
CA LEU D 212 6.86 -0.01 -20.03
C LEU D 212 5.37 0.26 -20.01
N GLY D 213 4.94 1.13 -19.11
CA GLY D 213 3.54 1.50 -19.04
C GLY D 213 2.67 0.86 -17.98
N TRP D 214 3.09 -0.29 -17.46
CA TRP D 214 2.30 -0.97 -16.44
C TRP D 214 2.05 -0.06 -15.25
N LYS D 215 0.78 0.04 -14.83
CA LYS D 215 0.43 0.87 -13.70
C LYS D 215 0.59 0.11 -12.39
N PRO D 216 1.46 0.60 -11.49
CA PRO D 216 1.71 -0.04 -10.20
C PRO D 216 0.49 0.02 -9.27
N LYS D 217 0.33 -1.00 -8.45
CA LYS D 217 -0.78 -1.08 -7.49
C LYS D 217 -0.27 -1.04 -6.05
N TYR D 218 1.02 -1.29 -5.87
CA TYR D 218 1.63 -1.25 -4.54
C TYR D 218 1.03 -2.22 -3.53
N GLY D 219 0.67 -3.40 -4.00
CA GLY D 219 0.12 -4.42 -3.12
C GLY D 219 1.23 -5.35 -2.64
N ARG D 220 0.88 -6.39 -1.89
CA ARG D 220 1.87 -7.32 -1.36
C ARG D 220 1.99 -8.58 -2.20
N PHE D 221 1.01 -8.77 -3.08
CA PHE D 221 0.95 -9.94 -3.96
C PHE D 221 0.28 -9.56 -5.28
N ASP D 222 0.90 -8.62 -6.00
CA ASP D 222 0.37 -8.21 -7.31
C ASP D 222 1.08 -9.06 -8.35
N VAL D 223 0.30 -9.75 -9.19
CA VAL D 223 0.87 -10.61 -10.22
C VAL D 223 1.50 -9.81 -11.34
N LEU D 224 2.82 -9.93 -11.47
CA LEU D 224 3.58 -9.23 -12.50
C LEU D 224 3.11 -9.65 -13.89
N PRO D 225 3.12 -8.70 -14.84
CA PRO D 225 2.72 -8.96 -16.22
C PRO D 225 3.86 -9.66 -16.97
N LEU D 226 3.53 -10.33 -18.07
CA LEU D 226 4.54 -11.04 -18.84
C LEU D 226 5.27 -10.09 -19.76
N VAL D 227 6.59 -10.15 -19.75
CA VAL D 227 7.42 -9.32 -20.58
C VAL D 227 7.92 -10.24 -21.67
N LEU D 228 7.18 -10.34 -22.77
CA LEU D 228 7.54 -11.24 -23.85
C LEU D 228 8.36 -10.62 -24.98
N GLN D 229 9.37 -11.36 -25.42
CA GLN D 229 10.25 -10.95 -26.49
C GLN D 229 10.10 -11.91 -27.66
N ALA D 230 9.51 -11.44 -28.75
CA ALA D 230 9.31 -12.25 -29.94
C ALA D 230 10.18 -11.79 -31.11
N ASN D 231 10.79 -12.76 -31.79
CA ASN D 231 11.68 -12.51 -32.92
C ASN D 231 12.65 -11.35 -32.62
N GLY D 232 13.40 -11.50 -31.54
CA GLY D 232 14.38 -10.50 -31.14
C GLY D 232 13.90 -9.08 -30.91
N ARG D 233 12.60 -8.83 -31.10
CA ARG D 233 12.05 -7.48 -30.91
C ARG D 233 12.02 -7.03 -29.45
N ASP D 234 11.77 -5.74 -29.22
CA ASP D 234 11.69 -5.21 -27.86
C ASP D 234 10.54 -5.92 -27.16
N PRO D 235 10.62 -6.09 -25.84
CA PRO D 235 9.51 -6.79 -25.19
C PRO D 235 8.21 -6.00 -25.17
N GLU D 236 7.10 -6.72 -25.01
CA GLU D 236 5.78 -6.11 -24.94
C GLU D 236 5.01 -6.76 -23.78
N LEU D 237 4.26 -5.94 -23.05
CA LEU D 237 3.50 -6.42 -21.89
C LEU D 237 2.17 -7.11 -22.18
N PHE D 238 1.88 -8.13 -21.39
CA PHE D 238 0.65 -8.91 -21.47
C PHE D 238 0.33 -9.37 -20.06
N GLU D 239 -0.88 -9.08 -19.60
CA GLU D 239 -1.26 -9.49 -18.25
C GLU D 239 -2.10 -10.76 -18.28
N ILE D 240 -1.70 -11.73 -17.46
CA ILE D 240 -2.43 -12.98 -17.38
C ILE D 240 -3.79 -12.75 -16.74
N PRO D 241 -4.88 -13.23 -17.38
CA PRO D 241 -6.23 -13.08 -16.86
C PRO D 241 -6.37 -13.57 -15.42
N PRO D 242 -6.72 -12.67 -14.48
CA PRO D 242 -6.90 -12.92 -13.05
C PRO D 242 -7.51 -14.26 -12.68
N ASP D 243 -8.44 -14.75 -13.50
CA ASP D 243 -9.08 -16.01 -13.21
C ASP D 243 -8.31 -17.20 -13.78
N LEU D 244 -7.12 -16.94 -14.31
CA LEU D 244 -6.28 -18.02 -14.83
C LEU D 244 -5.16 -18.27 -13.81
N VAL D 245 -5.03 -17.34 -12.87
CA VAL D 245 -4.01 -17.43 -11.82
C VAL D 245 -4.62 -18.00 -10.54
N LEU D 246 -4.38 -19.29 -10.28
CA LEU D 246 -4.91 -19.93 -9.08
C LEU D 246 -4.00 -19.71 -7.88
N GLU D 247 -4.56 -19.12 -6.82
CA GLU D 247 -3.83 -18.81 -5.60
C GLU D 247 -4.39 -19.55 -4.37
N VAL D 248 -3.53 -19.75 -3.38
CA VAL D 248 -3.92 -20.42 -2.14
C VAL D 248 -3.78 -19.46 -0.96
N ALA D 249 -4.82 -19.42 -0.13
CA ALA D 249 -4.85 -18.57 1.05
C ALA D 249 -4.26 -19.35 2.22
N MET D 250 -3.33 -18.73 2.93
CA MET D 250 -2.65 -19.37 4.05
C MET D 250 -3.43 -19.42 5.36
N GLU D 251 -3.66 -20.63 5.86
CA GLU D 251 -4.38 -20.85 7.10
C GLU D 251 -3.67 -21.94 7.89
N HIS D 252 -3.58 -21.75 9.21
CA HIS D 252 -2.94 -22.74 10.05
C HIS D 252 -4.04 -23.64 10.66
N PRO D 253 -3.75 -24.95 10.79
CA PRO D 253 -4.70 -25.91 11.36
C PRO D 253 -5.05 -25.69 12.83
N LYS D 254 -4.13 -25.09 13.58
CA LYS D 254 -4.36 -24.81 15.00
C LYS D 254 -4.36 -23.31 15.26
N TYR D 255 -3.23 -22.69 14.96
CA TYR D 255 -3.04 -21.25 15.16
C TYR D 255 -3.95 -20.42 14.27
N GLU D 256 -5.04 -19.96 14.85
CA GLU D 256 -6.03 -19.17 14.10
C GLU D 256 -5.71 -17.70 13.90
N TRP D 257 -4.57 -17.25 14.41
CA TRP D 257 -4.18 -15.86 14.19
C TRP D 257 -3.51 -15.78 12.82
N PHE D 258 -3.10 -16.94 12.31
CA PHE D 258 -2.40 -17.01 11.02
C PHE D 258 -3.16 -16.25 9.93
N ARG D 259 -4.46 -16.48 9.81
CA ARG D 259 -5.23 -15.81 8.78
C ARG D 259 -5.04 -14.30 8.82
N GLU D 260 -4.89 -13.76 10.02
CA GLU D 260 -4.71 -12.31 10.20
C GLU D 260 -3.40 -11.78 9.63
N LEU D 261 -2.59 -12.69 9.11
CA LEU D 261 -1.32 -12.32 8.49
C LEU D 261 -1.60 -11.94 7.05
N GLU D 262 -2.75 -12.37 6.55
CA GLU D 262 -3.19 -12.10 5.19
C GLU D 262 -2.19 -12.56 4.13
N LEU D 263 -1.60 -13.72 4.35
CA LEU D 263 -0.65 -14.28 3.40
C LEU D 263 -1.35 -15.18 2.39
N LYS D 264 -0.77 -15.25 1.19
CA LYS D 264 -1.31 -16.10 0.13
C LYS D 264 -0.20 -16.42 -0.85
N TRP D 265 -0.46 -17.33 -1.78
CA TRP D 265 0.56 -17.69 -2.77
C TRP D 265 -0.05 -18.38 -3.98
N TYR D 266 0.58 -18.25 -5.14
CA TYR D 266 0.07 -18.89 -6.35
C TYR D 266 0.37 -20.37 -6.34
N ALA D 267 -0.40 -21.15 -7.09
CA ALA D 267 -0.22 -22.60 -7.11
C ALA D 267 0.61 -23.15 -8.26
N LEU D 268 1.03 -22.29 -9.18
CA LEU D 268 1.80 -22.77 -10.33
C LEU D 268 3.23 -22.29 -10.43
N PRO D 269 4.19 -23.21 -10.16
CA PRO D 269 5.62 -22.91 -10.22
C PRO D 269 6.12 -23.17 -11.64
N ALA D 270 6.35 -22.10 -12.39
CA ALA D 270 6.81 -22.22 -13.77
C ALA D 270 8.05 -21.38 -14.07
N VAL D 271 9.15 -22.05 -14.38
CA VAL D 271 10.38 -21.34 -14.73
C VAL D 271 10.14 -20.83 -16.15
N ALA D 272 10.45 -19.57 -16.42
CA ALA D 272 10.21 -19.02 -17.76
C ALA D 272 11.44 -18.49 -18.47
N ASN D 273 12.58 -18.40 -17.80
CA ASN D 273 13.77 -17.85 -18.44
C ASN D 273 14.96 -18.77 -18.70
N MET D 274 14.71 -20.07 -18.90
CA MET D 274 15.83 -20.97 -19.16
C MET D 274 15.98 -21.37 -20.62
N LEU D 275 17.16 -21.83 -20.99
CA LEU D 275 17.44 -22.23 -22.36
C LEU D 275 17.57 -23.76 -22.44
N LEU D 276 16.90 -24.35 -23.41
CA LEU D 276 16.98 -25.80 -23.60
C LEU D 276 17.93 -26.11 -24.74
N GLU D 277 18.99 -26.85 -24.44
CA GLU D 277 20.00 -27.24 -25.42
C GLU D 277 19.83 -28.72 -25.77
N VAL D 278 19.55 -28.97 -27.04
CA VAL D 278 19.35 -30.34 -27.53
C VAL D 278 19.99 -30.51 -28.90
N GLY D 279 20.86 -31.50 -29.03
CA GLY D 279 21.50 -31.77 -30.30
C GLY D 279 22.21 -30.57 -30.90
N GLY D 280 22.83 -29.76 -30.07
CA GLY D 280 23.53 -28.60 -30.59
C GLY D 280 22.60 -27.43 -30.84
N LEU D 281 21.29 -27.64 -30.73
CA LEU D 281 20.31 -26.58 -30.95
C LEU D 281 20.02 -25.89 -29.63
N GLU D 282 19.46 -24.69 -29.70
CA GLU D 282 19.14 -23.92 -28.50
C GLU D 282 17.74 -23.31 -28.54
N PHE D 283 16.99 -23.48 -27.46
CA PHE D 283 15.66 -22.93 -27.40
C PHE D 283 15.58 -21.91 -26.26
N PRO D 284 16.00 -20.66 -26.52
CA PRO D 284 15.97 -19.62 -25.48
C PRO D 284 14.59 -19.34 -24.88
N GLY D 285 13.55 -19.92 -25.46
CA GLY D 285 12.22 -19.71 -24.94
C GLY D 285 11.53 -21.04 -24.68
N CYS D 286 11.60 -21.54 -23.45
CA CYS D 286 10.98 -22.83 -23.15
C CYS D 286 10.44 -22.94 -21.71
N PRO D 287 9.40 -22.16 -21.38
CA PRO D 287 8.86 -22.23 -20.02
C PRO D 287 8.21 -23.58 -19.64
N PHE D 288 8.63 -24.12 -18.52
CA PHE D 288 8.12 -25.39 -18.01
C PHE D 288 7.51 -25.28 -16.60
N ASN D 289 6.77 -26.31 -16.19
CA ASN D 289 6.12 -26.28 -14.89
C ASN D 289 5.90 -27.66 -14.27
N GLY D 290 5.93 -27.70 -12.94
CA GLY D 290 5.67 -28.91 -12.19
C GLY D 290 4.83 -28.39 -11.03
N TRP D 291 4.72 -29.12 -9.92
CA TRP D 291 3.95 -28.61 -8.80
C TRP D 291 4.90 -28.28 -7.65
N TYR D 292 4.43 -27.48 -6.70
CA TYR D 292 5.23 -27.03 -5.56
C TYR D 292 5.61 -28.06 -4.52
N MET D 293 6.67 -27.72 -3.78
CA MET D 293 7.16 -28.52 -2.67
C MET D 293 7.01 -27.54 -1.50
N GLY D 294 6.42 -27.99 -0.40
CA GLY D 294 6.20 -27.14 0.76
C GLY D 294 7.24 -26.07 1.05
N THR D 295 8.44 -26.52 1.41
CA THR D 295 9.57 -25.64 1.74
C THR D 295 9.88 -24.49 0.77
N GLU D 296 9.56 -24.66 -0.51
CA GLU D 296 9.84 -23.60 -1.47
C GLU D 296 9.20 -22.31 -1.02
N ILE D 297 7.93 -22.42 -0.63
CA ILE D 297 7.11 -21.29 -0.18
C ILE D 297 7.29 -20.97 1.30
N GLY D 298 7.07 -21.97 2.13
CA GLY D 298 7.15 -21.79 3.58
C GLY D 298 8.50 -21.47 4.16
N VAL D 299 9.57 -21.81 3.44
CA VAL D 299 10.91 -21.54 3.94
C VAL D 299 11.59 -20.41 3.17
N ARG D 300 11.73 -20.59 1.88
CA ARG D 300 12.39 -19.60 1.04
C ARG D 300 11.55 -18.35 0.81
N ASP D 301 10.46 -18.47 0.06
CA ASP D 301 9.61 -17.33 -0.24
C ASP D 301 9.19 -16.50 0.97
N PHE D 302 8.68 -17.17 2.01
CA PHE D 302 8.24 -16.49 3.23
C PHE D 302 9.31 -16.13 4.28
N CYS D 303 10.26 -17.04 4.50
CA CYS D 303 11.28 -16.83 5.52
C CYS D 303 12.65 -16.24 5.16
N ASP D 304 13.00 -16.15 3.88
CA ASP D 304 14.29 -15.55 3.47
C ASP D 304 14.33 -14.09 3.88
N VAL D 305 15.46 -13.64 4.42
CA VAL D 305 15.58 -12.24 4.80
C VAL D 305 15.42 -11.34 3.56
N GLN D 306 15.96 -11.81 2.43
CA GLN D 306 15.88 -11.07 1.19
C GLN D 306 14.53 -11.26 0.46
N ARG D 307 13.55 -11.90 1.11
CA ARG D 307 12.24 -12.13 0.50
C ARG D 307 11.14 -11.54 1.37
N TYR D 308 10.05 -12.28 1.55
CA TYR D 308 8.95 -11.75 2.36
C TYR D 308 9.33 -11.68 3.83
N ASN D 309 10.43 -12.33 4.18
CA ASN D 309 10.99 -12.30 5.53
C ASN D 309 9.96 -12.07 6.64
N ILE D 310 9.10 -13.06 6.85
CA ILE D 310 8.04 -12.98 7.87
C ILE D 310 8.38 -13.68 9.18
N LEU D 311 9.51 -14.38 9.23
CA LEU D 311 9.90 -15.13 10.41
C LEU D 311 9.74 -14.37 11.73
N GLU D 312 10.15 -13.11 11.77
CA GLU D 312 10.04 -12.31 12.98
C GLU D 312 8.60 -12.24 13.53
N GLU D 313 7.69 -11.66 12.75
CA GLU D 313 6.30 -11.53 13.17
C GLU D 313 5.68 -12.82 13.72
N VAL D 314 5.72 -13.90 12.92
CA VAL D 314 5.15 -15.18 13.34
C VAL D 314 5.65 -15.66 14.70
N GLY D 315 6.93 -15.48 14.96
CA GLY D 315 7.48 -15.90 16.23
C GLY D 315 6.90 -15.02 17.32
N ARG D 316 6.59 -13.78 16.97
CA ARG D 316 6.02 -12.85 17.92
C ARG D 316 4.59 -13.30 18.25
N ARG D 317 3.82 -13.61 17.21
CA ARG D 317 2.46 -14.06 17.38
C ARG D 317 2.39 -15.38 18.11
N MET D 318 3.46 -16.15 18.05
CA MET D 318 3.51 -17.43 18.75
C MET D 318 3.97 -17.25 20.20
N GLY D 319 4.25 -16.00 20.57
CA GLY D 319 4.69 -15.70 21.91
C GLY D 319 5.98 -16.41 22.32
N LEU D 320 6.97 -16.42 21.42
CA LEU D 320 8.25 -17.07 21.71
C LEU D 320 9.31 -16.11 22.19
N GLU D 321 10.41 -16.66 22.69
CA GLU D 321 11.53 -15.86 23.16
C GLU D 321 12.30 -15.43 21.93
N THR D 322 11.72 -14.53 21.14
CA THR D 322 12.33 -14.04 19.92
C THR D 322 13.57 -13.19 20.17
N HIS D 323 14.08 -13.25 21.40
CA HIS D 323 15.25 -12.48 21.81
C HIS D 323 16.40 -13.41 22.13
N LYS D 324 16.13 -14.71 22.07
CA LYS D 324 17.12 -15.71 22.39
C LYS D 324 17.25 -16.74 21.28
N LEU D 325 18.20 -16.51 20.37
CA LEU D 325 18.39 -17.46 19.27
C LEU D 325 18.42 -18.87 19.83
N ALA D 326 19.25 -19.06 20.86
CA ALA D 326 19.42 -20.35 21.53
C ALA D 326 18.13 -21.03 22.02
N SER D 327 17.01 -20.33 21.97
CA SER D 327 15.74 -20.90 22.40
C SER D 327 15.08 -21.60 21.22
N LEU D 328 15.69 -21.42 20.05
CA LEU D 328 15.23 -22.00 18.80
C LEU D 328 13.82 -21.61 18.33
N TRP D 329 13.45 -20.34 18.51
CA TRP D 329 12.13 -19.89 18.09
C TRP D 329 12.04 -19.86 16.56
N LYS D 330 13.15 -19.51 15.92
CA LYS D 330 13.17 -19.43 14.47
C LYS D 330 12.79 -20.80 13.89
N ASP D 331 13.41 -21.85 14.43
CA ASP D 331 13.13 -23.20 13.97
C ASP D 331 11.69 -23.58 14.27
N GLN D 332 11.23 -23.25 15.48
CA GLN D 332 9.87 -23.56 15.88
C GLN D 332 8.87 -22.87 14.97
N ALA D 333 9.14 -21.60 14.66
CA ALA D 333 8.28 -20.81 13.78
C ALA D 333 8.31 -21.32 12.33
N VAL D 334 9.48 -21.69 11.83
CA VAL D 334 9.55 -22.17 10.46
C VAL D 334 8.71 -23.43 10.27
N VAL D 335 8.63 -24.26 11.29
CA VAL D 335 7.83 -25.47 11.18
C VAL D 335 6.36 -25.13 11.01
N GLU D 336 5.79 -24.35 11.93
CA GLU D 336 4.39 -24.00 11.84
C GLU D 336 4.08 -23.34 10.50
N ILE D 337 4.89 -22.35 10.10
CA ILE D 337 4.71 -21.67 8.83
C ILE D 337 4.61 -22.70 7.70
N ASN D 338 5.47 -23.72 7.74
CA ASN D 338 5.45 -24.75 6.72
C ASN D 338 4.31 -25.74 6.86
N ILE D 339 3.77 -25.86 8.07
CA ILE D 339 2.64 -26.75 8.32
C ILE D 339 1.40 -26.06 7.76
N ALA D 340 1.41 -24.73 7.78
CA ALA D 340 0.30 -23.93 7.27
C ALA D 340 0.22 -24.02 5.76
N VAL D 341 1.38 -23.98 5.10
CA VAL D 341 1.44 -24.07 3.65
C VAL D 341 0.89 -25.40 3.19
N LEU D 342 1.42 -26.50 3.73
CA LEU D 342 0.93 -27.81 3.32
C LEU D 342 -0.56 -27.97 3.63
N HIS D 343 -1.01 -27.39 4.74
CA HIS D 343 -2.42 -27.48 5.14
C HIS D 343 -3.33 -26.65 4.23
N SER D 344 -2.92 -25.42 3.93
CA SER D 344 -3.70 -24.53 3.08
C SER D 344 -3.92 -25.10 1.68
N PHE D 345 -2.83 -25.59 1.06
CA PHE D 345 -2.95 -26.17 -0.27
C PHE D 345 -3.87 -27.36 -0.27
N GLN D 346 -3.61 -28.30 0.64
CA GLN D 346 -4.42 -29.51 0.72
C GLN D 346 -5.88 -29.20 0.95
N LYS D 347 -6.16 -28.23 1.81
CA LYS D 347 -7.54 -27.85 2.10
C LYS D 347 -8.22 -27.42 0.81
N GLN D 348 -7.56 -26.52 0.08
CA GLN D 348 -8.08 -26.00 -1.18
C GLN D 348 -7.90 -26.94 -2.37
N ASN D 349 -7.54 -28.19 -2.11
CA ASN D 349 -7.35 -29.17 -3.17
C ASN D 349 -6.43 -28.73 -4.30
N VAL D 350 -5.19 -28.38 -3.94
CA VAL D 350 -4.17 -27.98 -4.92
C VAL D 350 -2.92 -28.83 -4.65
N THR D 351 -2.46 -29.53 -5.67
CA THR D 351 -1.29 -30.39 -5.54
C THR D 351 -0.11 -29.71 -4.89
N ILE D 352 0.52 -30.41 -3.96
CA ILE D 352 1.70 -29.91 -3.28
C ILE D 352 2.47 -31.11 -2.73
N MET D 353 3.78 -30.95 -2.61
CA MET D 353 4.63 -32.02 -2.12
C MET D 353 5.39 -31.56 -0.89
N ASP D 354 5.54 -32.44 0.09
CA ASP D 354 6.29 -32.09 1.30
C ASP D 354 7.73 -32.57 1.12
N HIS D 355 8.66 -31.93 1.82
CA HIS D 355 10.06 -32.29 1.68
C HIS D 355 10.41 -33.72 2.02
N HIS D 356 9.63 -34.34 2.89
CA HIS D 356 9.88 -35.73 3.29
C HIS D 356 9.52 -36.71 2.20
N SER D 357 8.31 -36.58 1.66
CA SER D 357 7.84 -37.47 0.60
C SER D 357 8.67 -37.26 -0.66
N ALA D 358 8.95 -36.00 -0.98
CA ALA D 358 9.73 -35.67 -2.16
C ALA D 358 11.14 -36.25 -2.08
N ALA D 359 11.74 -36.16 -0.90
CA ALA D 359 13.08 -36.68 -0.70
C ALA D 359 13.00 -38.16 -1.03
N GLU D 360 12.14 -38.84 -0.27
CA GLU D 360 11.90 -40.28 -0.40
C GLU D 360 11.77 -40.70 -1.86
N SER D 361 10.90 -40.02 -2.59
CA SER D 361 10.69 -40.35 -4.00
C SER D 361 11.98 -40.24 -4.79
N PHE D 362 12.72 -39.14 -4.60
CA PHE D 362 13.97 -38.94 -5.32
C PHE D 362 14.96 -40.10 -5.13
N MET D 363 14.95 -40.69 -3.95
CA MET D 363 15.84 -41.81 -3.66
C MET D 363 15.50 -42.97 -4.56
N LYS D 364 14.21 -43.20 -4.75
CA LYS D 364 13.73 -44.28 -5.60
C LYS D 364 14.14 -44.00 -7.05
N TYR D 365 13.95 -42.75 -7.48
CA TYR D 365 14.32 -42.33 -8.83
C TYR D 365 15.82 -42.55 -9.02
N MET D 366 16.60 -42.03 -8.09
CA MET D 366 18.05 -42.15 -8.16
C MET D 366 18.47 -43.62 -8.33
N GLN D 367 17.69 -44.53 -7.75
CA GLN D 367 17.98 -45.96 -7.84
C GLN D 367 17.71 -46.53 -9.25
N ASN D 368 16.61 -46.10 -9.87
CA ASN D 368 16.29 -46.57 -11.22
C ASN D 368 17.31 -46.02 -12.20
N GLU D 369 17.73 -44.78 -11.98
CA GLU D 369 18.73 -44.14 -12.84
C GLU D 369 20.06 -44.88 -12.91
N TYR D 370 20.48 -45.49 -11.80
CA TYR D 370 21.72 -46.23 -11.81
C TYR D 370 21.56 -47.58 -12.51
N ARG D 371 20.48 -48.30 -12.22
CA ARG D 371 20.22 -49.58 -12.87
C ARG D 371 20.04 -49.31 -14.37
N SER D 372 19.33 -48.22 -14.67
CA SER D 372 19.02 -47.84 -16.05
C SER D 372 20.15 -47.28 -16.91
N ARG D 373 20.79 -46.18 -16.50
CA ARG D 373 21.85 -45.59 -17.32
C ARG D 373 23.25 -45.58 -16.70
N GLY D 374 23.38 -46.17 -15.52
CA GLY D 374 24.68 -46.21 -14.86
C GLY D 374 25.12 -44.87 -14.31
N GLY D 375 24.16 -44.02 -13.96
CA GLY D 375 24.47 -42.71 -13.42
C GLY D 375 23.24 -41.83 -13.31
N CYS D 376 23.33 -40.83 -12.45
CA CYS D 376 22.23 -39.90 -12.21
C CYS D 376 22.88 -38.60 -11.74
N PRO D 377 23.07 -37.62 -12.63
CA PRO D 377 23.70 -36.39 -12.14
C PRO D 377 22.86 -35.72 -11.09
N ALA D 378 23.50 -35.28 -10.00
CA ALA D 378 22.77 -34.61 -8.93
C ALA D 378 23.62 -33.58 -8.19
N ASP D 379 23.01 -32.43 -7.88
CA ASP D 379 23.70 -31.36 -7.17
C ASP D 379 23.21 -31.39 -5.74
N TRP D 380 23.95 -32.09 -4.87
CA TRP D 380 23.59 -32.22 -3.46
C TRP D 380 23.08 -30.90 -2.87
N ILE D 381 23.91 -29.86 -2.97
CA ILE D 381 23.57 -28.55 -2.44
C ILE D 381 22.13 -28.11 -2.70
N TRP D 382 21.61 -28.43 -3.89
CA TRP D 382 20.25 -28.04 -4.24
C TRP D 382 19.17 -29.06 -3.89
N LEU D 383 19.52 -30.35 -3.87
CA LEU D 383 18.57 -31.42 -3.58
C LEU D 383 18.20 -31.56 -2.10
N VAL D 384 19.12 -31.19 -1.21
CA VAL D 384 18.85 -31.25 0.22
C VAL D 384 17.91 -30.08 0.56
N PRO D 385 16.74 -30.38 1.16
CA PRO D 385 15.75 -29.36 1.54
C PRO D 385 16.32 -28.26 2.43
N PRO D 386 15.73 -27.04 2.38
CA PRO D 386 16.19 -25.90 3.19
C PRO D 386 15.89 -25.99 4.69
N MET D 387 15.20 -27.05 5.11
CA MET D 387 14.85 -27.29 6.52
C MET D 387 14.83 -28.80 6.75
N SER D 388 15.19 -29.26 7.95
CA SER D 388 15.22 -30.69 8.27
C SER D 388 16.18 -31.48 7.39
N GLY D 389 17.25 -30.82 6.94
CA GLY D 389 18.23 -31.47 6.08
C GLY D 389 18.58 -32.93 6.32
N SER D 390 19.24 -33.22 7.43
CA SER D 390 19.64 -34.59 7.72
C SER D 390 18.52 -35.52 8.16
N ILE D 391 17.28 -35.05 8.09
CA ILE D 391 16.14 -35.87 8.45
C ILE D 391 15.61 -36.51 7.16
N THR D 392 16.26 -36.13 6.06
CA THR D 392 15.91 -36.64 4.74
C THR D 392 17.06 -37.49 4.23
N PRO D 393 16.75 -38.63 3.59
CA PRO D 393 17.78 -39.52 3.07
C PRO D 393 18.75 -38.95 2.05
N VAL D 394 18.39 -37.85 1.38
CA VAL D 394 19.28 -37.26 0.38
C VAL D 394 20.50 -36.64 1.04
N PHE D 395 20.31 -36.14 2.25
CA PHE D 395 21.41 -35.53 3.00
C PHE D 395 22.52 -36.55 3.15
N HIS D 396 22.15 -37.83 3.22
CA HIS D 396 23.13 -38.88 3.39
C HIS D 396 23.53 -39.59 2.11
N GLN D 397 23.06 -39.07 1.00
CA GLN D 397 23.36 -39.65 -0.31
C GLN D 397 24.52 -38.92 -0.98
N GLU D 398 25.64 -39.61 -1.17
CA GLU D 398 26.77 -38.99 -1.85
C GLU D 398 26.32 -38.97 -3.30
N MET D 399 26.83 -38.02 -4.08
CA MET D 399 26.44 -37.93 -5.47
C MET D 399 27.46 -37.16 -6.31
N LEU D 400 27.38 -37.34 -7.62
CA LEU D 400 28.28 -36.66 -8.54
C LEU D 400 27.52 -35.67 -9.40
N ASN D 401 28.08 -34.49 -9.56
CA ASN D 401 27.43 -33.49 -10.37
C ASN D 401 28.12 -33.36 -11.70
N TYR D 402 27.35 -33.43 -12.77
CA TYR D 402 27.88 -33.30 -14.13
C TYR D 402 26.80 -32.91 -15.14
N VAL D 403 27.24 -32.27 -16.22
CA VAL D 403 26.34 -31.80 -17.28
C VAL D 403 26.27 -32.70 -18.52
N LEU D 404 25.05 -33.03 -18.94
CA LEU D 404 24.85 -33.88 -20.10
C LEU D 404 24.03 -33.14 -21.16
N SER D 405 23.50 -33.89 -22.13
CA SER D 405 22.67 -33.32 -23.19
C SER D 405 21.56 -34.28 -23.58
N PRO D 406 20.32 -33.78 -23.74
CA PRO D 406 19.81 -32.42 -23.61
C PRO D 406 19.96 -31.87 -22.20
N PHE D 407 20.01 -30.54 -22.08
CA PHE D 407 20.18 -29.91 -20.77
C PHE D 407 19.44 -28.57 -20.75
N TYR D 408 19.09 -28.11 -19.55
CA TYR D 408 18.40 -26.81 -19.39
C TYR D 408 19.42 -25.87 -18.77
N TYR D 409 19.91 -24.91 -19.54
CA TYR D 409 20.90 -23.98 -19.02
C TYR D 409 20.27 -22.67 -18.55
N TYR D 410 21.05 -21.89 -17.82
CA TYR D 410 20.60 -20.59 -17.35
C TYR D 410 20.91 -19.67 -18.51
N GLN D 411 20.50 -18.41 -18.39
CA GLN D 411 20.75 -17.40 -19.41
C GLN D 411 21.00 -16.07 -18.71
N VAL D 412 21.77 -15.20 -19.35
CA VAL D 412 22.03 -13.88 -18.79
C VAL D 412 20.71 -13.12 -18.78
N GLU D 413 20.30 -12.58 -17.62
CA GLU D 413 19.04 -11.85 -17.52
C GLU D 413 18.99 -10.94 -18.73
N ALA D 414 17.95 -11.13 -19.54
CA ALA D 414 17.73 -10.41 -20.80
C ALA D 414 17.97 -8.89 -20.84
N TRP D 415 17.45 -8.15 -19.86
CA TRP D 415 17.61 -6.71 -19.86
C TRP D 415 19.04 -6.22 -19.71
N LYS D 416 19.97 -7.15 -19.53
CA LYS D 416 21.37 -6.80 -19.39
C LYS D 416 22.02 -6.76 -20.77
N THR D 417 21.69 -7.75 -21.59
CA THR D 417 22.24 -7.87 -22.92
C THR D 417 21.43 -7.15 -23.99
N HIS D 418 20.12 -7.12 -23.82
CA HIS D 418 19.24 -6.49 -24.80
C HIS D 418 19.64 -5.08 -25.22
N VAL D 419 19.23 -4.73 -26.44
CA VAL D 419 19.50 -3.42 -27.02
C VAL D 419 18.17 -2.97 -27.62
N TRP D 420 17.62 -1.91 -27.05
CA TRP D 420 16.33 -1.37 -27.48
C TRP D 420 16.30 -0.65 -28.82
N GLN D 421 15.22 -0.86 -29.55
CA GLN D 421 15.03 -0.24 -30.86
C GLN D 421 14.38 1.14 -30.68
N ASP D 422 15.06 2.02 -29.95
CA ASP D 422 14.57 3.39 -29.71
C ASP D 422 15.72 4.40 -29.59
FE HEC E . -19.37 22.82 14.84
CHA HEC E . -18.38 23.85 11.76
CHB HEC E . -21.31 20.38 13.50
CHC HEC E . -19.79 21.49 17.95
CHD HEC E . -17.09 25.16 16.20
NA HEC E . -19.77 22.23 13.02
C1A HEC E . -19.26 22.76 11.84
C2A HEC E . -19.76 22.00 10.69
C3A HEC E . -20.60 21.03 11.18
C4A HEC E . -20.60 21.18 12.61
CMA HEC E . -21.38 19.99 10.36
CAA HEC E . -19.39 22.24 9.23
CBA HEC E . -17.96 21.68 8.99
CGA HEC E . -17.52 21.48 7.56
O1A HEC E . -18.36 21.33 6.66
O2A HEC E . -16.29 21.47 7.33
NB HEC E . -20.44 21.34 15.58
C1B HEC E . -21.26 20.46 14.91
C2B HEC E . -21.87 19.51 15.76
C3B HEC E . -21.39 19.77 17.00
C4B HEC E . -20.49 20.91 16.88
CMB HEC E . -22.85 18.40 15.34
CAB HEC E . -21.71 19.01 18.30
CBB HEC E . -22.39 19.71 19.45
NC HEC E . -18.62 23.26 16.66
C1C HEC E . -18.91 22.58 17.84
C2C HEC E . -18.19 23.15 18.98
C3C HEC E . -17.45 24.18 18.48
C4C HEC E . -17.72 24.25 17.04
CMC HEC E . -18.26 22.63 20.45
CAC HEC E . -16.49 25.14 19.20
CBC HEC E . -16.59 25.53 20.66
ND HEC E . -18.04 24.28 14.13
C1D HEC E . -17.23 25.19 14.83
C2D HEC E . -16.53 26.11 13.94
C3D HEC E . -16.89 25.70 12.69
C4D HEC E . -17.81 24.57 12.82
CMD HEC E . -15.55 27.25 14.32
CAD HEC E . -16.44 26.28 11.33
CBD HEC E . -15.30 25.35 10.84
CGD HEC E . -14.45 25.88 9.68
O1D HEC E . -13.53 25.14 9.26
O2D HEC E . -14.69 26.99 9.18
N1 H4B F . -20.27 24.40 3.61
C2 H4B F . -19.70 23.57 4.57
N2 H4B F . -20.44 23.26 5.69
N3 H4B F . -18.38 23.05 4.42
C4 H4B F . -17.56 23.36 3.24
O4 H4B F . -16.41 22.86 3.18
C4A H4B F . -18.16 24.22 2.24
C8A H4B F . -19.50 24.72 2.45
N5 H4B F . -17.39 24.53 1.12
N8 H4B F . -20.03 25.57 1.46
C6 H4B F . -17.91 25.41 0.12
C7 H4B F . -19.31 25.99 0.25
C9 H4B F . -16.98 25.71 -1.00
O9 H4B F . -15.77 24.96 -0.97
C10 H4B F . -16.84 27.07 -1.72
C11 H4B F . -17.44 27.10 -3.12
O10 H4B F . -17.27 28.29 -1.08
ZN ZN G . -21.90 39.51 0.57
N1 IMD H . -16.24 19.89 13.84
C2 IMD H . -17.07 19.62 14.83
N3 IMD H . -18.09 18.81 14.38
C4 IMD H . -17.87 18.57 13.06
C5 IMD H . -16.74 19.22 12.68
FE HEC I . -32.33 30.70 -16.66
CHA HEC I . -32.72 31.32 -13.42
CHB HEC I . -32.08 27.33 -16.03
CHC HEC I . -32.41 30.06 -20.02
CHD HEC I . -32.79 34.11 -17.36
NA HEC I . -32.38 29.54 -15.07
C1A HEC I . -32.57 29.98 -13.77
C2A HEC I . -32.62 28.83 -12.84
C3A HEC I . -32.42 27.71 -13.59
C4A HEC I . -32.28 28.16 -14.96
CMA HEC I . -32.38 26.25 -13.09
CAA HEC I . -32.86 28.89 -11.31
CBA HEC I . -34.18 29.61 -10.93
CGA HEC I . -35.04 28.97 -9.85
O1A HEC I . -36.13 29.52 -9.59
O2A HEC I . -34.67 27.95 -9.25
NB HEC I . -32.16 29.08 -17.77
C1B HEC I . -32.00 27.76 -17.37
C2B HEC I . -31.93 26.86 -18.46
C3B HEC I . -32.09 27.62 -19.58
C4B HEC I . -32.23 28.98 -19.14
CMB HEC I . -31.73 25.32 -18.36
CAB HEC I . -32.12 27.17 -21.05
CBB HEC I . -30.79 26.91 -21.76
NC HEC I . -32.54 31.83 -18.30
C1C HEC I . -32.55 31.37 -19.62
C2C HEC I . -32.75 32.48 -20.58
C3C HEC I . -32.83 33.61 -19.83
C4C HEC I . -32.71 33.21 -18.43
CMC HEC I . -32.84 32.33 -22.12
CAC HEC I . -33.02 35.06 -20.29
CBC HEC I . -33.65 35.47 -21.62
ND HEC I . -32.64 32.38 -15.62
C1D HEC I . -32.77 33.73 -16.03
C2D HEC I . -32.91 34.64 -14.92
C3D HEC I . -32.91 33.83 -13.81
C4D HEC I . -32.75 32.45 -14.26
CMD HEC I . -33.07 36.16 -14.95
CAD HEC I . -33.07 34.24 -12.34
CBD HEC I . -34.55 34.00 -12.03
CGD HEC I . -35.04 34.51 -10.68
O1D HEC I . -36.24 34.33 -10.39
O2D HEC I . -34.23 35.09 -9.91
N1 H4B J . -31.67 28.70 -5.81
C2 H4B J . -32.55 28.75 -6.84
N2 H4B J . -32.11 28.34 -8.08
N3 H4B J . -33.88 29.23 -6.67
C4 H4B J . -34.38 29.68 -5.38
O4 H4B J . -35.57 30.07 -5.31
C4A H4B J . -33.47 29.62 -4.30
C8A H4B J . -32.13 29.13 -4.55
N5 H4B J . -33.91 30.05 -3.05
N8 H4B J . -31.24 29.10 -3.46
C6 H4B J . -32.99 30.04 -1.94
C7 H4B J . -31.55 29.53 -2.11
C9 H4B J . -33.52 30.55 -0.63
O9 H4B J . -34.89 30.91 -0.57
C10 H4B J . -32.71 31.16 0.51
C11 H4B J . -32.06 32.45 -0.04
O10 H4B J . -33.26 31.48 1.81
N1 IMD K . -35.38 27.80 -16.63
C2 IMD K . -35.92 28.32 -15.53
N3 IMD K . -36.50 29.52 -15.82
C4 IMD K . -36.32 29.76 -17.16
C5 IMD K . -35.63 28.72 -17.69
FE HEC L . 35.67 -27.87 14.76
CHA HEC L . 34.42 -29.90 12.40
CHB HEC L . 32.40 -26.99 15.72
CHC HEC L . 36.86 -26.23 17.48
CHD HEC L . 38.87 -28.93 13.96
NA HEC L . 33.79 -28.34 14.19
C1A HEC L . 33.47 -29.23 13.20
C2A HEC L . 32.03 -29.40 13.09
C3A HEC L . 31.46 -28.57 14.02
C4A HEC L . 32.55 -27.92 14.70
CMA HEC L . 29.96 -28.39 14.30
CAA HEC L . 31.30 -30.34 12.14
CBA HEC L . 31.57 -31.81 12.55
CGA HEC L . 30.46 -32.80 12.28
O1A HEC L . 30.76 -34.02 12.28
O2A HEC L . 29.31 -32.39 12.06
NB HEC L . 34.83 -26.74 16.18
C1B HEC L . 33.49 -26.41 16.40
C2B HEC L . 33.31 -25.57 17.56
C3B HEC L . 34.55 -25.41 18.08
C4B HEC L . 35.48 -26.15 17.24
CMB HEC L . 31.97 -25.00 18.07
CAB HEC L . 34.96 -24.63 19.33
CBB HEC L . 35.07 -23.12 19.23
NC HEC L . 37.43 -27.63 15.53
C1C HEC L . 37.76 -26.93 16.68
C2C HEC L . 39.18 -27.00 16.98
C3C HEC L . 39.74 -27.74 15.98
C4C HEC L . 38.67 -28.13 15.09
CMC HEC L . 39.89 -26.37 18.20
CAC HEC L . 41.21 -28.14 15.78
CBC HEC L . 42.39 -27.26 16.17
ND HEC L . 36.48 -29.10 13.42
C1D HEC L . 37.83 -29.40 13.17
C2D HEC L . 38.01 -30.30 12.02
C3D HEC L . 36.74 -30.57 11.61
C4D HEC L . 35.81 -29.85 12.47
CMD HEC L . 39.31 -30.87 11.42
CAD HEC L . 36.31 -31.49 10.48
CBD HEC L . 35.97 -32.83 11.18
CGD HEC L . 35.97 -34.05 10.30
O1D HEC L . 35.70 -35.14 10.84
O2D HEC L . 36.23 -33.95 9.08
N1 H4B M . 28.01 -31.73 7.47
C2 H4B M . 28.45 -31.95 8.77
N2 H4B M . 28.69 -30.87 9.58
N3 H4B M . 28.67 -33.27 9.28
C4 H4B M . 28.44 -34.47 8.48
O4 H4B M . 28.65 -35.55 9.02
C4A H4B M . 27.96 -34.25 7.14
C8A H4B M . 27.76 -32.87 6.67
N5 H4B M . 27.72 -35.36 6.35
N8 H4B M . 27.32 -32.69 5.36
C6 H4B M . 27.25 -35.19 4.99
C7 H4B M . 27.04 -33.79 4.41
C9 H4B M . 27.05 -36.45 4.23
O9 H4B M . 27.19 -37.66 5.01
C10 H4B M . 27.35 -36.69 2.77
C11 H4B M . 26.14 -36.63 1.86
O10 H4B M . 28.37 -35.93 2.14
ZN ZN N . 33.71 -29.76 -7.02
N1 IMD O . 33.57 -29.50 17.99
C2 IMD O . 34.83 -29.84 17.71
N3 IMD O . 34.84 -30.99 16.99
C4 IMD O . 33.55 -31.39 16.81
C5 IMD O . 32.74 -30.49 17.43
FE HEC P . 11.95 -29.28 -10.89
CHA HEC P . 14.44 -27.35 -9.76
CHB HEC P . 10.63 -29.62 -7.76
CHC HEC P . 9.12 -30.73 -12.22
CHD HEC P . 13.08 -28.67 -14.18
NA HEC P . 12.42 -28.63 -9.12
C1A HEC P . 13.50 -27.82 -8.82
C2A HEC P . 13.51 -27.51 -7.38
C3A HEC P . 12.45 -28.14 -6.82
C4A HEC P . 11.78 -28.84 -7.90
CMA HEC P . 12.03 -28.13 -5.34
CAA HEC P . 14.52 -26.60 -6.66
CBA HEC P . 14.57 -25.17 -7.26
CGA HEC P . 14.60 -24.02 -6.27
O1A HEC P . 14.90 -24.24 -5.07
O2A HEC P . 14.34 -22.88 -6.69
NB HEC P . 10.31 -30.12 -10.15
C1B HEC P . 9.94 -30.25 -8.82
C2B HEC P . 8.69 -30.90 -8.65
C3B HEC P . 8.23 -31.15 -9.91
C4B HEC P . 9.23 -30.66 -10.83
CMB HEC P . 7.99 -31.21 -7.31
CAB HEC P . 6.90 -31.82 -10.32
CBB HEC P . 6.90 -33.29 -10.74
NC HEC P . 11.29 -29.64 -12.78
C1C HEC P . 10.08 -30.25 -13.14
C2C HEC P . 9.91 -30.31 -14.60
C3C HEC P . 11.03 -29.75 -15.13
C4C HEC P . 11.87 -29.33 -14.01
CMC HEC P . 8.68 -30.88 -15.34
CAC HEC P . 11.39 -29.53 -16.60
CBC HEC P . 10.94 -30.43 -17.74
ND HEC P . 13.49 -28.27 -11.80
C1D HEC P . 13.85 -28.16 -13.16
C2D HEC P . 15.09 -27.42 -13.33
C3D HEC P . 15.45 -27.05 -12.08
C4D HEC P . 14.46 -27.56 -11.15
CMD HEC P . 15.82 -27.07 -14.64
CAD HEC P . 16.66 -26.22 -11.67
CBD HEC P . 16.17 -24.79 -11.40
CGD HEC P . 17.26 -23.74 -11.43
O1D HEC P . 16.93 -22.55 -11.22
O2D HEC P . 18.46 -24.07 -11.63
N1 H4B Q . 19.19 -25.08 -3.23
C2 H4B Q . 17.94 -24.78 -3.75
N2 H4B Q . 17.06 -25.82 -4.00
N3 H4B Q . 17.56 -23.44 -4.05
C4 H4B Q . 18.44 -22.30 -3.84
O4 H4B Q . 18.00 -21.17 -4.13
C4A H4B Q . 19.77 -22.60 -3.29
C8A H4B Q . 20.09 -24.00 -3.00
N5 H4B Q . 20.68 -21.56 -3.07
N8 H4B Q . 21.37 -24.27 -2.48
C6 H4B Q . 22.00 -21.83 -2.55
C7 H4B Q . 22.41 -23.26 -2.22
C9 H4B Q . 22.92 -20.65 -2.38
O9 H4B Q . 22.39 -19.36 -2.64
C10 H4B Q . 24.42 -20.66 -2.46
C11 H4B Q . 25.05 -20.61 -1.09
O10 H4B Q . 25.10 -21.67 -3.22
N1 IMD R . 9.98 -25.60 -9.44
C2 IMD R . 9.05 -26.43 -8.99
N3 IMD R . 8.55 -27.14 -10.05
C4 IMD R . 9.21 -26.73 -11.19
C5 IMD R . 10.10 -25.78 -10.85
#